data_9QE4
#
_entry.id   9QE4
#
_cell.length_a   94.095
_cell.length_b   94.095
_cell.length_c   365.561
_cell.angle_alpha   90.000
_cell.angle_beta   90.000
_cell.angle_gamma   90.000
#
_symmetry.space_group_name_H-M   'P 41 2 2'
#
loop_
_entity.id
_entity.type
_entity.pdbx_description
1 polymer Elongin-B
2 polymer Elongin-C
3 polymer 'von Hippel-Lindau disease tumor suppressor'
4 non-polymer (2~{S},4~{R})-1-[(2~{S})-2-[(1-fluoranylcyclopropyl)carbonylamino]-3,3-dimethyl-butanoyl]-~{N}-[(1~{S})-1-[4-(4-methyl-1,3-thiazol-5-yl)phenyl]ethyl]-4-oxidanyl-pyrrolidine-2-carboxamide
#
loop_
_entity_poly.entity_id
_entity_poly.type
_entity_poly.pdbx_seq_one_letter_code
_entity_poly.pdbx_strand_id
1 'polypeptide(L)'
;MKHHHHHHPMSDYDIPTTENLYFQGMDVFLMIRRHKTTIFTDAKESSTVFELKRIVEGILKRPPDEQRLYKDDQLLDDGK
TLGE(CAS)GFTSQTARPQAPATVGLAFRADDTFEAL(CAS)IEPFSSPPELPDVMK
;
A,D,G,J
2 'polypeptide(L)'
;MMYVKLISSDGHEFIVKREHALTSGTIKAMLSGPGQFAENETNEVNFREIPSHVLSKVCMYFTYKVRYTNSSTEIPEFPI
APEIALELLMAANFLDC
;
B,E,H,K
3 'polypeptide(L)'
;MASAWSHPQFEKGGGSGGGSGGSAWSHPQFEKSGENLYFQGSHMEAGRPRPVLRSVNSREPSQVIF(CAS)NRSPRVVLP
VWLNFDGEPQPYPTLPPGTGRRIHSYRGHLWLFRDAGTHDGLLVNQTELFVPSLNVDGQPIFANITLPVYTLKERCLQVV
RSLVKPENYRRLDIVRSLYEDLEDHPNVQKDLERLTQERIAHQRMGD
;
C,F,I,L
#
# COMPACT_ATOMS: atom_id res chain seq x y z
N MET A 26 -7.11 37.07 -19.72
CA MET A 26 -6.24 36.14 -19.00
C MET A 26 -4.78 36.49 -19.21
N ASP A 27 -4.02 36.53 -18.13
CA ASP A 27 -2.62 36.92 -18.18
C ASP A 27 -1.73 35.71 -18.46
N VAL A 28 -0.75 35.91 -19.34
CA VAL A 28 0.32 34.94 -19.56
C VAL A 28 1.63 35.59 -19.14
N PHE A 29 2.54 34.77 -18.63
CA PHE A 29 3.80 35.25 -18.07
C PHE A 29 4.95 34.68 -18.87
N LEU A 30 5.83 35.54 -19.36
CA LEU A 30 6.77 35.18 -20.42
C LEU A 30 8.19 35.56 -20.04
N MET A 31 9.13 34.91 -20.72
CA MET A 31 10.56 35.22 -20.68
C MET A 31 11.00 35.47 -22.11
N ILE A 32 11.18 36.74 -22.47
CA ILE A 32 11.63 37.11 -23.81
C ILE A 32 13.15 37.12 -23.80
N ARG A 33 13.75 36.20 -24.55
CA ARG A 33 15.18 35.92 -24.45
C ARG A 33 15.87 36.12 -25.79
N ARG A 34 17.04 36.77 -25.73
CA ARG A 34 17.91 36.91 -26.90
C ARG A 34 19.33 37.10 -26.40
N HIS A 35 20.24 36.21 -26.85
CA HIS A 35 21.65 36.24 -26.45
C HIS A 35 21.71 36.13 -24.93
N LYS A 36 22.27 37.11 -24.22
CA LYS A 36 22.33 37.10 -22.76
C LYS A 36 21.31 38.08 -22.17
N THR A 37 20.22 38.34 -22.88
CA THR A 37 19.17 39.24 -22.42
C THR A 37 17.90 38.44 -22.18
N THR A 38 17.25 38.71 -21.05
CA THR A 38 15.99 38.05 -20.69
C THR A 38 15.05 39.09 -20.12
N ILE A 39 13.86 39.22 -20.73
CA ILE A 39 12.87 40.18 -20.31
C ILE A 39 11.73 39.43 -19.62
N PHE A 40 11.52 39.71 -18.33
CA PHE A 40 10.39 39.17 -17.60
C PHE A 40 9.22 40.13 -17.72
N THR A 41 8.11 39.65 -18.27
CA THR A 41 6.94 40.49 -18.49
C THR A 41 5.72 39.60 -18.61
N ASP A 42 4.55 40.24 -18.59
CA ASP A 42 3.28 39.55 -18.75
C ASP A 42 2.48 40.23 -19.85
N ALA A 43 1.51 39.50 -20.39
CA ALA A 43 0.65 40.00 -21.44
C ALA A 43 -0.66 39.23 -21.44
N LYS A 44 -1.64 39.76 -22.15
CA LYS A 44 -2.92 39.09 -22.27
C LYS A 44 -2.83 37.94 -23.27
N GLU A 45 -3.61 36.89 -23.00
CA GLU A 45 -3.70 35.79 -23.96
C GLU A 45 -4.29 36.26 -25.28
N SER A 46 -5.12 37.30 -25.25
CA SER A 46 -5.74 37.86 -26.44
C SER A 46 -4.87 38.89 -27.15
N SER A 47 -3.74 39.28 -26.56
CA SER A 47 -2.85 40.23 -27.21
C SER A 47 -2.10 39.56 -28.36
N THR A 48 -1.61 40.37 -29.28
CA THR A 48 -1.00 39.89 -30.50
C THR A 48 0.52 39.90 -30.41
N VAL A 49 1.15 39.19 -31.35
CA VAL A 49 2.61 39.13 -31.40
C VAL A 49 3.19 40.52 -31.64
N PHE A 50 2.54 41.31 -32.50
CA PHE A 50 3.02 42.66 -32.77
C PHE A 50 2.95 43.52 -31.50
N GLU A 51 1.89 43.38 -30.72
CA GLU A 51 1.77 44.14 -29.48
C GLU A 51 2.85 43.74 -28.48
N LEU A 52 3.31 42.48 -28.52
CA LEU A 52 4.45 42.10 -27.70
C LEU A 52 5.74 42.70 -28.25
N LYS A 53 5.85 42.81 -29.58
CA LYS A 53 6.99 43.50 -30.17
C LYS A 53 7.04 44.96 -29.74
N ARG A 54 5.86 45.58 -29.59
CA ARG A 54 5.82 46.95 -29.08
C ARG A 54 6.31 47.04 -27.64
N ILE A 55 6.09 45.98 -26.86
CA ILE A 55 6.62 45.95 -25.50
C ILE A 55 8.14 45.87 -25.52
N VAL A 56 8.68 44.97 -26.36
CA VAL A 56 10.13 44.87 -26.51
C VAL A 56 10.71 46.20 -27.01
N GLU A 57 9.97 46.88 -27.88
CA GLU A 57 10.43 48.17 -28.40
C GLU A 57 10.65 49.18 -27.28
N GLY A 58 9.71 49.23 -26.32
CA GLY A 58 9.84 50.18 -25.22
C GLY A 58 10.97 49.85 -24.26
N ILE A 59 11.50 48.63 -24.31
CA ILE A 59 12.54 48.19 -23.39
C ILE A 59 13.91 48.17 -24.05
N LEU A 60 14.01 47.58 -25.23
CA LEU A 60 15.29 47.43 -25.92
C LEU A 60 15.50 48.45 -27.03
N LYS A 61 14.53 49.35 -27.25
CA LYS A 61 14.65 50.45 -28.21
C LYS A 61 14.95 49.93 -29.63
N ARG A 62 14.12 48.99 -30.09
CA ARG A 62 14.22 48.45 -31.43
C ARG A 62 12.80 48.35 -31.99
N PRO A 63 12.58 48.81 -33.22
CA PRO A 63 11.21 48.84 -33.76
C PRO A 63 10.75 47.44 -34.14
N PRO A 64 9.44 47.21 -34.20
CA PRO A 64 8.94 45.86 -34.50
C PRO A 64 9.40 45.32 -35.83
N ASP A 65 9.59 46.17 -36.84
CA ASP A 65 10.07 45.71 -38.14
C ASP A 65 11.50 45.16 -38.07
N GLU A 66 12.19 45.35 -36.95
CA GLU A 66 13.55 44.86 -36.79
C GLU A 66 13.65 43.71 -35.80
N GLN A 67 12.51 43.14 -35.38
CA GLN A 67 12.51 42.01 -34.45
C GLN A 67 11.75 40.85 -35.06
N ARG A 68 12.15 39.64 -34.65
CA ARG A 68 11.45 38.41 -34.98
C ARG A 68 11.26 37.61 -33.71
N LEU A 69 10.04 37.18 -33.44
CA LEU A 69 9.71 36.42 -32.24
C LEU A 69 9.47 34.96 -32.58
N TYR A 70 9.88 34.06 -31.68
CA TYR A 70 9.84 32.63 -31.92
C TYR A 70 9.23 31.91 -30.73
N LYS A 71 8.54 30.82 -31.03
CA LYS A 71 8.17 29.80 -30.05
C LYS A 71 8.94 28.54 -30.44
N ASP A 72 9.94 28.19 -29.64
CA ASP A 72 10.95 27.18 -29.99
C ASP A 72 11.65 27.66 -31.24
N ASP A 73 11.64 26.93 -32.35
CA ASP A 73 12.28 27.36 -33.58
C ASP A 73 11.30 27.97 -34.58
N GLN A 74 10.02 28.04 -34.23
CA GLN A 74 8.99 28.48 -35.18
C GLN A 74 8.81 29.99 -35.13
N LEU A 75 8.84 30.62 -36.30
CA LEU A 75 8.60 32.05 -36.39
C LEU A 75 7.14 32.38 -36.05
N LEU A 76 6.93 33.52 -35.42
CA LEU A 76 5.59 33.94 -35.00
C LEU A 76 5.06 34.99 -35.96
N ASP A 77 3.78 34.87 -36.31
CA ASP A 77 3.14 35.84 -37.18
C ASP A 77 2.63 37.03 -36.37
N ASP A 78 2.77 38.22 -36.95
CA ASP A 78 2.48 39.45 -36.22
C ASP A 78 1.02 39.53 -35.78
N GLY A 79 0.10 39.13 -36.64
CA GLY A 79 -1.32 39.29 -36.36
C GLY A 79 -1.93 38.24 -35.47
N LYS A 80 -1.20 37.18 -35.13
CA LYS A 80 -1.75 36.10 -34.33
C LYS A 80 -1.66 36.42 -32.85
N THR A 81 -2.66 35.99 -32.09
CA THR A 81 -2.68 36.22 -30.66
C THR A 81 -1.69 35.30 -29.96
N LEU A 82 -1.31 35.69 -28.74
CA LEU A 82 -0.39 34.87 -27.95
C LEU A 82 -1.01 33.51 -27.63
N GLY A 83 -2.32 33.46 -27.41
CA GLY A 83 -2.97 32.19 -27.14
C GLY A 83 -2.97 31.27 -28.34
N GLU A 84 -3.05 31.83 -29.55
CA GLU A 84 -3.01 31.02 -30.76
C GLU A 84 -1.64 30.41 -30.98
N GLY A 86 0.20 29.25 -28.65
CA GLY A 86 0.48 28.31 -27.58
C GLY A 86 0.86 28.90 -26.23
N PHE A 87 0.65 30.20 -26.06
CA PHE A 87 0.95 30.88 -24.80
C PHE A 87 -0.36 31.04 -24.03
N THR A 88 -0.60 30.12 -23.10
CA THR A 88 -1.80 30.10 -22.27
C THR A 88 -1.40 30.22 -20.80
N SER A 89 -2.41 30.49 -19.96
CA SER A 89 -2.18 30.57 -18.53
C SER A 89 -1.69 29.24 -17.97
N GLN A 90 -2.07 28.13 -18.59
CA GLN A 90 -1.65 26.82 -18.12
C GLN A 90 -0.17 26.60 -18.35
N THR A 91 0.37 27.11 -19.47
CA THR A 91 1.76 26.88 -19.84
C THR A 91 2.66 28.06 -19.53
N ALA A 92 2.11 29.24 -19.24
CA ALA A 92 2.89 30.45 -18.97
C ALA A 92 2.50 30.98 -17.59
N ARG A 93 2.99 30.31 -16.55
CA ARG A 93 2.67 30.61 -15.17
C ARG A 93 3.67 31.60 -14.58
N PRO A 94 3.30 32.32 -13.52
CA PRO A 94 4.25 33.26 -12.90
C PRO A 94 5.49 32.59 -12.35
N GLN A 95 5.37 31.38 -11.82
CA GLN A 95 6.51 30.65 -11.26
C GLN A 95 7.25 29.84 -12.32
N ALA A 96 6.72 29.74 -13.54
CA ALA A 96 7.39 29.03 -14.62
C ALA A 96 6.97 29.67 -15.94
N PRO A 97 7.55 30.83 -16.27
CA PRO A 97 7.11 31.56 -17.45
C PRO A 97 7.58 30.91 -18.74
N ALA A 98 6.77 31.06 -19.79
CA ALA A 98 7.13 30.53 -21.09
C ALA A 98 8.20 31.40 -21.75
N THR A 99 9.00 30.79 -22.61
CA THR A 99 10.13 31.46 -23.24
C THR A 99 9.77 31.88 -24.66
N VAL A 100 10.04 33.15 -24.97
CA VAL A 100 9.83 33.70 -26.30
C VAL A 100 11.19 34.11 -26.85
N GLY A 101 11.59 33.49 -27.96
CA GLY A 101 12.87 33.82 -28.58
C GLY A 101 12.77 35.11 -29.39
N LEU A 102 13.83 35.91 -29.31
CA LEU A 102 13.88 37.20 -29.98
C LEU A 102 15.13 37.27 -30.85
N ALA A 103 14.98 37.82 -32.05
CA ALA A 103 16.08 37.98 -32.99
C ALA A 103 16.00 39.36 -33.61
N PHE A 104 17.13 40.06 -33.68
CA PHE A 104 17.19 41.42 -34.19
C PHE A 104 17.72 41.45 -35.61
N ARG A 105 17.53 42.58 -36.27
CA ARG A 105 17.97 42.81 -37.65
C ARG A 105 19.16 43.75 -37.64
N ALA A 106 20.32 43.24 -38.05
CA ALA A 106 21.52 44.06 -38.22
C ALA A 106 21.48 44.69 -39.59
N ASP A 107 21.16 45.98 -39.65
CA ASP A 107 21.07 46.75 -40.89
C ASP A 107 20.05 46.14 -41.85
N ASP A 108 20.52 45.36 -42.82
CA ASP A 108 19.67 44.85 -43.88
C ASP A 108 19.06 43.49 -43.55
N THR A 109 19.85 42.56 -43.01
CA THR A 109 19.40 41.20 -42.79
C THR A 109 19.33 40.89 -41.30
N PHE A 110 18.42 39.97 -40.95
CA PHE A 110 18.25 39.53 -39.58
C PHE A 110 19.38 38.61 -39.15
N GLU A 111 19.58 38.53 -37.84
CA GLU A 111 20.47 37.52 -37.28
C GLU A 111 19.71 36.21 -37.07
N ALA A 112 20.47 35.16 -36.82
CA ALA A 112 19.87 33.88 -36.45
C ALA A 112 19.47 33.89 -34.98
N LEU A 113 18.46 33.11 -34.64
CA LEU A 113 17.98 33.06 -33.26
C LEU A 113 19.02 32.41 -32.36
N ILE A 115 20.13 31.98 -28.23
CA ILE A 115 19.80 32.17 -26.81
C ILE A 115 20.88 31.53 -25.96
N GLU A 116 21.61 32.36 -25.21
CA GLU A 116 22.63 31.86 -24.31
C GLU A 116 21.98 31.08 -23.17
N PRO A 117 22.31 29.82 -22.96
CA PRO A 117 21.75 29.08 -21.82
C PRO A 117 22.30 29.62 -20.51
N PHE A 118 21.52 29.42 -19.45
CA PHE A 118 21.98 29.82 -18.13
C PHE A 118 23.12 28.92 -17.67
N SER A 119 23.83 29.39 -16.63
CA SER A 119 24.96 28.64 -16.11
C SER A 119 24.48 27.29 -15.55
N SER A 120 25.42 26.36 -15.47
CA SER A 120 25.10 25.03 -14.94
C SER A 120 25.29 25.02 -13.43
N PRO A 121 24.35 24.42 -12.69
CA PRO A 121 24.48 24.34 -11.24
C PRO A 121 25.50 23.29 -10.85
N PRO A 122 26.10 23.41 -9.67
CA PRO A 122 27.09 22.42 -9.24
C PRO A 122 26.44 21.07 -8.98
N GLU A 123 27.28 20.03 -8.94
CA GLU A 123 26.80 18.69 -8.68
C GLU A 123 26.17 18.61 -7.29
N LEU A 124 25.23 17.67 -7.15
CA LEU A 124 24.53 17.51 -5.89
C LEU A 124 25.52 17.10 -4.80
N PRO A 125 25.57 17.81 -3.66
CA PRO A 125 26.45 17.37 -2.57
C PRO A 125 26.07 16.00 -2.06
N ASP A 126 27.05 15.29 -1.49
CA ASP A 126 26.79 13.98 -0.93
C ASP A 126 25.77 14.05 0.21
N VAL A 127 25.79 15.14 0.97
CA VAL A 127 24.85 15.30 2.07
C VAL A 127 23.43 15.50 1.54
N MET A 128 23.29 16.07 0.35
CA MET A 128 21.98 16.26 -0.27
C MET A 128 21.50 15.04 -1.03
N LYS A 129 22.41 14.20 -1.52
CA LYS A 129 22.03 13.01 -2.28
C LYS A 129 21.81 11.81 -1.36
N MET B 1 6.06 51.98 -18.72
CA MET B 1 6.47 50.96 -17.76
C MET B 1 7.97 51.08 -17.46
N MET B 2 8.30 51.29 -16.19
CA MET B 2 9.68 51.43 -15.77
C MET B 2 10.28 50.05 -15.47
N TYR B 3 11.45 49.79 -16.04
CA TYR B 3 12.14 48.53 -15.86
C TYR B 3 13.54 48.79 -15.30
N VAL B 4 14.10 47.75 -14.67
CA VAL B 4 15.47 47.76 -14.19
C VAL B 4 16.16 46.51 -14.70
N LYS B 5 17.49 46.57 -14.74
CA LYS B 5 18.31 45.47 -15.25
C LYS B 5 19.15 44.89 -14.10
N LEU B 6 19.02 43.59 -13.90
CA LEU B 6 19.82 42.85 -12.91
C LEU B 6 20.76 41.92 -13.67
N ILE B 7 22.06 42.13 -13.49
CA ILE B 7 23.08 41.38 -14.21
C ILE B 7 23.66 40.31 -13.28
N SER B 8 23.65 39.07 -13.74
CA SER B 8 24.18 37.96 -12.97
C SER B 8 25.71 37.98 -13.00
N SER B 9 26.32 37.06 -12.25
CA SER B 9 27.77 36.98 -12.20
C SER B 9 28.39 36.48 -13.49
N ASP B 10 27.60 35.83 -14.35
CA ASP B 10 28.09 35.33 -15.63
C ASP B 10 27.62 36.19 -16.81
N GLY B 11 27.24 37.44 -16.55
CA GLY B 11 26.94 38.38 -17.62
C GLY B 11 25.51 38.37 -18.12
N HIS B 12 24.68 37.44 -17.66
CA HIS B 12 23.29 37.41 -18.12
C HIS B 12 22.53 38.63 -17.60
N GLU B 13 21.81 39.29 -18.50
CA GLU B 13 21.08 40.52 -18.18
C GLU B 13 19.60 40.20 -18.08
N PHE B 14 19.04 40.34 -16.88
CA PHE B 14 17.63 40.11 -16.64
C PHE B 14 16.92 41.46 -16.46
N ILE B 15 15.87 41.67 -17.24
CA ILE B 15 15.12 42.92 -17.24
C ILE B 15 13.75 42.65 -16.64
N VAL B 16 13.47 43.28 -15.50
CA VAL B 16 12.22 43.07 -14.78
C VAL B 16 11.58 44.42 -14.49
N LYS B 17 10.30 44.37 -14.14
CA LYS B 17 9.58 45.58 -13.75
C LYS B 17 10.19 46.17 -12.49
N ARG B 18 10.12 47.50 -12.38
CA ARG B 18 10.75 48.20 -11.27
C ARG B 18 10.12 47.82 -9.94
N GLU B 19 8.79 47.75 -9.89
CA GLU B 19 8.12 47.36 -8.64
C GLU B 19 8.42 45.91 -8.27
N HIS B 20 8.71 45.07 -9.26
CA HIS B 20 9.07 43.69 -8.97
C HIS B 20 10.41 43.62 -8.22
N ALA B 21 11.40 44.40 -8.67
CA ALA B 21 12.70 44.40 -8.01
C ALA B 21 12.71 45.19 -6.71
N LEU B 22 11.77 46.11 -6.53
CA LEU B 22 11.73 46.91 -5.32
C LEU B 22 11.19 46.16 -4.11
N THR B 23 10.62 44.97 -4.30
CA THR B 23 10.19 44.17 -3.17
C THR B 23 11.37 43.66 -2.35
N SER B 24 12.57 43.60 -2.94
CA SER B 24 13.78 43.25 -2.21
C SER B 24 14.42 44.53 -1.70
N GLY B 25 14.53 44.65 -0.37
CA GLY B 25 15.10 45.84 0.21
C GLY B 25 16.55 46.06 -0.17
N THR B 26 17.30 44.98 -0.32
CA THR B 26 18.71 45.10 -0.72
C THR B 26 18.82 45.74 -2.10
N ILE B 27 18.07 45.23 -3.07
CA ILE B 27 18.11 45.77 -4.43
C ILE B 27 17.70 47.24 -4.44
N LYS B 28 16.70 47.59 -3.62
CA LYS B 28 16.27 48.98 -3.54
C LYS B 28 17.39 49.90 -3.07
N ALA B 29 18.28 49.39 -2.21
CA ALA B 29 19.40 50.21 -1.75
C ALA B 29 20.45 50.40 -2.84
N MET B 30 20.74 49.35 -3.61
CA MET B 30 21.73 49.47 -4.68
C MET B 30 21.20 50.25 -5.87
N LEU B 31 19.88 50.41 -5.99
CA LEU B 31 19.33 51.25 -7.05
C LEU B 31 19.37 52.73 -6.66
N SER B 32 19.16 53.03 -5.39
CA SER B 32 19.17 54.40 -4.91
C SER B 32 19.93 54.52 -3.59
N ASN B 43 19.80 52.48 -12.81
CA ASN B 43 18.76 51.52 -13.18
C ASN B 43 19.37 50.16 -13.52
N GLU B 44 20.62 49.96 -13.10
CA GLU B 44 21.33 48.71 -13.33
C GLU B 44 21.99 48.26 -12.04
N VAL B 45 21.95 46.95 -11.79
CA VAL B 45 22.57 46.36 -10.60
C VAL B 45 23.36 45.14 -11.05
N ASN B 46 24.62 45.07 -10.62
CA ASN B 46 25.49 43.94 -10.91
C ASN B 46 25.62 43.05 -9.68
N PHE B 47 25.43 41.75 -9.88
CA PHE B 47 25.51 40.77 -8.80
C PHE B 47 26.73 39.89 -9.04
N ARG B 48 27.84 40.23 -8.38
CA ARG B 48 29.10 39.52 -8.57
C ARG B 48 29.04 38.07 -8.05
N GLU B 49 28.05 37.73 -7.24
CA GLU B 49 28.01 36.43 -6.58
C GLU B 49 26.84 35.55 -6.98
N ILE B 50 25.87 36.06 -7.73
CA ILE B 50 24.66 35.32 -8.06
C ILE B 50 24.75 34.91 -9.53
N PRO B 51 24.88 33.62 -9.83
CA PRO B 51 24.90 33.18 -11.23
C PRO B 51 23.51 33.26 -11.85
N SER B 52 23.48 33.05 -13.17
CA SER B 52 22.25 33.26 -13.93
C SER B 52 21.17 32.24 -13.56
N HIS B 53 21.57 30.98 -13.37
CA HIS B 53 20.58 29.96 -13.01
C HIS B 53 19.97 30.20 -11.64
N VAL B 54 20.57 31.07 -10.82
CA VAL B 54 19.96 31.48 -9.56
C VAL B 54 19.17 32.77 -9.72
N LEU B 55 19.72 33.75 -10.43
CA LEU B 55 19.04 35.04 -10.60
C LEU B 55 17.76 34.89 -11.41
N SER B 56 17.72 33.95 -12.37
CA SER B 56 16.50 33.73 -13.13
C SER B 56 15.39 33.22 -12.24
N LYS B 57 15.72 32.35 -11.27
CA LYS B 57 14.72 31.87 -10.32
C LYS B 57 14.28 32.98 -9.37
N VAL B 58 15.19 33.89 -9.02
CA VAL B 58 14.82 35.02 -8.18
C VAL B 58 13.79 35.89 -8.90
N CYS B 59 14.03 36.17 -10.18
CA CYS B 59 13.08 36.97 -10.95
C CYS B 59 11.74 36.24 -11.06
N MET B 60 11.76 34.92 -11.16
CA MET B 60 10.52 34.16 -11.19
C MET B 60 9.77 34.27 -9.87
N TYR B 61 10.48 34.43 -8.76
CA TYR B 61 9.80 34.61 -7.48
C TYR B 61 9.14 35.99 -7.40
N PHE B 62 9.78 37.01 -7.97
CA PHE B 62 9.19 38.35 -8.00
C PHE B 62 7.82 38.31 -8.66
N THR B 63 7.73 37.68 -9.84
CA THR B 63 6.45 37.54 -10.51
C THR B 63 5.48 36.69 -9.70
N TYR B 64 5.98 35.58 -9.14
CA TYR B 64 5.12 34.71 -8.34
C TYR B 64 4.57 35.43 -7.12
N LYS B 65 5.39 36.28 -6.49
CA LYS B 65 4.95 36.99 -5.30
C LYS B 65 3.91 38.05 -5.65
N VAL B 66 4.20 38.90 -6.63
CA VAL B 66 3.29 39.99 -6.97
C VAL B 66 1.93 39.45 -7.41
N ARG B 67 1.94 38.29 -8.09
CA ARG B 67 0.69 37.76 -8.60
C ARG B 67 -0.17 37.12 -7.51
N TYR B 68 0.45 36.51 -6.50
CA TYR B 68 -0.26 35.64 -5.58
C TYR B 68 -0.38 36.19 -4.17
N THR B 69 0.10 37.40 -3.90
CA THR B 69 -0.16 38.02 -2.61
C THR B 69 -1.54 38.64 -2.58
N ASN B 70 -2.23 38.47 -1.44
CA ASN B 70 -3.60 38.96 -1.26
C ASN B 70 -4.53 38.44 -2.35
N SER B 71 -4.56 37.12 -2.47
CA SER B 71 -5.37 36.46 -3.50
C SER B 71 -6.08 35.26 -2.89
N SER B 72 -7.39 35.19 -3.09
CA SER B 72 -8.15 34.02 -2.66
C SER B 72 -8.00 32.84 -3.60
N THR B 73 -7.51 33.07 -4.81
CA THR B 73 -7.22 31.97 -5.72
C THR B 73 -6.21 31.02 -5.09
N GLU B 74 -6.32 29.73 -5.44
CA GLU B 74 -5.46 28.71 -4.85
C GLU B 74 -4.00 29.00 -5.16
N ILE B 75 -3.19 29.09 -4.11
CA ILE B 75 -1.77 29.39 -4.28
C ILE B 75 -1.03 28.13 -4.70
N PRO B 76 -0.26 28.16 -5.79
CA PRO B 76 0.56 27.02 -6.16
C PRO B 76 1.92 27.06 -5.48
N GLU B 77 2.53 25.89 -5.36
CA GLU B 77 3.84 25.77 -4.74
C GLU B 77 4.91 26.38 -5.64
N PHE B 78 5.81 27.15 -5.04
CA PHE B 78 6.94 27.69 -5.78
C PHE B 78 7.99 26.59 -5.96
N PRO B 79 8.27 26.16 -7.18
CA PRO B 79 9.21 25.04 -7.37
C PRO B 79 10.65 25.49 -7.23
N ILE B 80 11.43 24.67 -6.53
CA ILE B 80 12.87 24.89 -6.36
C ILE B 80 13.57 23.56 -6.56
N ALA B 81 14.40 23.47 -7.60
CA ALA B 81 15.13 22.24 -7.86
C ALA B 81 16.19 22.02 -6.79
N PRO B 82 16.45 20.78 -6.39
CA PRO B 82 17.46 20.53 -5.35
C PRO B 82 18.86 20.96 -5.74
N GLU B 83 19.17 20.98 -7.04
CA GLU B 83 20.51 21.33 -7.49
C GLU B 83 20.82 22.80 -7.27
N ILE B 84 19.81 23.66 -7.17
CA ILE B 84 20.01 25.09 -6.98
C ILE B 84 19.53 25.57 -5.61
N ALA B 85 19.09 24.66 -4.74
CA ALA B 85 18.49 25.07 -3.48
C ALA B 85 19.49 25.81 -2.59
N LEU B 86 20.74 25.33 -2.54
CA LEU B 86 21.72 25.93 -1.65
C LEU B 86 22.11 27.33 -2.11
N GLU B 87 22.34 27.50 -3.42
CA GLU B 87 22.73 28.81 -3.93
C GLU B 87 21.56 29.80 -3.85
N LEU B 88 20.35 29.35 -4.13
CA LEU B 88 19.19 30.23 -4.04
C LEU B 88 18.95 30.68 -2.61
N LEU B 89 19.20 29.78 -1.64
CA LEU B 89 19.04 30.16 -0.24
C LEU B 89 20.03 31.25 0.15
N MET B 90 21.29 31.15 -0.31
CA MET B 90 22.27 32.17 -0.01
C MET B 90 21.91 33.49 -0.68
N ALA B 91 21.41 33.44 -1.92
CA ALA B 91 20.99 34.66 -2.59
C ALA B 91 19.76 35.26 -1.93
N ALA B 92 18.79 34.41 -1.54
CA ALA B 92 17.61 34.90 -0.85
C ALA B 92 17.98 35.51 0.51
N ASN B 93 18.96 34.91 1.18
CA ASN B 93 19.44 35.48 2.44
C ASN B 93 20.07 36.85 2.22
N PHE B 94 20.89 36.98 1.16
CA PHE B 94 21.55 38.25 0.90
C PHE B 94 20.56 39.33 0.48
N LEU B 95 19.59 38.98 -0.37
CA LEU B 95 18.64 39.96 -0.87
C LEU B 95 17.48 40.22 0.06
N ASP B 96 17.26 39.37 1.07
CA ASP B 96 16.20 39.54 2.07
C ASP B 96 14.83 39.65 1.40
N CYS B 97 14.43 38.55 0.78
CA CYS B 97 13.13 38.47 0.13
C CYS B 97 12.55 37.06 0.23
N VAL C 52 -3.43 31.60 27.75
CA VAL C 52 -3.90 32.90 27.29
C VAL C 52 -4.69 32.76 26.00
N LEU C 53 -4.07 32.12 25.00
CA LEU C 53 -4.70 31.87 23.70
C LEU C 53 -5.29 30.46 23.73
N ARG C 54 -6.59 30.37 23.99
CA ARG C 54 -7.27 29.10 24.15
C ARG C 54 -8.68 29.18 23.59
N SER C 55 -9.31 28.02 23.46
CA SER C 55 -10.70 27.94 23.06
C SER C 55 -11.61 28.19 24.26
N VAL C 56 -12.76 28.78 23.99
CA VAL C 56 -13.76 29.00 25.03
C VAL C 56 -14.71 27.80 25.05
N ASN C 57 -15.13 27.43 26.26
CA ASN C 57 -16.03 26.28 26.44
C ASN C 57 -17.47 26.77 26.33
N SER C 58 -17.91 26.96 25.08
CA SER C 58 -19.22 27.52 24.80
C SER C 58 -20.34 26.49 24.76
N ARG C 59 -20.01 25.22 24.49
CA ARG C 59 -20.99 24.14 24.34
C ARG C 59 -22.00 24.42 23.23
N GLU C 60 -21.69 25.35 22.33
CA GLU C 60 -22.56 25.66 21.21
C GLU C 60 -21.98 25.05 19.94
N PRO C 61 -22.58 23.99 19.40
CA PRO C 61 -21.96 23.30 18.26
C PRO C 61 -21.86 24.19 17.04
N SER C 62 -20.84 23.92 16.22
CA SER C 62 -20.61 24.64 14.98
C SER C 62 -20.01 23.69 13.96
N GLN C 63 -20.73 23.43 12.87
CA GLN C 63 -20.27 22.55 11.82
C GLN C 63 -19.40 23.32 10.84
N VAL C 64 -18.24 22.76 10.51
CA VAL C 64 -17.30 23.38 9.58
C VAL C 64 -16.75 22.31 8.65
N ILE C 65 -16.31 22.73 7.47
CA ILE C 65 -15.67 21.86 6.49
C ILE C 65 -14.21 22.25 6.40
N PHE C 66 -13.33 21.34 6.80
CA PHE C 66 -11.89 21.54 6.61
C PHE C 66 -11.54 21.20 5.17
N ASN C 68 -8.78 21.31 2.24
CA ASN C 68 -7.35 21.44 1.97
C ASN C 68 -7.08 21.84 0.52
N ARG C 69 -6.89 23.13 0.28
CA ARG C 69 -6.51 23.64 -1.03
C ARG C 69 -5.00 23.90 -1.07
N SER C 70 -4.24 22.84 -0.84
CA SER C 70 -2.80 22.92 -0.77
C SER C 70 -2.21 21.58 -1.18
N PRO C 71 -0.98 21.56 -1.68
CA PRO C 71 -0.31 20.29 -1.99
C PRO C 71 0.30 19.57 -0.79
N ARG C 72 -0.01 20.00 0.43
CA ARG C 72 0.56 19.42 1.63
C ARG C 72 -0.48 18.58 2.36
N VAL C 73 0.02 17.66 3.18
CA VAL C 73 -0.82 16.92 4.12
C VAL C 73 -1.07 17.82 5.32
N VAL C 74 -2.33 18.20 5.54
CA VAL C 74 -2.68 19.21 6.53
C VAL C 74 -2.94 18.53 7.87
N LEU C 75 -2.30 19.05 8.91
CA LEU C 75 -2.56 18.60 10.27
C LEU C 75 -3.39 19.65 10.99
N PRO C 76 -4.67 19.42 11.24
CA PRO C 76 -5.45 20.37 12.04
C PRO C 76 -5.00 20.34 13.49
N VAL C 77 -4.95 21.53 14.10
CA VAL C 77 -4.51 21.67 15.49
C VAL C 77 -5.55 22.48 16.23
N TRP C 78 -6.15 21.86 17.25
CA TRP C 78 -7.10 22.53 18.12
C TRP C 78 -6.42 22.90 19.43
N LEU C 79 -6.58 24.17 19.83
CA LEU C 79 -6.09 24.64 21.12
C LEU C 79 -7.19 24.38 22.16
N ASN C 80 -6.91 23.52 23.12
CA ASN C 80 -7.93 23.10 24.08
C ASN C 80 -8.21 24.24 25.07
N PHE C 81 -9.01 23.94 26.09
CA PHE C 81 -9.45 24.95 27.04
C PHE C 81 -8.31 25.46 27.93
N ASP C 82 -7.16 24.80 27.94
CA ASP C 82 -6.00 25.26 28.69
C ASP C 82 -4.93 25.88 27.79
N GLY C 83 -5.22 26.04 26.50
CA GLY C 83 -4.26 26.58 25.57
C GLY C 83 -3.27 25.59 25.01
N GLU C 84 -3.40 24.31 25.35
CA GLU C 84 -2.50 23.30 24.82
C GLU C 84 -2.93 22.87 23.42
N PRO C 85 -1.99 22.69 22.49
CA PRO C 85 -2.36 22.27 21.13
C PRO C 85 -2.64 20.78 21.09
N GLN C 86 -3.78 20.42 20.52
CA GLN C 86 -4.19 19.02 20.38
C GLN C 86 -4.25 18.65 18.90
N PRO C 87 -3.48 17.65 18.46
CA PRO C 87 -3.52 17.27 17.04
C PRO C 87 -4.75 16.44 16.71
N TYR C 88 -5.12 16.50 15.44
CA TYR C 88 -6.29 15.82 14.91
C TYR C 88 -5.90 15.07 13.64
N PRO C 89 -6.73 14.14 13.18
CA PRO C 89 -6.37 13.35 11.98
C PRO C 89 -6.05 14.24 10.79
N THR C 90 -5.07 13.80 10.00
CA THR C 90 -4.54 14.59 8.91
C THR C 90 -5.48 14.59 7.71
N LEU C 91 -5.29 15.58 6.84
CA LEU C 91 -6.08 15.73 5.62
C LEU C 91 -5.18 15.55 4.42
N PRO C 92 -5.43 14.58 3.54
CA PRO C 92 -4.65 14.48 2.30
C PRO C 92 -4.88 15.69 1.41
N PRO C 93 -3.96 15.97 0.49
CA PRO C 93 -4.12 17.16 -0.37
C PRO C 93 -5.37 17.05 -1.24
N GLY C 94 -6.07 18.18 -1.37
CA GLY C 94 -7.26 18.26 -2.19
C GLY C 94 -8.51 17.67 -1.60
N THR C 95 -8.45 17.13 -0.38
CA THR C 95 -9.58 16.47 0.24
C THR C 95 -10.28 17.39 1.24
N GLY C 96 -11.51 17.03 1.59
CA GLY C 96 -12.29 17.79 2.53
C GLY C 96 -12.87 16.89 3.61
N ARG C 97 -13.18 17.50 4.75
CA ARG C 97 -13.73 16.80 5.90
C ARG C 97 -14.77 17.68 6.56
N ARG C 98 -16.00 17.18 6.66
CA ARG C 98 -17.06 17.85 7.41
C ARG C 98 -16.98 17.39 8.86
N ILE C 99 -16.61 18.30 9.75
CA ILE C 99 -16.34 17.96 11.14
C ILE C 99 -17.22 18.80 12.05
N HIS C 100 -17.33 18.36 13.30
CA HIS C 100 -18.13 19.02 14.31
C HIS C 100 -17.21 19.76 15.29
N SER C 101 -17.40 21.07 15.41
CA SER C 101 -16.64 21.87 16.36
C SER C 101 -17.63 22.70 17.17
N TYR C 102 -17.14 23.76 17.79
CA TYR C 102 -17.96 24.61 18.64
C TYR C 102 -17.57 26.06 18.43
N ARG C 103 -18.51 26.96 18.71
CA ARG C 103 -18.25 28.39 18.58
C ARG C 103 -17.21 28.83 19.59
N GLY C 104 -16.31 29.72 19.16
CA GLY C 104 -15.26 30.22 20.01
C GLY C 104 -14.06 29.32 20.16
N HIS C 105 -14.00 28.21 19.44
CA HIS C 105 -12.85 27.33 19.50
C HIS C 105 -11.76 27.80 18.55
N LEU C 106 -10.51 27.50 18.90
CA LEU C 106 -9.35 28.00 18.17
C LEU C 106 -8.74 26.86 17.35
N TRP C 107 -8.50 27.14 16.06
CA TRP C 107 -7.89 26.18 15.16
C TRP C 107 -6.73 26.82 14.42
N LEU C 108 -5.71 26.02 14.16
CA LEU C 108 -4.62 26.39 13.27
C LEU C 108 -4.18 25.15 12.51
N PHE C 109 -3.59 25.36 11.34
CA PHE C 109 -3.28 24.28 10.42
C PHE C 109 -1.84 24.36 9.96
N ARG C 110 -1.23 23.20 9.76
CA ARG C 110 0.19 23.12 9.43
C ARG C 110 0.46 21.87 8.61
N ASP C 111 1.59 21.88 7.92
CA ASP C 111 2.05 20.70 7.19
C ASP C 111 2.32 19.57 8.18
N ALA C 112 1.62 18.44 7.98
CA ALA C 112 1.73 17.33 8.92
C ALA C 112 3.12 16.71 8.95
N GLY C 113 3.95 16.95 7.92
CA GLY C 113 5.25 16.33 7.84
C GLY C 113 6.39 17.20 8.33
N THR C 114 6.36 18.49 8.01
CA THR C 114 7.42 19.41 8.36
C THR C 114 6.97 20.54 9.27
N HIS C 115 5.68 20.61 9.62
CA HIS C 115 5.12 21.62 10.51
C HIS C 115 5.21 23.03 9.93
N ASP C 116 5.36 23.15 8.60
CA ASP C 116 5.31 24.45 7.96
C ASP C 116 3.94 25.09 8.17
N GLY C 117 3.94 26.38 8.44
CA GLY C 117 2.70 27.09 8.66
C GLY C 117 1.85 27.16 7.40
N LEU C 118 0.54 27.18 7.60
CA LEU C 118 -0.42 27.30 6.51
C LEU C 118 -1.46 28.35 6.87
N LEU C 119 -2.24 28.75 5.87
CA LEU C 119 -3.27 29.76 6.03
C LEU C 119 -4.64 29.12 5.95
N VAL C 120 -5.56 29.59 6.81
CA VAL C 120 -6.95 29.18 6.76
C VAL C 120 -7.80 30.44 6.64
N ASN C 121 -8.56 30.55 5.55
CA ASN C 121 -9.34 31.74 5.25
C ASN C 121 -8.47 33.00 5.26
N GLN C 122 -7.27 32.87 4.69
CA GLN C 122 -6.32 33.97 4.52
C GLN C 122 -5.91 34.58 5.86
N THR C 123 -5.75 33.73 6.87
CA THR C 123 -5.28 34.17 8.18
C THR C 123 -4.68 32.97 8.90
N GLU C 124 -4.19 33.20 10.12
CA GLU C 124 -3.50 32.17 10.88
C GLU C 124 -4.45 31.32 11.71
N LEU C 125 -5.45 31.93 12.35
CA LEU C 125 -6.35 31.23 13.26
C LEU C 125 -7.76 31.19 12.69
N PHE C 126 -8.41 30.03 12.83
CA PHE C 126 -9.77 29.84 12.38
C PHE C 126 -10.67 29.63 13.59
N VAL C 127 -11.70 30.46 13.70
CA VAL C 127 -12.65 30.37 14.81
C VAL C 127 -14.04 30.08 14.23
N PRO C 128 -14.61 28.90 14.49
CA PRO C 128 -15.96 28.62 14.00
C PRO C 128 -16.97 29.61 14.57
N SER C 129 -17.81 30.14 13.69
CA SER C 129 -18.81 31.13 14.05
C SER C 129 -20.21 30.50 14.02
N LEU C 130 -21.22 31.35 14.08
CA LEU C 130 -22.60 30.87 14.06
C LEU C 130 -22.98 30.37 12.67
N ASN C 131 -23.72 29.27 12.62
CA ASN C 131 -24.17 28.67 11.38
C ASN C 131 -25.46 29.33 10.94
N VAL C 132 -25.40 30.11 9.84
CA VAL C 132 -26.58 30.78 9.33
C VAL C 132 -27.38 29.81 8.46
N ASP C 133 -28.67 29.67 8.77
CA ASP C 133 -29.58 28.82 7.99
C ASP C 133 -29.07 27.38 7.91
N GLY C 134 -28.40 26.90 8.94
CA GLY C 134 -27.91 25.54 8.93
C GLY C 134 -26.74 25.29 8.01
N GLN C 135 -26.24 26.33 7.34
CA GLN C 135 -25.12 26.17 6.42
C GLN C 135 -23.81 26.15 7.20
N PRO C 136 -23.03 25.08 7.11
CA PRO C 136 -21.78 25.03 7.86
C PRO C 136 -20.73 25.99 7.29
N ILE C 137 -19.75 26.31 8.13
CA ILE C 137 -18.72 27.27 7.76
C ILE C 137 -17.64 26.58 6.94
N PHE C 138 -17.06 27.32 6.00
CA PHE C 138 -16.01 26.83 5.13
C PHE C 138 -14.65 27.28 5.67
N ALA C 139 -13.73 26.34 5.80
CA ALA C 139 -12.37 26.61 6.28
C ALA C 139 -11.41 26.32 5.13
N ASN C 140 -11.10 27.35 4.35
CA ASN C 140 -10.24 27.22 3.18
C ASN C 140 -8.79 27.22 3.63
N ILE C 141 -8.15 26.05 3.57
CA ILE C 141 -6.76 25.88 3.96
C ILE C 141 -5.91 25.97 2.71
N THR C 142 -5.10 27.03 2.60
CA THR C 142 -4.29 27.27 1.42
C THR C 142 -2.83 27.46 1.80
N LEU C 143 -1.97 27.36 0.80
CA LEU C 143 -0.57 27.69 0.98
C LEU C 143 -0.42 29.20 1.11
N PRO C 144 0.45 29.67 2.00
CA PRO C 144 0.80 31.09 2.01
C PRO C 144 1.92 31.37 1.01
N VAL C 145 2.10 32.66 0.74
CA VAL C 145 3.23 33.08 -0.08
C VAL C 145 4.46 33.16 0.81
N TYR C 146 5.17 32.04 0.93
CA TYR C 146 6.39 32.01 1.73
C TYR C 146 7.41 32.99 1.19
N THR C 147 8.27 33.49 2.08
CA THR C 147 9.45 34.20 1.63
C THR C 147 10.35 33.26 0.84
N LEU C 148 11.15 33.82 -0.07
CA LEU C 148 12.07 33.00 -0.83
C LEU C 148 13.09 32.33 0.08
N LYS C 149 13.46 32.99 1.18
CA LYS C 149 14.39 32.40 2.13
C LYS C 149 13.78 31.18 2.83
N GLU C 150 12.58 31.33 3.37
CA GLU C 150 11.95 30.22 4.08
C GLU C 150 11.63 29.07 3.13
N ARG C 151 11.16 29.37 1.92
CA ARG C 151 10.87 28.33 0.94
C ARG C 151 12.13 27.53 0.61
N CYS C 152 13.28 28.20 0.51
CA CYS C 152 14.53 27.49 0.31
C CYS C 152 14.87 26.61 1.51
N LEU C 153 14.64 27.13 2.72
CA LEU C 153 14.90 26.33 3.91
C LEU C 153 14.04 25.07 3.94
N GLN C 154 12.77 25.18 3.55
CA GLN C 154 11.91 24.00 3.47
C GLN C 154 12.50 22.96 2.55
N VAL C 155 12.95 23.36 1.37
CA VAL C 155 13.48 22.41 0.40
C VAL C 155 14.78 21.80 0.90
N VAL C 156 15.65 22.62 1.50
CA VAL C 156 16.91 22.09 2.02
C VAL C 156 16.66 21.16 3.20
N ARG C 157 15.72 21.52 4.08
CA ARG C 157 15.40 20.67 5.21
C ARG C 157 14.90 19.29 4.75
N SER C 158 14.13 19.26 3.66
CA SER C 158 13.56 18.02 3.16
C SER C 158 14.57 17.14 2.43
N LEU C 159 15.79 17.63 2.22
CA LEU C 159 16.80 16.89 1.47
C LEU C 159 17.97 16.44 2.32
N VAL C 160 18.34 17.19 3.35
CA VAL C 160 19.48 16.87 4.18
C VAL C 160 19.01 16.59 5.60
N LYS C 161 19.65 15.64 6.25
CA LYS C 161 19.29 15.25 7.61
C LYS C 161 19.80 16.31 8.59
N PRO C 162 19.04 16.59 9.65
CA PRO C 162 19.45 17.63 10.60
C PRO C 162 20.83 17.41 11.20
N GLU C 163 21.32 16.17 11.25
CA GLU C 163 22.68 15.93 11.72
C GLU C 163 23.72 16.36 10.70
N ASN C 164 23.34 16.51 9.43
CA ASN C 164 24.23 16.93 8.37
C ASN C 164 24.10 18.41 8.03
N TYR C 165 23.40 19.18 8.87
CA TYR C 165 23.30 20.62 8.64
C TYR C 165 24.66 21.29 8.69
N ARG C 166 25.54 20.81 9.57
CA ARG C 166 26.87 21.40 9.70
C ARG C 166 27.76 21.04 8.52
N ARG C 167 27.49 19.92 7.85
CA ARG C 167 28.30 19.50 6.71
C ARG C 167 28.04 20.32 5.46
N LEU C 168 27.03 21.18 5.47
CA LEU C 168 26.73 22.02 4.31
C LEU C 168 27.62 23.27 4.31
N ASP C 169 28.04 23.68 3.13
CA ASP C 169 28.93 24.83 2.96
C ASP C 169 28.08 26.09 2.86
N ILE C 170 27.72 26.65 4.02
CA ILE C 170 26.89 27.84 4.11
C ILE C 170 27.41 28.70 5.26
N VAL C 171 26.90 29.93 5.33
CA VAL C 171 27.20 30.80 6.46
C VAL C 171 26.54 30.23 7.71
N ARG C 172 27.25 30.33 8.85
CA ARG C 172 26.74 29.77 10.09
C ARG C 172 25.37 30.34 10.46
N SER C 173 25.07 31.57 10.03
CA SER C 173 23.75 32.13 10.27
C SER C 173 22.67 31.31 9.57
N LEU C 174 22.97 30.80 8.38
CA LEU C 174 22.01 29.96 7.67
C LEU C 174 21.87 28.59 8.33
N TYR C 175 22.95 28.09 8.93
CA TYR C 175 22.87 26.82 9.65
C TYR C 175 21.92 26.92 10.83
N GLU C 176 21.99 28.04 11.57
CA GLU C 176 21.05 28.25 12.68
C GLU C 176 19.62 28.40 12.19
N ASP C 177 19.44 29.01 11.01
CA ASP C 177 18.09 29.14 10.46
C ASP C 177 17.53 27.79 10.05
N LEU C 178 18.38 26.86 9.61
CA LEU C 178 17.90 25.55 9.20
C LEU C 178 17.43 24.73 10.39
N GLU C 179 18.17 24.76 11.49
CA GLU C 179 17.78 24.00 12.67
C GLU C 179 16.55 24.58 13.36
N ASP C 180 16.28 25.87 13.19
CA ASP C 180 15.11 26.51 13.78
C ASP C 180 13.87 26.07 13.01
N HIS C 181 13.44 24.84 13.28
CA HIS C 181 12.30 24.27 12.59
C HIS C 181 11.03 25.02 12.96
N PRO C 182 10.07 25.11 12.03
CA PRO C 182 8.76 25.69 12.38
C PRO C 182 8.07 24.82 13.42
N ASN C 183 7.84 25.40 14.59
CA ASN C 183 7.22 24.70 15.70
C ASN C 183 5.94 25.41 16.10
N VAL C 184 4.91 24.62 16.43
CA VAL C 184 3.64 25.19 16.86
C VAL C 184 3.82 25.97 18.15
N GLN C 185 4.64 25.44 19.08
CA GLN C 185 4.87 26.12 20.34
C GLN C 185 5.58 27.46 20.13
N LYS C 186 6.47 27.52 19.14
CA LYS C 186 7.17 28.77 18.86
C LYS C 186 6.20 29.82 18.31
N ASP C 187 5.36 29.42 17.35
CA ASP C 187 4.43 30.38 16.75
C ASP C 187 3.32 30.78 17.71
N LEU C 188 2.96 29.89 18.64
CA LEU C 188 1.91 30.23 19.61
C LEU C 188 2.35 31.36 20.51
N GLU C 189 3.61 31.36 20.95
CA GLU C 189 4.14 32.47 21.73
C GLU C 189 4.21 33.74 20.89
N ARG C 190 4.53 33.61 19.60
CA ARG C 190 4.56 34.77 18.72
C ARG C 190 3.15 35.26 18.41
N LEU C 191 2.19 34.34 18.28
CA LEU C 191 0.81 34.73 18.00
C LEU C 191 0.17 35.48 19.15
N THR C 192 0.72 35.36 20.37
CA THR C 192 0.22 36.09 21.53
C THR C 192 0.73 37.52 21.59
N GLN C 193 1.26 38.04 20.49
CA GLN C 193 1.80 39.40 20.38
C GLN C 193 2.71 39.75 21.56
N MET D 26 19.44 -2.25 -11.73
CA MET D 26 20.30 -3.23 -11.10
C MET D 26 21.77 -2.88 -11.31
N ASP D 27 22.55 -2.94 -10.24
CA ASP D 27 23.93 -2.48 -10.24
C ASP D 27 24.89 -3.64 -10.47
N VAL D 28 25.83 -3.46 -11.40
CA VAL D 28 26.94 -4.39 -11.60
C VAL D 28 28.21 -3.66 -11.20
N PHE D 29 29.18 -4.42 -10.69
CA PHE D 29 30.42 -3.88 -10.18
C PHE D 29 31.57 -4.46 -11.00
N LEU D 30 32.34 -3.58 -11.64
CA LEU D 30 33.26 -3.98 -12.69
C LEU D 30 34.69 -3.60 -12.35
N MET D 31 35.61 -4.13 -13.15
CA MET D 31 37.04 -3.91 -13.01
C MET D 31 37.60 -3.63 -14.41
N ILE D 32 37.75 -2.35 -14.75
CA ILE D 32 38.25 -1.95 -16.06
C ILE D 32 39.77 -1.92 -15.98
N ARG D 33 40.43 -2.81 -16.73
CA ARG D 33 41.86 -3.02 -16.61
C ARG D 33 42.55 -2.85 -17.96
N ARG D 34 43.76 -2.30 -17.93
CA ARG D 34 44.63 -2.22 -19.09
C ARG D 34 46.06 -2.22 -18.60
N HIS D 35 46.84 -3.22 -19.03
CA HIS D 35 48.23 -3.39 -18.59
C HIS D 35 48.31 -3.43 -17.07
N LYS D 36 48.90 -2.40 -16.47
CA LYS D 36 49.04 -2.31 -15.02
C LYS D 36 48.03 -1.37 -14.39
N THR D 37 47.01 -0.95 -15.14
CA THR D 37 45.98 -0.05 -14.65
C THR D 37 44.71 -0.83 -14.32
N THR D 38 44.02 -0.41 -13.27
CA THR D 38 42.82 -1.09 -12.80
C THR D 38 41.86 -0.05 -12.24
N ILE D 39 40.63 -0.01 -12.78
CA ILE D 39 39.62 0.95 -12.37
C ILE D 39 38.49 0.21 -11.68
N PHE D 40 38.15 0.65 -10.47
CA PHE D 40 37.06 0.06 -9.69
C PHE D 40 35.87 1.00 -9.78
N THR D 41 34.85 0.61 -10.56
CA THR D 41 33.65 1.40 -10.72
C THR D 41 32.46 0.48 -10.83
N ASP D 42 31.26 1.07 -10.76
CA ASP D 42 30.01 0.33 -10.86
C ASP D 42 29.13 0.97 -11.92
N ALA D 43 28.23 0.17 -12.49
CA ALA D 43 27.32 0.64 -13.52
C ALA D 43 26.03 -0.14 -13.42
N LYS D 44 25.02 0.30 -14.17
CA LYS D 44 23.73 -0.36 -14.20
C LYS D 44 23.73 -1.47 -15.23
N GLU D 45 22.90 -2.49 -14.99
CA GLU D 45 22.77 -3.59 -15.93
C GLU D 45 22.17 -3.13 -17.26
N SER D 46 21.39 -2.04 -17.24
CA SER D 46 20.78 -1.49 -18.44
C SER D 46 21.69 -0.50 -19.16
N SER D 47 22.80 -0.08 -18.56
CA SER D 47 23.70 0.85 -19.21
C SER D 47 24.43 0.18 -20.36
N THR D 48 24.78 0.97 -21.37
CA THR D 48 25.39 0.45 -22.57
C THR D 48 26.91 0.52 -22.49
N VAL D 49 27.57 -0.13 -23.46
CA VAL D 49 29.03 -0.12 -23.50
C VAL D 49 29.55 1.29 -23.74
N PHE D 50 28.95 2.00 -24.71
CA PHE D 50 29.32 3.39 -24.93
C PHE D 50 29.04 4.24 -23.71
N GLU D 51 27.96 3.93 -22.99
CA GLU D 51 27.71 4.61 -21.73
C GLU D 51 28.84 4.34 -20.73
N LEU D 52 29.36 3.12 -20.72
CA LEU D 52 30.50 2.80 -19.86
C LEU D 52 31.80 3.32 -20.44
N LYS D 53 31.92 3.38 -21.77
CA LYS D 53 33.12 3.94 -22.39
C LYS D 53 33.29 5.41 -22.06
N ARG D 54 32.18 6.14 -21.89
CA ARG D 54 32.25 7.55 -21.52
C ARG D 54 32.63 7.75 -20.05
N ILE D 55 32.62 6.69 -19.24
CA ILE D 55 33.06 6.80 -17.86
C ILE D 55 34.59 6.72 -17.78
N VAL D 56 35.19 5.86 -18.61
CA VAL D 56 36.64 5.78 -18.69
C VAL D 56 37.23 7.10 -19.17
N GLU D 57 36.53 7.77 -20.10
CA GLU D 57 37.02 9.04 -20.63
C GLU D 57 37.15 10.08 -19.53
N GLY D 58 36.25 10.06 -18.55
CA GLY D 58 36.35 10.96 -17.43
C GLY D 58 37.45 10.64 -16.45
N ILE D 59 38.12 9.49 -16.62
CA ILE D 59 39.20 9.06 -15.74
C ILE D 59 40.54 9.09 -16.46
N LEU D 60 40.64 8.37 -17.59
CA LEU D 60 41.90 8.26 -18.32
C LEU D 60 42.07 9.31 -19.40
N LYS D 61 41.05 10.13 -19.64
CA LYS D 61 41.11 11.22 -20.63
C LYS D 61 41.44 10.71 -22.03
N ARG D 62 40.64 9.74 -22.49
CA ARG D 62 40.77 9.20 -23.82
C ARG D 62 39.39 9.13 -24.47
N PRO D 63 39.28 9.52 -25.75
CA PRO D 63 37.95 9.57 -26.37
C PRO D 63 37.39 8.16 -26.56
N PRO D 64 36.07 8.01 -26.57
CA PRO D 64 35.48 6.68 -26.79
C PRO D 64 35.86 6.06 -28.12
N ASP D 65 36.21 6.87 -29.12
CA ASP D 65 36.63 6.35 -30.41
C ASP D 65 38.05 5.77 -30.37
N GLU D 66 38.82 6.08 -29.34
CA GLU D 66 40.19 5.59 -29.21
C GLU D 66 40.31 4.52 -28.13
N GLN D 67 39.20 3.89 -27.74
CA GLN D 67 39.24 2.82 -26.76
C GLN D 67 38.26 1.72 -27.16
N ARG D 68 38.65 0.47 -26.90
CA ARG D 68 37.83 -0.69 -27.18
C ARG D 68 37.71 -1.52 -25.92
N LEU D 69 36.47 -1.87 -25.56
CA LEU D 69 36.21 -2.65 -24.35
C LEU D 69 36.00 -4.11 -24.71
N TYR D 70 36.47 -5.00 -23.84
CA TYR D 70 36.45 -6.44 -24.10
C TYR D 70 35.93 -7.17 -22.87
N LYS D 71 35.21 -8.26 -23.12
CA LYS D 71 34.94 -9.30 -22.13
C LYS D 71 35.69 -10.54 -22.58
N ASP D 72 36.79 -10.85 -21.90
CA ASP D 72 37.76 -11.87 -22.33
C ASP D 72 38.29 -11.39 -23.69
N ASP D 73 38.32 -12.24 -24.72
CA ASP D 73 38.86 -11.86 -26.02
C ASP D 73 37.79 -11.31 -26.95
N GLN D 74 36.64 -10.91 -26.42
CA GLN D 74 35.49 -10.51 -27.24
C GLN D 74 35.33 -8.99 -27.22
N LEU D 75 35.42 -8.37 -28.40
CA LEU D 75 35.14 -6.95 -28.51
C LEU D 75 33.67 -6.67 -28.25
N LEU D 76 33.40 -5.60 -27.51
CA LEU D 76 32.04 -5.25 -27.11
C LEU D 76 31.53 -4.11 -27.98
N ASP D 77 30.38 -4.33 -28.63
CA ASP D 77 29.76 -3.29 -29.44
C ASP D 77 29.24 -2.17 -28.55
N ASP D 78 29.31 -0.94 -29.07
CA ASP D 78 28.97 0.23 -28.25
C ASP D 78 27.50 0.27 -27.89
N GLY D 79 26.62 -0.21 -28.76
CA GLY D 79 25.19 -0.06 -28.55
C GLY D 79 24.57 -1.06 -27.60
N LYS D 80 25.24 -2.17 -27.34
CA LYS D 80 24.66 -3.22 -26.51
C LYS D 80 24.84 -2.90 -25.02
N THR D 81 23.88 -3.36 -24.22
CA THR D 81 23.89 -3.09 -22.79
C THR D 81 24.86 -4.02 -22.07
N LEU D 82 25.18 -3.65 -20.82
CA LEU D 82 26.11 -4.45 -20.03
C LEU D 82 25.53 -5.82 -19.70
N GLY D 83 24.24 -5.87 -19.37
CA GLY D 83 23.61 -7.15 -19.10
C GLY D 83 23.54 -8.04 -20.32
N GLU D 84 23.45 -7.44 -21.50
CA GLU D 84 23.44 -8.20 -22.76
C GLU D 84 24.77 -8.90 -22.98
N GLY D 86 26.75 -10.13 -20.77
CA GLY D 86 27.09 -11.07 -19.72
C GLY D 86 27.52 -10.46 -18.40
N PHE D 87 27.29 -9.16 -18.23
CA PHE D 87 27.62 -8.46 -16.99
C PHE D 87 26.35 -8.37 -16.15
N THR D 88 26.12 -9.38 -15.32
CA THR D 88 24.97 -9.44 -14.44
C THR D 88 25.38 -9.16 -13.01
N SER D 89 24.42 -8.71 -12.21
CA SER D 89 24.70 -8.35 -10.82
C SER D 89 25.16 -9.53 -9.99
N GLN D 90 24.81 -10.75 -10.38
CA GLN D 90 25.20 -11.95 -9.64
C GLN D 90 26.57 -12.47 -10.03
N THR D 91 27.13 -12.01 -11.15
CA THR D 91 28.49 -12.35 -11.54
C THR D 91 29.46 -11.18 -11.42
N ALA D 92 28.95 -9.96 -11.26
CA ALA D 92 29.75 -8.76 -11.06
C ALA D 92 29.40 -8.19 -9.69
N ARG D 93 29.91 -8.84 -8.64
CA ARG D 93 29.59 -8.52 -7.26
C ARG D 93 30.57 -7.50 -6.69
N PRO D 94 30.18 -6.78 -5.64
CA PRO D 94 31.11 -5.81 -5.04
C PRO D 94 32.37 -6.45 -4.47
N GLN D 95 32.25 -7.62 -3.86
CA GLN D 95 33.41 -8.31 -3.29
C GLN D 95 34.18 -9.13 -4.32
N ALA D 96 33.66 -9.25 -5.54
CA ALA D 96 34.35 -9.98 -6.61
C ALA D 96 33.90 -9.40 -7.95
N PRO D 97 34.41 -8.23 -8.31
CA PRO D 97 33.91 -7.56 -9.52
C PRO D 97 34.40 -8.25 -10.79
N ALA D 98 33.60 -8.09 -11.84
CA ALA D 98 33.94 -8.64 -13.14
C ALA D 98 34.97 -7.78 -13.85
N THR D 99 35.82 -8.43 -14.63
CA THR D 99 36.90 -7.76 -15.33
C THR D 99 36.44 -7.30 -16.71
N VAL D 100 36.77 -6.06 -17.06
CA VAL D 100 36.48 -5.49 -18.36
C VAL D 100 37.80 -5.06 -18.99
N GLY D 101 38.09 -5.59 -20.18
CA GLY D 101 39.32 -5.23 -20.86
C GLY D 101 39.24 -3.87 -21.53
N LEU D 102 40.40 -3.23 -21.67
CA LEU D 102 40.49 -1.91 -22.26
C LEU D 102 41.76 -1.81 -23.11
N ALA D 103 41.61 -1.32 -24.33
CA ALA D 103 42.73 -1.13 -25.24
C ALA D 103 42.61 0.23 -25.90
N PHE D 104 43.74 0.90 -26.08
CA PHE D 104 43.76 2.24 -26.65
C PHE D 104 44.21 2.19 -28.12
N ARG D 105 44.10 3.34 -28.78
CA ARG D 105 44.45 3.45 -30.19
C ARG D 105 45.96 3.27 -30.41
N PHE D 110 44.69 0.50 -33.22
CA PHE D 110 44.32 -0.13 -31.95
C PHE D 110 45.39 -1.12 -31.50
N GLU D 111 45.79 -1.01 -30.24
CA GLU D 111 46.76 -1.93 -29.68
C GLU D 111 46.10 -3.25 -29.30
N ALA D 112 46.92 -4.27 -29.10
CA ALA D 112 46.40 -5.55 -28.64
C ALA D 112 46.01 -5.47 -27.17
N LEU D 113 44.96 -6.18 -26.81
CA LEU D 113 44.46 -6.16 -25.43
C LEU D 113 45.47 -6.80 -24.48
N ILE D 115 46.67 -7.17 -20.34
CA ILE D 115 46.37 -6.99 -18.93
C ILE D 115 47.47 -7.66 -18.12
N GLU D 116 48.29 -6.86 -17.46
CA GLU D 116 49.38 -7.40 -16.66
C GLU D 116 48.82 -8.07 -15.42
N PRO D 117 49.06 -9.36 -15.21
CA PRO D 117 48.50 -10.04 -14.03
C PRO D 117 49.09 -9.50 -12.73
N PHE D 118 48.35 -9.71 -11.65
CA PHE D 118 48.80 -9.28 -10.34
C PHE D 118 49.93 -10.16 -9.83
N SER D 119 50.55 -9.74 -8.73
CA SER D 119 51.65 -10.48 -8.16
C SER D 119 51.15 -11.81 -7.57
N SER D 120 52.10 -12.71 -7.29
CA SER D 120 51.73 -14.01 -6.77
C SER D 120 51.96 -14.06 -5.26
N PRO D 121 51.08 -14.73 -4.52
CA PRO D 121 51.26 -14.84 -3.07
C PRO D 121 52.25 -15.92 -2.72
N PRO D 122 52.90 -15.83 -1.56
CA PRO D 122 53.88 -16.85 -1.18
C PRO D 122 53.20 -18.17 -0.83
N GLU D 123 54.04 -19.18 -0.62
CA GLU D 123 53.54 -20.48 -0.22
C GLU D 123 52.96 -20.42 1.18
N LEU D 124 51.99 -21.29 1.46
CA LEU D 124 51.31 -21.29 2.74
C LEU D 124 52.28 -21.68 3.85
N PRO D 125 52.32 -20.96 4.97
CA PRO D 125 53.23 -21.32 6.06
C PRO D 125 52.85 -22.66 6.67
N ASP D 126 53.77 -23.19 7.48
CA ASP D 126 53.59 -24.51 8.06
C ASP D 126 52.43 -24.53 9.05
N VAL D 127 52.24 -23.44 9.80
CA VAL D 127 51.18 -23.38 10.80
C VAL D 127 49.80 -23.26 10.17
N MET D 128 49.72 -23.06 8.86
CA MET D 128 48.43 -22.92 8.18
C MET D 128 48.14 -24.15 7.33
N MET E 1 32.37 12.90 -10.53
CA MET E 1 32.91 11.98 -9.55
C MET E 1 34.42 12.16 -9.41
N MET E 2 34.88 12.32 -8.17
CA MET E 2 36.31 12.48 -7.89
C MET E 2 36.92 11.11 -7.62
N TYR E 3 38.07 10.84 -8.26
CA TYR E 3 38.74 9.57 -8.12
C TYR E 3 40.15 9.77 -7.57
N VAL E 4 40.73 8.67 -7.08
CA VAL E 4 42.08 8.68 -6.53
C VAL E 4 42.81 7.44 -7.04
N LYS E 5 44.14 7.50 -6.98
CA LYS E 5 45.00 6.44 -7.48
C LYS E 5 45.81 5.84 -6.34
N LEU E 6 45.71 4.52 -6.18
CA LEU E 6 46.45 3.79 -5.16
C LEU E 6 47.40 2.82 -5.87
N ILE E 7 48.70 3.10 -5.80
CA ILE E 7 49.71 2.33 -6.49
C ILE E 7 50.33 1.33 -5.53
N SER E 8 50.41 0.08 -5.95
CA SER E 8 50.92 -1.00 -5.12
C SER E 8 52.45 -0.97 -5.11
N SER E 9 53.07 -2.03 -4.60
CA SER E 9 54.51 -2.09 -4.50
C SER E 9 55.19 -2.52 -5.79
N ASP E 10 54.46 -3.18 -6.69
CA ASP E 10 55.02 -3.64 -7.96
C ASP E 10 54.68 -2.73 -9.13
N GLY E 11 53.90 -1.67 -8.90
CA GLY E 11 53.60 -0.71 -9.93
C GLY E 11 52.16 -0.68 -10.42
N HIS E 12 51.32 -1.59 -9.94
CA HIS E 12 49.92 -1.61 -10.37
C HIS E 12 49.19 -0.38 -9.85
N GLU E 13 48.53 0.34 -10.74
CA GLU E 13 47.78 1.55 -10.38
C GLU E 13 46.30 1.20 -10.27
N PHE E 14 45.74 1.36 -9.08
CA PHE E 14 44.33 1.11 -8.82
C PHE E 14 43.61 2.45 -8.66
N ILE E 15 42.56 2.64 -9.46
CA ILE E 15 41.79 3.88 -9.45
C ILE E 15 40.43 3.58 -8.86
N VAL E 16 40.17 4.13 -7.67
CA VAL E 16 38.91 3.93 -6.97
C VAL E 16 38.28 5.29 -6.70
N LYS E 17 37.01 5.27 -6.30
CA LYS E 17 36.32 6.49 -5.92
C LYS E 17 36.97 7.09 -4.68
N ARG E 18 36.94 8.43 -4.61
CA ARG E 18 37.57 9.12 -3.48
C ARG E 18 36.90 8.75 -2.16
N GLU E 19 35.57 8.65 -2.16
CA GLU E 19 34.86 8.24 -0.95
C GLU E 19 35.26 6.84 -0.50
N HIS E 20 35.53 5.94 -1.45
CA HIS E 20 35.94 4.59 -1.10
C HIS E 20 37.30 4.59 -0.42
N ALA E 21 38.22 5.45 -0.89
CA ALA E 21 39.55 5.49 -0.30
C ALA E 21 39.55 6.15 1.07
N LEU E 22 38.65 7.11 1.30
CA LEU E 22 38.57 7.79 2.59
C LEU E 22 37.99 6.90 3.68
N THR E 23 37.60 5.67 3.36
CA THR E 23 37.20 4.72 4.39
C THR E 23 38.35 4.49 5.37
N SER E 24 39.57 4.41 4.86
CA SER E 24 40.75 4.25 5.70
C SER E 24 41.28 5.64 6.09
N GLY E 25 41.41 5.87 7.39
CA GLY E 25 41.95 7.15 7.85
C GLY E 25 43.41 7.31 7.52
N THR E 26 44.14 6.20 7.37
CA THR E 26 45.55 6.28 6.97
C THR E 26 45.68 6.85 5.56
N ILE E 27 44.80 6.45 4.65
CA ILE E 27 44.83 6.97 3.28
C ILE E 27 44.49 8.45 3.26
N LYS E 28 43.49 8.86 4.06
CA LYS E 28 43.12 10.26 4.11
C LYS E 28 44.26 11.13 4.61
N ALA E 29 45.04 10.62 5.57
CA ALA E 29 46.21 11.36 6.03
C ALA E 29 47.27 11.46 4.93
N MET E 30 47.42 10.40 4.15
CA MET E 30 48.37 10.42 3.04
C MET E 30 47.93 11.33 1.91
N LEU E 31 46.63 11.65 1.83
CA LEU E 31 46.16 12.58 0.81
C LEU E 31 46.39 14.03 1.23
N SER E 32 46.15 14.35 2.49
CA SER E 32 46.33 15.71 2.99
C SER E 32 47.79 15.97 3.32
N GLU E 41 50.90 13.08 -8.10
CA GLU E 41 50.04 14.25 -8.15
C GLU E 41 49.40 14.52 -6.79
N THR E 42 48.32 15.30 -6.79
CA THR E 42 47.65 15.65 -5.56
C THR E 42 46.84 14.50 -4.97
N ASN E 43 46.48 13.51 -5.79
CA ASN E 43 45.65 12.40 -5.36
C ASN E 43 46.26 11.07 -5.79
N GLU E 44 47.44 10.78 -5.25
CA GLU E 44 48.15 9.54 -5.54
C GLU E 44 48.84 9.03 -4.29
N VAL E 45 48.74 7.74 -4.02
CA VAL E 45 49.37 7.10 -2.88
C VAL E 45 50.23 5.95 -3.38
N ASN E 46 51.43 5.81 -2.81
CA ASN E 46 52.35 4.73 -3.14
C ASN E 46 52.55 3.86 -1.90
N PHE E 47 52.29 2.56 -2.05
CA PHE E 47 52.39 1.60 -0.96
C PHE E 47 53.62 0.72 -1.22
N ARG E 48 54.72 1.03 -0.56
CA ARG E 48 55.97 0.31 -0.78
C ARG E 48 55.97 -1.10 -0.19
N GLU E 49 54.96 -1.45 0.62
CA GLU E 49 54.92 -2.76 1.27
C GLU E 49 53.69 -3.57 0.92
N ILE E 50 52.75 -3.03 0.15
CA ILE E 50 51.52 -3.72 -0.20
C ILE E 50 51.59 -4.10 -1.68
N PRO E 51 51.74 -5.39 -2.01
CA PRO E 51 51.78 -5.78 -3.42
C PRO E 51 50.44 -5.63 -4.12
N SER E 52 50.38 -5.99 -5.41
CA SER E 52 49.14 -5.83 -6.17
C SER E 52 48.08 -6.85 -5.80
N HIS E 53 48.48 -8.08 -5.46
CA HIS E 53 47.50 -9.09 -5.09
C HIS E 53 46.87 -8.83 -3.73
N VAL E 54 47.41 -7.90 -2.95
CA VAL E 54 46.80 -7.49 -1.69
C VAL E 54 46.03 -6.19 -1.85
N LEU E 55 46.57 -5.22 -2.58
CA LEU E 55 45.90 -3.93 -2.75
C LEU E 55 44.61 -4.09 -3.56
N SER E 56 44.59 -5.00 -4.52
CA SER E 56 43.36 -5.22 -5.30
C SER E 56 42.24 -5.73 -4.42
N LYS E 57 42.55 -6.64 -3.49
CA LYS E 57 41.55 -7.10 -2.55
C LYS E 57 41.14 -5.99 -1.59
N VAL E 58 42.06 -5.09 -1.25
CA VAL E 58 41.72 -3.95 -0.40
C VAL E 58 40.69 -3.06 -1.10
N CYS E 59 40.91 -2.78 -2.38
CA CYS E 59 39.94 -2.00 -3.14
C CYS E 59 38.61 -2.72 -3.27
N MET E 60 38.63 -4.05 -3.35
CA MET E 60 37.39 -4.80 -3.38
C MET E 60 36.63 -4.69 -2.06
N TYR E 61 37.35 -4.61 -0.95
CA TYR E 61 36.68 -4.39 0.34
C TYR E 61 36.03 -3.01 0.40
N PHE E 62 36.66 -2.01 -0.23
CA PHE E 62 36.08 -0.67 -0.24
C PHE E 62 34.70 -0.68 -0.85
N THR E 63 34.56 -1.23 -2.06
CA THR E 63 33.25 -1.30 -2.71
C THR E 63 32.30 -2.20 -1.93
N TYR E 64 32.82 -3.27 -1.34
CA TYR E 64 31.98 -4.18 -0.57
C TYR E 64 31.41 -3.48 0.66
N LYS E 65 32.18 -2.59 1.27
CA LYS E 65 31.72 -1.92 2.49
C LYS E 65 30.60 -0.93 2.18
N VAL E 66 30.85 0.04 1.30
CA VAL E 66 29.88 1.09 1.05
C VAL E 66 28.59 0.55 0.45
N ARG E 67 28.62 -0.66 -0.12
CA ARG E 67 27.42 -1.24 -0.68
C ARG E 67 26.55 -1.92 0.37
N TYR E 68 27.16 -2.49 1.41
CA TYR E 68 26.42 -3.31 2.36
C TYR E 68 26.30 -2.72 3.76
N THR E 69 27.03 -1.67 4.09
CA THR E 69 26.82 -1.01 5.37
C THR E 69 25.46 -0.31 5.39
N ASN E 70 24.74 -0.48 6.49
CA ASN E 70 23.38 0.05 6.65
C ASN E 70 22.48 -0.42 5.51
N SER E 71 22.30 -1.74 5.45
CA SER E 71 21.51 -2.37 4.40
C SER E 71 20.65 -3.47 5.01
N SER E 72 19.34 -3.37 4.81
CA SER E 72 18.43 -4.42 5.26
C SER E 72 18.52 -5.68 4.42
N THR E 73 19.17 -5.61 3.25
CA THR E 73 19.35 -6.79 2.42
C THR E 73 20.34 -7.76 3.07
N GLU E 74 20.28 -9.01 2.63
CA GLU E 74 21.17 -10.03 3.17
C GLU E 74 22.60 -9.77 2.74
N ILE E 75 23.53 -9.81 3.70
CA ILE E 75 24.93 -9.47 3.46
C ILE E 75 25.72 -10.73 3.17
N PRO E 76 26.49 -10.77 2.08
CA PRO E 76 27.34 -11.93 1.80
C PRO E 76 28.69 -11.83 2.49
N GLU E 77 29.29 -13.00 2.69
CA GLU E 77 30.61 -13.07 3.31
C GLU E 77 31.66 -12.45 2.40
N PHE E 78 32.63 -11.77 3.01
CA PHE E 78 33.75 -11.24 2.25
C PHE E 78 34.79 -12.35 2.06
N PRO E 79 35.05 -12.78 0.82
CA PRO E 79 35.97 -13.91 0.62
C PRO E 79 37.42 -13.46 0.76
N ILE E 80 38.20 -14.26 1.49
CA ILE E 80 39.63 -14.02 1.67
C ILE E 80 40.35 -15.35 1.43
N ALA E 81 41.21 -15.37 0.42
CA ALA E 81 41.98 -16.57 0.15
C ALA E 81 42.98 -16.83 1.28
N PRO E 82 43.13 -18.07 1.73
CA PRO E 82 44.08 -18.35 2.82
C PRO E 82 45.49 -17.89 2.51
N GLU E 83 45.89 -17.89 1.24
CA GLU E 83 47.27 -17.59 0.87
C GLU E 83 47.58 -16.11 0.98
N ILE E 84 46.56 -15.25 0.98
CA ILE E 84 46.73 -13.81 1.11
C ILE E 84 46.20 -13.30 2.45
N ALA E 85 45.84 -14.21 3.36
CA ALA E 85 45.23 -13.80 4.62
C ALA E 85 46.21 -13.05 5.52
N LEU E 86 47.45 -13.56 5.62
CA LEU E 86 48.43 -12.91 6.50
C LEU E 86 48.83 -11.54 5.98
N GLU E 87 49.08 -11.43 4.68
CA GLU E 87 49.48 -10.14 4.12
C GLU E 87 48.33 -9.13 4.17
N LEU E 88 47.11 -9.59 3.90
CA LEU E 88 45.96 -8.69 3.98
C LEU E 88 45.70 -8.22 5.41
N LEU E 89 46.04 -9.06 6.40
CA LEU E 89 45.88 -8.65 7.79
C LEU E 89 46.81 -7.49 8.12
N MET E 90 48.08 -7.59 7.72
CA MET E 90 49.03 -6.51 7.99
C MET E 90 48.68 -5.25 7.20
N ALA E 91 48.14 -5.40 5.99
CA ALA E 91 47.71 -4.23 5.22
C ALA E 91 46.52 -3.54 5.87
N ALA E 92 45.53 -4.31 6.30
CA ALA E 92 44.38 -3.73 6.99
C ALA E 92 44.77 -3.16 8.34
N ASN E 93 45.75 -3.78 9.02
CA ASN E 93 46.22 -3.25 10.30
C ASN E 93 46.92 -1.90 10.11
N PHE E 94 47.61 -1.72 8.99
CA PHE E 94 48.26 -0.45 8.70
C PHE E 94 47.27 0.62 8.28
N LEU E 95 46.31 0.26 7.43
CA LEU E 95 45.33 1.22 6.93
C LEU E 95 44.19 1.47 7.92
N ASP E 96 44.02 0.59 8.91
CA ASP E 96 42.98 0.73 9.92
C ASP E 96 41.59 0.84 9.29
N CYS E 97 41.25 -0.18 8.50
CA CYS E 97 39.95 -0.24 7.85
C CYS E 97 39.34 -1.62 7.97
N VAL F 52 23.28 -5.83 35.10
CA VAL F 52 22.73 -4.68 34.38
C VAL F 52 21.92 -5.14 33.17
N LEU F 53 22.57 -5.90 32.29
CA LEU F 53 21.92 -6.45 31.09
C LEU F 53 21.32 -7.79 31.45
N ARG F 54 19.99 -7.81 31.63
CA ARG F 54 19.29 -9.04 31.95
C ARG F 54 17.87 -8.96 31.39
N SER F 55 17.24 -10.13 31.27
CA SER F 55 15.85 -10.18 30.83
C SER F 55 14.92 -9.90 32.01
N VAL F 56 13.90 -9.10 31.77
CA VAL F 56 12.90 -8.84 32.79
C VAL F 56 11.85 -9.94 32.76
N ASN F 57 11.44 -10.38 33.96
CA ASN F 57 10.47 -11.46 34.08
C ASN F 57 9.07 -10.87 33.94
N SER F 58 8.66 -10.68 32.69
CA SER F 58 7.37 -10.08 32.38
C SER F 58 6.24 -11.08 32.27
N ARG F 59 6.55 -12.35 31.99
CA ARG F 59 5.53 -13.39 31.79
C ARG F 59 4.55 -13.01 30.69
N GLU F 60 5.00 -12.22 29.72
CA GLU F 60 4.18 -11.75 28.62
C GLU F 60 4.66 -12.40 27.33
N PRO F 61 4.02 -13.46 26.86
CA PRO F 61 4.55 -14.23 25.73
C PRO F 61 4.65 -13.38 24.46
N SER F 62 5.62 -13.73 23.62
CA SER F 62 5.84 -13.05 22.35
C SER F 62 6.50 -14.03 21.39
N GLN F 63 5.82 -14.34 20.29
CA GLN F 63 6.33 -15.30 19.32
C GLN F 63 7.27 -14.60 18.35
N VAL F 64 8.39 -15.27 18.05
CA VAL F 64 9.46 -14.70 17.25
C VAL F 64 9.90 -15.69 16.19
N ILE F 65 10.28 -15.18 15.03
CA ILE F 65 10.87 -15.99 13.95
C ILE F 65 12.37 -15.74 13.95
N PHE F 66 13.14 -16.77 14.24
CA PHE F 66 14.60 -16.69 14.16
C PHE F 66 15.05 -17.00 12.74
N ASN F 68 17.81 -17.00 10.00
CA ASN F 68 19.25 -16.96 9.79
C ASN F 68 19.60 -16.67 8.33
N ARG F 69 19.74 -15.38 8.02
CA ARG F 69 20.16 -14.95 6.68
C ARG F 69 21.66 -14.71 6.65
N SER F 70 22.41 -15.76 6.96
CA SER F 70 23.86 -15.70 7.04
C SER F 70 24.43 -17.06 6.69
N PRO F 71 25.66 -17.12 6.18
CA PRO F 71 26.30 -18.40 5.89
C PRO F 71 26.93 -19.08 7.10
N ARG F 72 26.66 -18.61 8.32
CA ARG F 72 27.22 -19.17 9.53
C ARG F 72 26.17 -19.94 10.31
N VAL F 73 26.61 -20.94 11.06
CA VAL F 73 25.74 -21.63 12.02
C VAL F 73 25.52 -20.68 13.19
N VAL F 74 24.28 -20.22 13.36
CA VAL F 74 23.97 -19.19 14.34
C VAL F 74 23.66 -19.84 15.69
N LEU F 75 24.32 -19.36 16.74
CA LEU F 75 24.02 -19.80 18.09
C LEU F 75 23.22 -18.72 18.79
N PRO F 76 21.93 -18.92 19.05
CA PRO F 76 21.17 -17.91 19.80
C PRO F 76 21.52 -17.97 21.28
N VAL F 77 21.61 -16.79 21.89
CA VAL F 77 22.05 -16.67 23.29
C VAL F 77 21.05 -15.78 24.02
N TRP F 78 20.38 -16.36 25.02
CA TRP F 78 19.45 -15.62 25.86
C TRP F 78 20.12 -15.23 27.17
N LEU F 79 19.91 -13.99 27.58
CA LEU F 79 20.39 -13.51 28.89
C LEU F 79 19.29 -13.77 29.91
N ASN F 80 19.57 -14.62 30.89
CA ASN F 80 18.55 -15.01 31.85
C ASN F 80 18.29 -13.86 32.83
N PHE F 81 17.47 -14.13 33.85
CA PHE F 81 17.08 -13.10 34.80
C PHE F 81 18.24 -12.69 35.70
N ASP F 82 19.31 -13.47 35.75
CA ASP F 82 20.52 -13.11 36.48
C ASP F 82 21.56 -12.46 35.58
N GLY F 83 21.22 -12.17 34.32
CA GLY F 83 22.16 -11.59 33.40
C GLY F 83 23.18 -12.55 32.83
N GLU F 84 23.04 -13.85 33.10
CA GLU F 84 23.99 -14.85 32.63
C GLU F 84 23.56 -15.35 31.25
N PRO F 85 24.48 -15.42 30.29
CA PRO F 85 24.11 -15.89 28.95
C PRO F 85 23.78 -17.38 28.96
N GLN F 86 22.70 -17.73 28.28
CA GLN F 86 22.24 -19.12 28.18
C GLN F 86 22.21 -19.53 26.71
N PRO F 87 22.90 -20.59 26.32
CA PRO F 87 22.89 -21.00 24.91
C PRO F 87 21.63 -21.77 24.56
N TYR F 88 21.23 -21.64 23.30
CA TYR F 88 20.04 -22.26 22.75
C TYR F 88 20.41 -23.03 21.49
N PRO F 89 19.56 -23.96 21.05
CA PRO F 89 19.91 -24.82 19.90
C PRO F 89 20.27 -23.99 18.67
N THR F 90 21.24 -24.50 17.91
CA THR F 90 21.78 -23.77 16.78
C THR F 90 20.82 -23.76 15.60
N LEU F 91 21.04 -22.81 14.70
CA LEU F 91 20.28 -22.69 13.47
C LEU F 91 21.23 -22.87 12.29
N PRO F 92 21.03 -23.87 11.44
CA PRO F 92 21.87 -24.02 10.25
C PRO F 92 21.69 -22.82 9.32
N PRO F 93 22.64 -22.58 8.40
CA PRO F 93 22.52 -21.42 7.52
C PRO F 93 21.29 -21.51 6.64
N GLY F 94 20.64 -20.37 6.46
CA GLY F 94 19.47 -20.26 5.60
C GLY F 94 18.19 -20.86 6.16
N THR F 95 18.19 -21.26 7.42
CA THR F 95 17.03 -21.89 8.04
C THR F 95 16.39 -20.96 9.05
N GLY F 96 15.10 -21.21 9.32
CA GLY F 96 14.35 -20.48 10.32
C GLY F 96 13.75 -21.42 11.35
N ARG F 97 13.21 -20.82 12.41
CA ARG F 97 12.62 -21.60 13.49
C ARG F 97 11.62 -20.73 14.24
N ARG F 98 10.44 -21.28 14.49
CA ARG F 98 9.42 -20.61 15.29
C ARG F 98 9.69 -20.86 16.77
N ILE F 99 9.90 -19.79 17.53
CA ILE F 99 10.27 -19.89 18.94
C ILE F 99 9.26 -19.12 19.77
N HIS F 100 9.09 -19.56 21.02
CA HIS F 100 8.25 -18.88 21.99
C HIS F 100 9.15 -18.13 22.97
N SER F 101 9.00 -16.81 23.03
CA SER F 101 9.77 -15.98 23.95
C SER F 101 8.80 -15.10 24.73
N TYR F 102 9.32 -14.04 25.34
CA TYR F 102 8.53 -13.15 26.16
C TYR F 102 8.98 -11.71 25.94
N ARG F 103 8.07 -10.77 26.17
CA ARG F 103 8.38 -9.36 26.05
C ARG F 103 9.41 -8.95 27.10
N GLY F 104 10.42 -8.20 26.67
CA GLY F 104 11.43 -7.69 27.57
C GLY F 104 12.66 -8.57 27.73
N HIS F 105 12.73 -9.70 27.04
CA HIS F 105 13.88 -10.59 27.13
C HIS F 105 14.95 -10.18 26.14
N LEU F 106 16.20 -10.49 26.48
CA LEU F 106 17.37 -10.06 25.71
C LEU F 106 17.95 -11.24 24.95
N TRP F 107 18.17 -11.07 23.65
CA TRP F 107 18.76 -12.09 22.80
C TRP F 107 19.94 -11.52 22.05
N LEU F 108 20.97 -12.33 21.85
CA LEU F 108 22.08 -12.01 20.97
C LEU F 108 22.47 -13.29 20.23
N PHE F 109 23.18 -13.11 19.11
CA PHE F 109 23.43 -14.21 18.20
C PHE F 109 24.90 -14.25 17.81
N ARG F 110 25.47 -15.45 17.84
CA ARG F 110 26.89 -15.68 17.59
C ARG F 110 27.06 -16.80 16.58
N ASP F 111 28.24 -16.83 15.97
CA ASP F 111 28.64 -18.01 15.20
C ASP F 111 28.83 -19.17 16.16
N ALA F 112 28.17 -20.29 15.87
CA ALA F 112 28.20 -21.42 16.79
C ALA F 112 29.59 -22.00 16.97
N GLY F 113 30.47 -21.81 15.99
CA GLY F 113 31.80 -22.40 16.04
C GLY F 113 32.86 -21.47 16.59
N THR F 114 32.89 -20.23 16.11
CA THR F 114 33.94 -19.27 16.47
C THR F 114 33.46 -18.15 17.37
N HIS F 115 32.17 -18.09 17.69
CA HIS F 115 31.58 -17.04 18.53
C HIS F 115 31.75 -15.66 17.93
N ASP F 116 31.93 -15.57 16.61
CA ASP F 116 31.95 -14.28 15.94
C ASP F 116 30.62 -13.57 16.16
N GLY F 117 30.69 -12.25 16.31
CA GLY F 117 29.48 -11.48 16.54
C GLY F 117 28.64 -11.37 15.28
N LEU F 118 27.32 -11.46 15.47
CA LEU F 118 26.36 -11.36 14.38
C LEU F 118 25.33 -10.29 14.73
N LEU F 119 24.64 -9.81 13.70
CA LEU F 119 23.64 -8.77 13.84
C LEU F 119 22.24 -9.38 13.74
N VAL F 120 21.32 -8.81 14.52
CA VAL F 120 19.90 -9.15 14.44
C VAL F 120 19.13 -7.86 14.25
N ASN F 121 18.40 -7.76 13.13
CA ASN F 121 17.71 -6.53 12.75
C ASN F 121 18.66 -5.33 12.78
N GLN F 122 19.87 -5.56 12.27
CA GLN F 122 20.94 -4.56 12.11
C GLN F 122 21.49 -4.04 13.44
N THR F 123 21.15 -4.66 14.56
CA THR F 123 21.71 -4.29 15.86
C THR F 123 22.27 -5.55 16.53
N GLU F 124 22.82 -5.35 17.73
CA GLU F 124 23.44 -6.45 18.47
C GLU F 124 22.45 -7.21 19.34
N LEU F 125 21.46 -6.52 19.90
CA LEU F 125 20.51 -7.12 20.82
C LEU F 125 19.11 -7.13 20.22
N PHE F 126 18.36 -8.18 20.50
CA PHE F 126 16.97 -8.32 20.05
C PHE F 126 16.07 -8.48 21.28
N VAL F 127 15.02 -7.68 21.33
CA VAL F 127 14.04 -7.71 22.41
C VAL F 127 12.68 -7.95 21.79
N PRO F 128 12.03 -9.09 22.05
CA PRO F 128 10.71 -9.34 21.47
C PRO F 128 9.68 -8.33 21.97
N SER F 129 8.94 -7.75 21.03
CA SER F 129 7.96 -6.73 21.32
C SER F 129 6.55 -7.30 21.18
N LEU F 130 5.56 -6.40 21.19
CA LEU F 130 4.16 -6.81 21.16
C LEU F 130 3.80 -7.39 19.80
N ASN F 131 3.13 -8.53 19.82
CA ASN F 131 2.66 -9.19 18.60
C ASN F 131 1.35 -8.56 18.16
N VAL F 132 1.42 -7.67 17.17
CA VAL F 132 0.22 -7.01 16.65
C VAL F 132 -0.51 -7.98 15.73
N ASP F 133 -1.80 -8.19 16.00
CA ASP F 133 -2.65 -9.10 15.22
C ASP F 133 -2.09 -10.51 15.18
N GLY F 134 -1.44 -10.93 16.26
CA GLY F 134 -0.91 -12.28 16.33
C GLY F 134 0.25 -12.57 15.40
N GLN F 135 0.76 -11.57 14.70
CA GLN F 135 1.89 -11.77 13.80
C GLN F 135 3.18 -11.84 14.59
N PRO F 136 3.97 -12.90 14.46
CA PRO F 136 5.22 -12.99 15.22
C PRO F 136 6.25 -11.97 14.76
N ILE F 137 7.16 -11.64 15.67
CA ILE F 137 8.24 -10.70 15.37
C ILE F 137 9.28 -11.40 14.51
N PHE F 138 9.82 -10.68 13.53
CA PHE F 138 10.86 -11.19 12.66
C PHE F 138 12.22 -10.80 13.23
N ALA F 139 13.06 -11.80 13.50
CA ALA F 139 14.42 -11.59 14.00
C ALA F 139 15.38 -11.95 12.87
N ASN F 140 15.74 -10.96 12.06
CA ASN F 140 16.60 -11.18 10.90
C ASN F 140 18.05 -11.19 11.34
N ILE F 141 18.67 -12.37 11.33
CA ILE F 141 20.06 -12.54 11.74
C ILE F 141 20.92 -12.55 10.49
N THR F 142 21.76 -11.51 10.34
CA THR F 142 22.63 -11.37 9.18
C THR F 142 24.06 -11.18 9.63
N LEU F 143 24.98 -11.32 8.67
CA LEU F 143 26.37 -11.00 8.93
C LEU F 143 26.54 -9.49 9.07
N PRO F 144 27.44 -9.03 9.94
CA PRO F 144 27.80 -7.62 9.95
C PRO F 144 28.86 -7.33 8.90
N VAL F 145 29.05 -6.05 8.61
CA VAL F 145 30.18 -5.63 7.80
C VAL F 145 31.40 -5.60 8.69
N TYR F 146 32.07 -6.75 8.83
CA TYR F 146 33.30 -6.81 9.62
C TYR F 146 34.34 -5.86 9.03
N THR F 147 35.17 -5.30 9.91
CA THR F 147 36.35 -4.59 9.44
C THR F 147 37.26 -5.56 8.69
N LEU F 148 38.03 -5.03 7.75
CA LEU F 148 38.96 -5.88 7.01
C LEU F 148 39.95 -6.55 7.94
N LYS F 149 40.34 -5.87 9.03
CA LYS F 149 41.23 -6.48 10.01
C LYS F 149 40.58 -7.64 10.73
N GLU F 150 39.34 -7.44 11.21
CA GLU F 150 38.65 -8.50 11.93
C GLU F 150 38.35 -9.69 11.03
N ARG F 151 37.97 -9.42 9.77
CA ARG F 151 37.70 -10.51 8.84
C ARG F 151 38.96 -11.32 8.55
N CYS F 152 40.11 -10.66 8.49
CA CYS F 152 41.37 -11.38 8.31
C CYS F 152 41.69 -12.21 9.55
N LEU F 153 41.44 -11.68 10.73
CA LEU F 153 41.67 -12.43 11.96
C LEU F 153 40.79 -13.68 12.01
N GLN F 154 39.56 -13.57 11.49
CA GLN F 154 38.67 -14.73 11.45
C GLN F 154 39.25 -15.85 10.59
N VAL F 155 39.82 -15.48 9.44
CA VAL F 155 40.37 -16.49 8.53
C VAL F 155 41.63 -17.12 9.11
N VAL F 156 42.51 -16.30 9.69
CA VAL F 156 43.75 -16.83 10.25
C VAL F 156 43.45 -17.69 11.47
N ARG F 157 42.44 -17.32 12.26
CA ARG F 157 42.05 -18.15 13.40
C ARG F 157 41.57 -19.52 12.95
N SER F 158 40.86 -19.57 11.82
CA SER F 158 40.31 -20.83 11.33
C SER F 158 41.37 -21.78 10.79
N LEU F 159 42.57 -21.27 10.49
CA LEU F 159 43.63 -22.08 9.91
C LEU F 159 44.75 -22.41 10.88
N VAL F 160 45.16 -21.45 11.70
CA VAL F 160 46.24 -21.64 12.67
C VAL F 160 45.63 -22.02 14.01
N LYS F 161 46.20 -23.02 14.65
CA LYS F 161 45.76 -23.38 15.98
C LYS F 161 46.35 -22.42 17.01
N PRO F 162 45.62 -22.13 18.09
CA PRO F 162 46.07 -21.09 19.03
C PRO F 162 47.46 -21.32 19.60
N GLU F 163 47.92 -22.56 19.66
CA GLU F 163 49.28 -22.83 20.14
C GLU F 163 50.34 -22.56 19.08
N ASN F 164 49.94 -22.24 17.85
CA ASN F 164 50.87 -21.85 16.80
C ASN F 164 50.68 -20.40 16.36
N TYR F 165 49.95 -19.61 17.15
CA TYR F 165 49.77 -18.20 16.82
C TYR F 165 51.11 -17.47 16.81
N ARG F 166 51.97 -17.73 17.81
CA ARG F 166 53.24 -17.05 17.91
C ARG F 166 54.23 -17.49 16.84
N ARG F 167 53.99 -18.65 16.20
CA ARG F 167 54.90 -19.16 15.19
C ARG F 167 54.76 -18.45 13.85
N LEU F 168 53.81 -17.53 13.72
CA LEU F 168 53.61 -16.80 12.47
C LEU F 168 54.58 -15.63 12.38
N ASP F 169 54.67 -15.05 11.19
CA ASP F 169 55.57 -13.94 10.90
C ASP F 169 54.73 -12.68 10.72
N ILE F 170 54.39 -12.05 11.83
CA ILE F 170 53.64 -10.80 11.86
C ILE F 170 54.11 -9.98 13.06
N VAL F 171 53.69 -8.72 13.10
CA VAL F 171 54.06 -7.85 14.22
C VAL F 171 53.45 -8.41 15.50
N ARG F 172 54.07 -8.08 16.63
CA ARG F 172 53.61 -8.60 17.91
C ARG F 172 52.18 -8.16 18.22
N SER F 173 51.80 -6.96 17.76
CA SER F 173 50.45 -6.46 18.03
C SER F 173 49.39 -7.41 17.49
N LEU F 174 49.62 -7.99 16.31
CA LEU F 174 48.65 -8.91 15.73
C LEU F 174 48.57 -10.23 16.49
N TYR F 175 49.61 -10.59 17.24
CA TYR F 175 49.54 -11.79 18.07
C TYR F 175 48.47 -11.64 19.14
N GLU F 176 48.43 -10.48 19.80
CA GLU F 176 47.42 -10.24 20.82
C GLU F 176 46.02 -10.16 20.21
N ASP F 177 45.92 -9.68 18.97
CA ASP F 177 44.61 -9.58 18.32
C ASP F 177 44.06 -10.95 17.97
N LEU F 178 44.93 -11.87 17.54
CA LEU F 178 44.48 -13.23 17.24
C LEU F 178 44.06 -13.97 18.52
N GLU F 179 44.74 -13.70 19.63
CA GLU F 179 44.45 -14.39 20.87
C GLU F 179 43.21 -13.86 21.57
N ASP F 180 42.82 -12.61 21.30
CA ASP F 180 41.60 -12.04 21.88
C ASP F 180 40.41 -12.56 21.09
N HIS F 181 40.06 -13.81 21.37
CA HIS F 181 38.97 -14.47 20.66
C HIS F 181 37.65 -13.74 20.91
N PRO F 182 36.74 -13.74 19.94
CA PRO F 182 35.40 -13.20 20.18
C PRO F 182 34.72 -13.96 21.31
N ASN F 183 34.22 -13.21 22.29
CA ASN F 183 33.69 -13.81 23.51
C ASN F 183 32.42 -13.07 23.91
N VAL F 184 31.45 -13.83 24.42
CA VAL F 184 30.15 -13.24 24.78
C VAL F 184 30.30 -12.34 26.01
N GLN F 185 30.97 -12.84 27.06
CA GLN F 185 31.13 -12.04 28.27
C GLN F 185 31.88 -10.74 28.01
N LYS F 186 32.81 -10.74 27.04
CA LYS F 186 33.55 -9.52 26.72
C LYS F 186 32.63 -8.46 26.12
N ASP F 187 31.77 -8.85 25.19
CA ASP F 187 30.85 -7.89 24.59
C ASP F 187 29.78 -7.47 25.58
N LEU F 188 29.38 -8.35 26.50
CA LEU F 188 28.40 -7.97 27.51
C LEU F 188 28.96 -6.89 28.43
N GLU F 189 30.23 -7.01 28.82
CA GLU F 189 30.87 -5.95 29.59
C GLU F 189 31.02 -4.68 28.76
N ARG F 190 31.28 -4.83 27.46
CA ARG F 190 31.40 -3.68 26.58
C ARG F 190 30.04 -3.03 26.34
N LEU F 191 28.99 -3.83 26.24
CA LEU F 191 27.66 -3.30 25.94
C LEU F 191 27.16 -2.39 27.05
N THR F 192 27.60 -2.62 28.29
CA THR F 192 27.21 -1.75 29.40
C THR F 192 27.88 -0.38 29.27
N GLN F 193 27.25 0.53 28.53
CA GLN F 193 27.79 1.86 28.33
C GLN F 193 26.74 2.93 28.57
N MET G 26 -18.45 -28.28 -11.12
CA MET G 26 -17.77 -28.65 -9.89
C MET G 26 -16.33 -28.12 -9.87
N ASP G 27 -15.76 -28.04 -8.67
CA ASP G 27 -14.38 -27.60 -8.52
C ASP G 27 -13.43 -28.76 -8.75
N VAL G 28 -12.42 -28.54 -9.59
CA VAL G 28 -11.33 -29.48 -9.77
C VAL G 28 -10.03 -28.79 -9.35
N PHE G 29 -9.15 -29.56 -8.72
CA PHE G 29 -7.91 -29.04 -8.18
C PHE G 29 -6.74 -29.74 -8.87
N LEU G 30 -5.80 -28.95 -9.38
CA LEU G 30 -4.84 -29.43 -10.36
C LEU G 30 -3.42 -29.11 -9.94
N MET G 31 -2.49 -29.87 -10.50
CA MET G 31 -1.05 -29.64 -10.36
C MET G 31 -0.48 -29.47 -11.76
N ILE G 32 -0.33 -28.22 -12.19
CA ILE G 32 0.29 -27.92 -13.48
C ILE G 32 1.80 -27.93 -13.29
N ARG G 33 2.48 -28.87 -13.94
CA ARG G 33 3.89 -29.12 -13.69
C ARG G 33 4.69 -29.08 -14.99
N ARG G 34 5.88 -28.50 -14.91
CA ARG G 34 6.85 -28.51 -16.01
C ARG G 34 8.24 -28.52 -15.42
N HIS G 35 9.04 -29.53 -15.78
CA HIS G 35 10.40 -29.68 -15.28
C HIS G 35 10.42 -29.73 -13.76
N LYS G 36 10.95 -28.68 -13.12
CA LYS G 36 11.02 -28.60 -11.67
C LYS G 36 10.03 -27.60 -11.09
N THR G 37 9.04 -27.18 -11.88
CA THR G 37 8.03 -26.23 -11.44
C THR G 37 6.69 -26.93 -11.30
N THR G 38 5.90 -26.46 -10.33
CA THR G 38 4.58 -27.03 -10.05
C THR G 38 3.64 -25.89 -9.66
N ILE G 39 2.52 -25.77 -10.36
CA ILE G 39 1.52 -24.75 -10.08
C ILE G 39 0.32 -25.42 -9.43
N PHE G 40 0.01 -25.01 -8.21
CA PHE G 40 -1.20 -25.45 -7.52
C PHE G 40 -2.32 -24.46 -7.80
N THR G 41 -3.36 -24.92 -8.48
CA THR G 41 -4.49 -24.05 -8.80
C THR G 41 -5.74 -24.91 -8.94
N ASP G 42 -6.88 -24.22 -9.04
CA ASP G 42 -8.18 -24.87 -9.17
C ASP G 42 -8.94 -24.24 -10.33
N ALA G 43 -9.96 -24.95 -10.80
CA ALA G 43 -10.79 -24.46 -11.89
C ALA G 43 -12.13 -25.18 -11.84
N LYS G 44 -13.05 -24.69 -12.65
CA LYS G 44 -14.36 -25.33 -12.76
C LYS G 44 -14.28 -26.54 -13.69
N GLU G 45 -15.19 -27.49 -13.47
CA GLU G 45 -15.27 -28.64 -14.36
C GLU G 45 -15.73 -28.25 -15.75
N SER G 46 -16.41 -27.12 -15.90
CA SER G 46 -16.90 -26.64 -17.18
C SER G 46 -15.94 -25.68 -17.86
N SER G 47 -14.82 -25.34 -17.23
CA SER G 47 -13.83 -24.47 -17.86
C SER G 47 -13.00 -25.26 -18.85
N THR G 48 -12.52 -24.55 -19.87
CA THR G 48 -11.82 -25.18 -20.98
C THR G 48 -10.30 -25.11 -20.80
N VAL G 49 -9.59 -25.82 -21.68
CA VAL G 49 -8.14 -25.87 -21.61
C VAL G 49 -7.54 -24.50 -21.93
N PHE G 50 -8.21 -23.72 -22.79
CA PHE G 50 -7.72 -22.39 -23.10
C PHE G 50 -7.74 -21.49 -21.87
N GLU G 51 -8.82 -21.53 -21.09
CA GLU G 51 -8.87 -20.76 -19.86
C GLU G 51 -7.81 -21.21 -18.87
N LEU G 52 -7.45 -22.50 -18.89
CA LEU G 52 -6.35 -22.98 -18.04
C LEU G 52 -5.01 -22.46 -18.53
N LYS G 53 -4.84 -22.32 -19.86
CA LYS G 53 -3.61 -21.74 -20.39
C LYS G 53 -3.49 -20.27 -20.01
N ARG G 54 -4.62 -19.57 -19.87
CA ARG G 54 -4.57 -18.17 -19.45
C ARG G 54 -4.19 -18.03 -17.99
N ILE G 55 -4.52 -19.02 -17.16
CA ILE G 55 -4.05 -19.02 -15.78
C ILE G 55 -2.54 -19.23 -15.74
N VAL G 56 -2.03 -20.18 -16.55
CA VAL G 56 -0.59 -20.34 -16.70
C VAL G 56 0.03 -19.09 -17.28
N GLU G 57 -0.72 -18.38 -18.14
CA GLU G 57 -0.20 -17.15 -18.74
C GLU G 57 0.01 -16.07 -17.68
N GLY G 58 -0.92 -15.92 -16.74
CA GLY G 58 -0.78 -14.89 -15.72
C GLY G 58 0.32 -15.18 -14.73
N ILE G 59 0.66 -16.45 -14.53
CA ILE G 59 1.67 -16.81 -13.54
C ILE G 59 3.05 -16.92 -14.18
N LEU G 60 3.16 -17.55 -15.35
CA LEU G 60 4.45 -17.85 -15.96
C LEU G 60 4.81 -16.94 -17.12
N LYS G 61 3.96 -15.96 -17.44
CA LYS G 61 4.23 -14.95 -18.47
C LYS G 61 4.52 -15.61 -19.82
N ARG G 62 3.57 -16.43 -20.28
CA ARG G 62 3.68 -17.10 -21.57
C ARG G 62 2.28 -17.18 -22.16
N PRO G 63 2.11 -16.83 -23.44
CA PRO G 63 0.76 -16.81 -24.04
C PRO G 63 0.27 -18.22 -24.33
N PRO G 64 -1.05 -18.41 -24.44
CA PRO G 64 -1.58 -19.76 -24.68
C PRO G 64 -1.05 -20.43 -25.94
N ASP G 65 -0.76 -19.65 -26.99
CA ASP G 65 -0.26 -20.23 -28.23
C ASP G 65 1.17 -20.73 -28.12
N GLU G 66 1.86 -20.45 -27.02
CA GLU G 66 3.24 -20.88 -26.83
C GLU G 66 3.37 -21.95 -25.75
N GLN G 67 2.27 -22.57 -25.33
CA GLN G 67 2.31 -23.62 -24.32
C GLN G 67 1.45 -24.80 -24.76
N ARG G 68 1.79 -25.98 -24.26
CA ARG G 68 1.06 -27.20 -24.54
C ARG G 68 0.73 -27.87 -23.21
N LEU G 69 -0.52 -28.29 -23.05
CA LEU G 69 -0.98 -28.95 -21.83
C LEU G 69 -1.26 -30.42 -22.12
N TYR G 70 -0.85 -31.29 -21.21
CA TYR G 70 -0.96 -32.73 -21.37
C TYR G 70 -1.63 -33.36 -20.16
N LYS G 71 -2.49 -34.35 -20.41
CA LYS G 71 -2.94 -35.29 -19.39
C LYS G 71 -2.29 -36.63 -19.72
N ASP G 72 -1.34 -37.04 -18.88
CA ASP G 72 -0.44 -38.17 -19.18
C ASP G 72 0.29 -37.80 -20.47
N ASP G 73 0.18 -38.57 -21.55
CA ASP G 73 0.83 -38.24 -22.80
C ASP G 73 -0.12 -37.61 -23.82
N GLN G 74 -1.40 -37.52 -23.50
CA GLN G 74 -2.39 -37.00 -24.44
C GLN G 74 -2.43 -35.48 -24.38
N LEU G 75 -2.34 -34.84 -25.54
CA LEU G 75 -2.43 -33.38 -25.63
C LEU G 75 -3.90 -32.96 -25.66
N LEU G 76 -4.21 -31.90 -24.90
CA LEU G 76 -5.57 -31.39 -24.81
C LEU G 76 -5.81 -30.28 -25.81
N ASP G 77 -6.97 -30.30 -26.44
CA ASP G 77 -7.38 -29.22 -27.32
C ASP G 77 -7.88 -28.03 -26.50
N ASP G 78 -7.68 -26.83 -27.05
CA ASP G 78 -8.04 -25.61 -26.32
C ASP G 78 -9.54 -25.51 -26.07
N GLY G 79 -10.35 -26.10 -26.95
CA GLY G 79 -11.80 -25.94 -26.84
C GLY G 79 -12.48 -26.89 -25.89
N LYS G 80 -11.85 -28.02 -25.57
CA LYS G 80 -12.46 -29.00 -24.69
C LYS G 80 -12.38 -28.55 -23.23
N THR G 81 -13.39 -28.92 -22.45
CA THR G 81 -13.45 -28.57 -21.04
C THR G 81 -12.71 -29.62 -20.21
N LEU G 82 -12.42 -29.25 -18.96
CA LEU G 82 -11.68 -30.15 -18.07
C LEU G 82 -12.50 -31.40 -17.75
N GLY G 83 -13.82 -31.26 -17.62
CA GLY G 83 -14.65 -32.41 -17.35
C GLY G 83 -14.63 -33.43 -18.48
N GLU G 84 -14.51 -32.95 -19.72
CA GLU G 84 -14.46 -33.83 -20.88
C GLU G 84 -13.17 -34.66 -20.90
N GLY G 86 -11.68 -35.88 -18.42
CA GLY G 86 -11.59 -36.72 -17.25
C GLY G 86 -11.05 -36.06 -15.99
N PHE G 87 -11.03 -34.73 -15.97
CA PHE G 87 -10.65 -33.98 -14.77
C PHE G 87 -11.92 -33.75 -13.98
N THR G 88 -12.23 -34.70 -13.10
CA THR G 88 -13.45 -34.66 -12.31
C THR G 88 -13.13 -34.34 -10.85
N SER G 89 -14.15 -33.85 -10.14
CA SER G 89 -13.98 -33.52 -8.73
C SER G 89 -13.63 -34.74 -7.88
N GLN G 90 -13.92 -35.94 -8.37
CA GLN G 90 -13.54 -37.16 -7.67
C GLN G 90 -12.11 -37.58 -7.95
N THR G 91 -11.52 -37.11 -9.05
CA THR G 91 -10.12 -37.39 -9.37
C THR G 91 -9.20 -36.20 -9.17
N ALA G 92 -9.74 -35.00 -8.99
CA ALA G 92 -8.95 -33.78 -8.82
C ALA G 92 -9.37 -33.12 -7.51
N ARG G 93 -9.01 -33.75 -6.38
CA ARG G 93 -9.41 -33.36 -5.04
C ARG G 93 -8.34 -32.46 -4.40
N PRO G 94 -8.74 -31.62 -3.43
CA PRO G 94 -7.76 -30.70 -2.83
C PRO G 94 -6.61 -31.41 -2.13
N GLN G 95 -6.88 -32.55 -1.49
CA GLN G 95 -5.84 -33.31 -0.83
C GLN G 95 -5.04 -34.19 -1.78
N ALA G 96 -5.48 -34.34 -3.02
CA ALA G 96 -4.77 -35.14 -4.02
C ALA G 96 -5.09 -34.59 -5.40
N PRO G 97 -4.48 -33.48 -5.78
CA PRO G 97 -4.84 -32.84 -7.05
C PRO G 97 -4.34 -33.62 -8.26
N ALA G 98 -5.05 -33.47 -9.36
CA ALA G 98 -4.67 -34.12 -10.60
C ALA G 98 -3.52 -33.38 -11.27
N THR G 99 -2.69 -34.13 -11.99
CA THR G 99 -1.48 -33.59 -12.60
C THR G 99 -1.76 -33.24 -14.06
N VAL G 100 -1.36 -32.03 -14.45
CA VAL G 100 -1.50 -31.55 -15.83
C VAL G 100 -0.10 -31.20 -16.33
N GLY G 101 0.34 -31.88 -17.39
CA GLY G 101 1.64 -31.60 -17.97
C GLY G 101 1.67 -30.27 -18.71
N LEU G 102 2.87 -29.73 -18.84
CA LEU G 102 3.05 -28.44 -19.51
C LEU G 102 4.38 -28.43 -20.24
N ALA G 103 4.35 -28.00 -21.50
CA ALA G 103 5.55 -27.83 -22.32
C ALA G 103 5.48 -26.47 -23.00
N PHE G 104 6.59 -25.75 -22.97
CA PHE G 104 6.69 -24.43 -23.57
C PHE G 104 7.27 -24.52 -24.98
N ARG G 105 7.01 -23.48 -25.77
CA ARG G 105 7.58 -23.36 -27.11
C ARG G 105 8.86 -22.54 -27.02
N ALA G 106 9.98 -23.17 -27.33
CA ALA G 106 11.29 -22.51 -27.31
C ALA G 106 11.70 -22.22 -28.75
N ASP G 107 11.64 -20.95 -29.13
CA ASP G 107 12.05 -20.48 -30.46
C ASP G 107 11.27 -21.18 -31.56
N ASP G 108 11.92 -22.09 -32.29
CA ASP G 108 11.32 -22.68 -33.47
C ASP G 108 10.20 -23.65 -33.11
N THR G 109 10.52 -24.67 -32.31
CA THR G 109 9.59 -25.76 -32.03
C THR G 109 9.24 -25.80 -30.54
N PHE G 110 8.19 -26.56 -30.24
CA PHE G 110 7.81 -26.82 -28.87
C PHE G 110 8.80 -27.79 -28.22
N GLU G 111 9.03 -27.59 -26.92
CA GLU G 111 9.88 -28.50 -26.19
C GLU G 111 9.10 -29.77 -25.83
N ALA G 112 9.84 -30.83 -25.54
CA ALA G 112 9.23 -32.08 -25.15
C ALA G 112 8.66 -31.99 -23.73
N LEU G 113 7.60 -32.74 -23.48
CA LEU G 113 6.98 -32.77 -22.16
C LEU G 113 7.90 -33.45 -21.16
N ILE G 115 8.77 -33.70 -16.86
CA ILE G 115 8.40 -33.40 -15.48
C ILE G 115 9.37 -34.11 -14.54
N GLU G 116 10.14 -33.33 -13.78
CA GLU G 116 11.09 -33.91 -12.85
C GLU G 116 10.34 -34.46 -11.63
N PRO G 117 10.57 -35.72 -11.26
CA PRO G 117 9.87 -36.27 -10.09
C PRO G 117 10.36 -35.61 -8.81
N PHE G 118 9.48 -35.60 -7.80
CA PHE G 118 9.86 -35.11 -6.50
C PHE G 118 10.92 -36.02 -5.88
N SER G 119 11.56 -35.53 -4.82
CA SER G 119 12.60 -36.29 -4.16
C SER G 119 12.06 -37.62 -3.63
N SER G 120 12.93 -38.60 -3.51
CA SER G 120 12.41 -39.87 -3.03
C SER G 120 12.50 -39.92 -1.50
N PRO G 121 11.48 -40.47 -0.84
CA PRO G 121 11.54 -40.59 0.61
C PRO G 121 12.44 -41.73 1.03
N PRO G 122 13.15 -41.60 2.15
CA PRO G 122 14.05 -42.66 2.59
C PRO G 122 13.28 -43.91 3.00
N GLU G 123 14.04 -44.96 3.29
CA GLU G 123 13.43 -46.22 3.70
C GLU G 123 12.65 -46.05 4.99
N LEU G 124 11.59 -46.83 5.13
CA LEU G 124 10.79 -46.79 6.35
C LEU G 124 11.63 -47.26 7.53
N PRO G 125 11.62 -46.54 8.65
CA PRO G 125 12.36 -47.02 9.82
C PRO G 125 11.82 -48.36 10.30
N ASP G 126 12.69 -49.11 10.98
CA ASP G 126 12.28 -50.41 11.51
C ASP G 126 11.15 -50.26 12.52
N VAL G 127 11.05 -49.10 13.17
CA VAL G 127 9.99 -48.86 14.13
C VAL G 127 8.62 -48.85 13.45
N MET G 128 8.55 -48.38 12.21
CA MET G 128 7.31 -48.36 11.46
C MET G 128 7.20 -49.57 10.53
N MET H 1 -5.74 -14.53 -7.00
CA MET H 1 -5.11 -14.34 -8.30
C MET H 1 -3.62 -14.04 -8.16
N MET H 2 -3.20 -13.69 -6.96
CA MET H 2 -1.80 -13.46 -6.65
C MET H 2 -1.17 -14.76 -6.15
N TYR H 3 0.08 -14.98 -6.54
CA TYR H 3 0.76 -16.24 -6.25
C TYR H 3 2.11 -15.97 -5.60
N VAL H 4 2.60 -16.98 -4.88
CA VAL H 4 3.92 -16.96 -4.26
C VAL H 4 4.62 -18.27 -4.60
N LYS H 5 5.94 -18.28 -4.41
CA LYS H 5 6.78 -19.40 -4.77
C LYS H 5 7.44 -19.98 -3.53
N LEU H 6 7.34 -21.30 -3.37
CA LEU H 6 7.98 -22.03 -2.28
C LEU H 6 8.98 -23.01 -2.89
N ILE H 7 10.26 -22.78 -2.64
CA ILE H 7 11.35 -23.60 -3.20
C ILE H 7 11.75 -24.65 -2.17
N SER H 8 11.83 -25.90 -2.60
CA SER H 8 12.23 -26.99 -1.74
C SER H 8 13.75 -27.09 -1.69
N SER H 9 14.26 -27.99 -0.84
CA SER H 9 15.70 -28.13 -0.68
C SER H 9 16.38 -28.74 -1.89
N ASP H 10 15.64 -29.42 -2.77
CA ASP H 10 16.21 -30.06 -3.94
C ASP H 10 15.92 -29.28 -5.22
N GLY H 11 15.46 -28.04 -5.13
CA GLY H 11 15.31 -27.18 -6.28
C GLY H 11 13.90 -27.03 -6.81
N HIS H 12 12.96 -27.87 -6.36
CA HIS H 12 11.59 -27.80 -6.87
C HIS H 12 10.93 -26.49 -6.47
N GLU H 13 10.19 -25.90 -7.41
CA GLU H 13 9.49 -24.65 -7.20
C GLU H 13 8.00 -24.91 -7.21
N PHE H 14 7.33 -24.60 -6.09
CA PHE H 14 5.89 -24.76 -5.95
C PHE H 14 5.24 -23.38 -5.91
N ILE H 15 4.30 -23.14 -6.81
CA ILE H 15 3.63 -21.84 -6.94
C ILE H 15 2.19 -22.02 -6.48
N VAL H 16 1.89 -21.52 -5.29
CA VAL H 16 0.55 -21.60 -4.72
C VAL H 16 -0.06 -20.21 -4.65
N LYS H 17 -1.37 -20.17 -4.43
CA LYS H 17 -2.06 -18.89 -4.30
C LYS H 17 -1.58 -18.15 -3.07
N ARG H 18 -1.56 -16.81 -3.17
CA ARG H 18 -1.16 -15.98 -2.03
C ARG H 18 -2.09 -16.18 -0.85
N GLU H 19 -3.40 -16.26 -1.12
CA GLU H 19 -4.37 -16.45 -0.04
C GLU H 19 -4.22 -17.82 0.62
N HIS H 20 -3.77 -18.82 -0.12
CA HIS H 20 -3.61 -20.16 0.44
C HIS H 20 -2.37 -20.26 1.31
N ALA H 21 -1.29 -19.58 0.94
CA ALA H 21 -0.05 -19.65 1.71
C ALA H 21 -0.16 -18.94 3.05
N LEU H 22 -1.09 -17.99 3.18
CA LEU H 22 -1.29 -17.29 4.45
C LEU H 22 -1.86 -18.20 5.53
N THR H 23 -2.24 -19.44 5.18
CA THR H 23 -2.67 -20.39 6.20
C THR H 23 -1.57 -20.64 7.22
N SER H 24 -0.34 -20.84 6.75
CA SER H 24 0.80 -21.00 7.64
C SER H 24 1.19 -19.62 8.18
N GLY H 25 1.04 -19.43 9.49
CA GLY H 25 1.43 -18.17 10.10
C GLY H 25 2.92 -17.89 9.97
N THR H 26 3.73 -18.93 9.94
CA THR H 26 5.16 -18.75 9.73
C THR H 26 5.43 -18.17 8.34
N ILE H 27 4.82 -18.76 7.32
CA ILE H 27 4.99 -18.24 5.96
C ILE H 27 4.48 -16.81 5.86
N LYS H 28 3.34 -16.52 6.50
CA LYS H 28 2.82 -15.16 6.53
C LYS H 28 3.81 -14.20 7.19
N ALA H 29 4.61 -14.69 8.14
CA ALA H 29 5.62 -13.84 8.78
C ALA H 29 6.81 -13.61 7.85
N MET H 30 7.32 -14.67 7.23
CA MET H 30 8.44 -14.52 6.31
C MET H 30 8.08 -13.67 5.10
N LEU H 31 6.79 -13.61 4.74
CA LEU H 31 6.39 -12.82 3.59
C LEU H 31 6.54 -11.32 3.86
N SER H 32 6.25 -10.89 5.08
CA SER H 32 6.35 -9.46 5.40
C SER H 32 7.78 -9.02 5.66
N GLY H 33 8.61 -9.90 6.20
CA GLY H 33 9.99 -9.56 6.51
C GLY H 33 10.12 -8.53 7.62
N ASN H 43 6.63 -12.56 -4.29
CA ASN H 43 7.70 -12.89 -3.36
C ASN H 43 8.02 -14.38 -3.39
N GLU H 44 9.16 -14.75 -2.81
CA GLU H 44 9.63 -16.13 -2.81
C GLU H 44 10.09 -16.51 -1.41
N VAL H 45 9.94 -17.78 -1.07
CA VAL H 45 10.43 -18.33 0.19
C VAL H 45 11.23 -19.58 -0.13
N ASN H 46 12.42 -19.68 0.45
CA ASN H 46 13.33 -20.80 0.21
C ASN H 46 13.41 -21.66 1.48
N PHE H 47 13.31 -22.98 1.30
CA PHE H 47 13.37 -23.92 2.41
C PHE H 47 14.53 -24.88 2.15
N ARG H 48 15.68 -24.59 2.74
CA ARG H 48 16.86 -25.44 2.58
C ARG H 48 16.72 -26.77 3.30
N GLU H 49 15.69 -26.95 4.13
CA GLU H 49 15.59 -28.10 5.00
C GLU H 49 14.42 -29.03 4.69
N ILE H 50 13.52 -28.64 3.80
CA ILE H 50 12.33 -29.43 3.49
C ILE H 50 12.44 -29.91 2.06
N PRO H 51 12.46 -31.23 1.80
CA PRO H 51 12.56 -31.72 0.43
C PRO H 51 11.26 -31.54 -0.34
N SER H 52 11.26 -31.94 -1.63
CA SER H 52 10.10 -31.71 -2.48
C SER H 52 8.95 -32.66 -2.15
N HIS H 53 9.26 -33.93 -1.85
CA HIS H 53 8.20 -34.88 -1.50
C HIS H 53 7.52 -34.55 -0.19
N VAL H 54 8.02 -33.56 0.55
CA VAL H 54 7.37 -33.06 1.75
C VAL H 54 6.72 -31.70 1.52
N LEU H 55 7.40 -30.80 0.81
CA LEU H 55 6.84 -29.49 0.52
C LEU H 55 5.62 -29.60 -0.40
N SER H 56 5.57 -30.61 -1.26
CA SER H 56 4.41 -30.78 -2.13
C SER H 56 3.17 -31.13 -1.33
N LYS H 57 3.31 -32.04 -0.35
CA LYS H 57 2.18 -32.37 0.51
C LYS H 57 1.76 -31.19 1.37
N VAL H 58 2.70 -30.31 1.72
CA VAL H 58 2.35 -29.11 2.47
C VAL H 58 1.43 -28.21 1.65
N CYS H 59 1.77 -28.03 0.36
CA CYS H 59 0.92 -27.23 -0.51
C CYS H 59 -0.45 -27.87 -0.69
N MET H 60 -0.50 -29.21 -0.72
CA MET H 60 -1.80 -29.89 -0.81
C MET H 60 -2.64 -29.65 0.42
N TYR H 61 -2.01 -29.61 1.60
CA TYR H 61 -2.75 -29.28 2.81
C TYR H 61 -3.29 -27.86 2.75
N PHE H 62 -2.57 -26.95 2.09
CA PHE H 62 -3.03 -25.57 1.97
C PHE H 62 -4.35 -25.51 1.19
N THR H 63 -4.41 -26.20 0.05
CA THR H 63 -5.66 -26.28 -0.70
C THR H 63 -6.73 -27.01 0.11
N TYR H 64 -6.33 -28.07 0.80
CA TYR H 64 -7.28 -28.85 1.59
C TYR H 64 -7.86 -28.05 2.74
N LYS H 65 -7.09 -27.11 3.29
CA LYS H 65 -7.55 -26.33 4.43
C LYS H 65 -8.54 -25.25 3.99
N VAL H 66 -8.21 -24.51 2.92
CA VAL H 66 -9.08 -23.42 2.48
C VAL H 66 -10.40 -23.96 1.97
N ARG H 67 -10.42 -25.17 1.41
CA ARG H 67 -11.65 -25.69 0.81
C ARG H 67 -12.65 -26.12 1.88
N TYR H 68 -12.20 -26.79 2.93
CA TYR H 68 -13.08 -27.44 3.88
C TYR H 68 -13.23 -26.70 5.20
N THR H 69 -12.53 -25.58 5.40
CA THR H 69 -12.69 -24.82 6.63
C THR H 69 -14.00 -24.05 6.59
N ASN H 70 -14.79 -24.18 7.66
CA ASN H 70 -16.11 -23.56 7.77
C ASN H 70 -17.02 -23.98 6.62
N SER H 71 -17.15 -25.30 6.45
CA SER H 71 -17.96 -25.88 5.40
C SER H 71 -18.80 -27.02 5.97
N SER H 72 -20.04 -27.11 5.50
CA SER H 72 -20.94 -28.18 5.93
C SER H 72 -20.77 -29.46 5.13
N THR H 73 -20.01 -29.42 4.04
CA THR H 73 -19.74 -30.63 3.28
C THR H 73 -18.95 -31.62 4.14
N GLU H 74 -19.25 -32.91 3.97
CA GLU H 74 -18.55 -33.95 4.70
C GLU H 74 -17.05 -33.88 4.46
N ILE H 75 -16.28 -33.55 5.50
CA ILE H 75 -14.84 -33.34 5.34
C ILE H 75 -14.16 -34.70 5.16
N PRO H 76 -13.37 -34.89 4.11
CA PRO H 76 -12.63 -36.15 3.96
C PRO H 76 -11.28 -36.11 4.68
N GLU H 77 -10.75 -37.30 4.92
CA GLU H 77 -9.48 -37.42 5.62
C GLU H 77 -8.33 -36.90 4.77
N PHE H 78 -7.37 -36.26 5.41
CA PHE H 78 -6.16 -35.83 4.72
C PHE H 78 -5.16 -36.97 4.70
N PRO H 79 -4.82 -37.52 3.54
CA PRO H 79 -3.91 -38.67 3.50
C PRO H 79 -2.46 -38.26 3.71
N ILE H 80 -1.73 -39.10 4.44
CA ILE H 80 -0.30 -38.93 4.68
C ILE H 80 0.34 -40.30 4.55
N ALA H 81 1.21 -40.47 3.56
CA ALA H 81 1.90 -41.73 3.37
C ALA H 81 2.84 -42.03 4.53
N PRO H 82 2.98 -43.29 4.91
CA PRO H 82 3.86 -43.63 6.04
C PRO H 82 5.32 -43.29 5.78
N GLU H 83 5.75 -43.28 4.52
CA GLU H 83 7.15 -43.05 4.19
C GLU H 83 7.54 -41.58 4.30
N ILE H 84 6.57 -40.66 4.34
CA ILE H 84 6.84 -39.24 4.47
C ILE H 84 6.29 -38.66 5.77
N ALA H 85 5.67 -39.49 6.61
CA ALA H 85 5.04 -38.98 7.83
C ALA H 85 6.05 -38.34 8.76
N LEU H 86 7.24 -38.94 8.88
CA LEU H 86 8.25 -38.41 9.79
C LEU H 86 8.67 -37.00 9.41
N GLU H 87 9.01 -36.79 8.13
CA GLU H 87 9.50 -35.48 7.70
C GLU H 87 8.39 -34.45 7.64
N LEU H 88 7.16 -34.87 7.34
CA LEU H 88 6.05 -33.92 7.32
C LEU H 88 5.76 -33.39 8.71
N LEU H 89 6.02 -34.17 9.76
CA LEU H 89 5.83 -33.69 11.12
C LEU H 89 6.80 -32.55 11.44
N MET H 90 8.09 -32.74 11.13
CA MET H 90 9.08 -31.70 11.41
C MET H 90 8.80 -30.44 10.58
N ALA H 91 8.28 -30.60 9.37
CA ALA H 91 7.95 -29.44 8.55
C ALA H 91 6.70 -28.74 9.09
N ALA H 92 5.68 -29.50 9.46
CA ALA H 92 4.47 -28.91 10.02
C ALA H 92 4.75 -28.18 11.32
N ASN H 93 5.68 -28.72 12.13
CA ASN H 93 6.13 -28.02 13.32
C ASN H 93 6.72 -26.66 12.95
N PHE H 94 7.65 -26.65 12.01
CA PHE H 94 8.33 -25.41 11.64
C PHE H 94 7.38 -24.44 10.95
N LEU H 95 6.46 -24.94 10.14
CA LEU H 95 5.56 -24.07 9.39
C LEU H 95 4.40 -23.53 10.23
N ASP H 96 4.12 -24.16 11.37
CA ASP H 96 3.03 -23.75 12.26
C ASP H 96 1.69 -23.74 11.51
N CYS H 97 1.35 -24.91 10.96
CA CYS H 97 0.11 -25.07 10.23
C CYS H 97 -0.52 -26.44 10.51
N VAL I 52 -18.33 -29.18 36.86
CA VAL I 52 -18.68 -27.94 36.17
C VAL I 52 -19.45 -28.24 34.89
N LEU I 53 -18.80 -28.91 33.94
CA LEU I 53 -19.42 -29.32 32.69
C LEU I 53 -20.10 -30.65 32.92
N ARG I 54 -21.43 -30.66 32.92
CA ARG I 54 -22.19 -31.86 33.23
C ARG I 54 -23.57 -31.75 32.62
N SER I 55 -24.24 -32.90 32.55
CA SER I 55 -25.63 -32.95 32.10
C SER I 55 -26.56 -32.59 33.26
N VAL I 56 -27.63 -31.87 32.94
CA VAL I 56 -28.65 -31.53 33.92
C VAL I 56 -29.72 -32.62 33.89
N ASN I 57 -30.08 -33.14 35.07
CA ASN I 57 -31.06 -34.21 35.18
C ASN I 57 -32.45 -33.62 35.00
N SER I 58 -32.80 -33.37 33.73
CA SER I 58 -34.07 -32.75 33.40
C SER I 58 -35.22 -33.76 33.38
N ARG I 59 -34.92 -35.04 33.21
CA ARG I 59 -35.95 -36.09 33.09
C ARG I 59 -36.91 -35.81 31.94
N GLU I 60 -36.44 -35.09 30.93
CA GLU I 60 -37.24 -34.77 29.75
C GLU I 60 -36.65 -35.48 28.54
N PRO I 61 -37.24 -36.57 28.08
CA PRO I 61 -36.62 -37.35 26.99
C PRO I 61 -36.55 -36.56 25.68
N SER I 62 -35.54 -36.88 24.88
CA SER I 62 -35.32 -36.23 23.60
C SER I 62 -34.69 -37.22 22.64
N GLN I 63 -35.36 -37.49 21.53
CA GLN I 63 -34.86 -38.45 20.55
C GLN I 63 -33.83 -37.78 19.64
N VAL I 64 -32.70 -38.45 19.44
CA VAL I 64 -31.57 -37.89 18.69
C VAL I 64 -31.13 -38.89 17.63
N ILE I 65 -30.69 -38.36 16.50
CA ILE I 65 -30.11 -39.14 15.41
C ILE I 65 -28.60 -38.97 15.48
N PHE I 66 -27.89 -40.06 15.79
CA PHE I 66 -26.43 -40.05 15.74
C PHE I 66 -25.95 -40.43 14.34
N ASN I 68 -23.03 -40.44 11.60
CA ASN I 68 -21.59 -40.38 11.48
C ASN I 68 -21.14 -40.05 10.07
N ARG I 69 -21.01 -38.76 9.76
CA ARG I 69 -20.50 -38.31 8.47
C ARG I 69 -18.98 -38.13 8.54
N SER I 70 -18.29 -39.23 8.85
CA SER I 70 -16.85 -39.21 9.01
C SER I 70 -16.30 -40.60 8.72
N PRO I 71 -15.03 -40.71 8.31
CA PRO I 71 -14.45 -42.02 8.02
C PRO I 71 -13.89 -42.75 9.24
N ARG I 72 -14.11 -42.24 10.44
CA ARG I 72 -13.60 -42.86 11.66
C ARG I 72 -14.72 -43.55 12.42
N VAL I 73 -14.36 -44.61 13.15
CA VAL I 73 -15.29 -45.24 14.08
C VAL I 73 -15.51 -44.28 15.25
N VAL I 74 -16.74 -43.82 15.40
CA VAL I 74 -17.05 -42.75 16.36
C VAL I 74 -17.47 -43.36 17.69
N LEU I 75 -16.84 -42.89 18.77
CA LEU I 75 -17.24 -43.28 20.11
C LEU I 75 -18.03 -42.13 20.73
N PRO I 76 -19.33 -42.29 20.97
CA PRO I 76 -20.08 -41.22 21.64
C PRO I 76 -19.78 -41.21 23.13
N VAL I 77 -19.65 -40.00 23.68
CA VAL I 77 -19.31 -39.81 25.08
C VAL I 77 -20.36 -38.92 25.72
N TRP I 78 -21.04 -39.43 26.73
CA TRP I 78 -22.00 -38.66 27.51
C TRP I 78 -21.38 -38.28 28.84
N LEU I 79 -21.55 -37.01 29.23
CA LEU I 79 -21.11 -36.52 30.53
C LEU I 79 -22.25 -36.73 31.53
N ASN I 80 -22.01 -37.56 32.54
CA ASN I 80 -23.07 -37.87 33.50
C ASN I 80 -23.34 -36.66 34.39
N PHE I 81 -24.23 -36.86 35.36
CA PHE I 81 -24.65 -35.77 36.23
C PHE I 81 -23.52 -35.29 37.14
N ASP I 82 -22.48 -36.09 37.33
CA ASP I 82 -21.30 -35.67 38.07
C ASP I 82 -20.21 -35.08 37.18
N GLY I 83 -20.45 -35.01 35.87
CA GLY I 83 -19.47 -34.51 34.94
C GLY I 83 -18.48 -35.54 34.43
N GLU I 84 -18.62 -36.80 34.83
CA GLU I 84 -17.70 -37.83 34.41
C GLU I 84 -18.11 -38.38 33.04
N PRO I 85 -17.18 -38.52 32.10
CA PRO I 85 -17.55 -39.01 30.77
C PRO I 85 -17.91 -40.49 30.79
N GLN I 86 -18.94 -40.84 30.02
CA GLN I 86 -19.43 -42.21 29.93
C GLN I 86 -19.41 -42.67 28.47
N PRO I 87 -18.67 -43.71 28.13
CA PRO I 87 -18.63 -44.15 26.73
C PRO I 87 -19.86 -44.98 26.37
N TYR I 88 -20.31 -44.80 25.13
CA TYR I 88 -21.48 -45.49 24.60
C TYR I 88 -21.09 -46.30 23.37
N PRO I 89 -21.93 -47.23 22.91
CA PRO I 89 -21.53 -48.10 21.79
C PRO I 89 -21.06 -47.32 20.57
N THR I 90 -20.00 -47.83 19.95
CA THR I 90 -19.38 -47.15 18.83
C THR I 90 -20.25 -47.22 17.58
N LEU I 91 -20.03 -46.26 16.68
CA LEU I 91 -20.73 -46.18 15.41
C LEU I 91 -19.74 -46.42 14.28
N PRO I 92 -19.97 -47.43 13.43
CA PRO I 92 -19.08 -47.62 12.27
C PRO I 92 -19.14 -46.41 11.35
N PRO I 93 -18.12 -46.23 10.51
CA PRO I 93 -18.11 -45.04 9.63
C PRO I 93 -19.28 -45.06 8.65
N GLY I 94 -19.90 -43.89 8.47
CA GLY I 94 -20.98 -43.72 7.53
C GLY I 94 -22.32 -44.25 7.97
N THR I 95 -22.51 -44.52 9.26
CA THR I 95 -23.74 -45.11 9.76
C THR I 95 -24.50 -44.10 10.61
N GLY I 96 -25.79 -44.41 10.81
CA GLY I 96 -26.64 -43.59 11.65
C GLY I 96 -27.37 -44.44 12.67
N ARG I 97 -27.84 -43.78 13.73
CA ARG I 97 -28.49 -44.49 14.82
C ARG I 97 -29.44 -43.54 15.55
N ARG I 98 -30.67 -44.02 15.78
CA ARG I 98 -31.63 -43.31 16.62
C ARG I 98 -31.40 -43.71 18.07
N ILE I 99 -31.14 -42.72 18.92
CA ILE I 99 -30.87 -42.97 20.34
C ILE I 99 -31.86 -42.15 21.17
N HIS I 100 -32.11 -42.63 22.38
CA HIS I 100 -33.01 -41.97 23.33
C HIS I 100 -32.16 -41.24 24.36
N SER I 101 -32.22 -39.91 24.35
CA SER I 101 -31.49 -39.11 25.32
C SER I 101 -32.44 -38.25 26.13
N TYR I 102 -31.95 -37.12 26.64
CA TYR I 102 -32.76 -36.23 27.45
C TYR I 102 -32.36 -34.79 27.19
N ARG I 103 -33.32 -33.88 27.40
CA ARG I 103 -33.05 -32.46 27.22
C ARG I 103 -32.02 -31.98 28.24
N GLY I 104 -31.03 -31.23 27.76
CA GLY I 104 -30.01 -30.68 28.63
C GLY I 104 -28.81 -31.58 28.87
N HIS I 105 -28.77 -32.77 28.27
CA HIS I 105 -27.62 -33.64 28.44
C HIS I 105 -26.48 -33.21 27.52
N LEU I 106 -25.28 -33.66 27.85
CA LEU I 106 -24.05 -33.21 27.19
C LEU I 106 -23.40 -34.39 26.49
N TRP I 107 -23.06 -34.21 25.21
CA TRP I 107 -22.45 -35.25 24.39
C TRP I 107 -21.21 -34.72 23.69
N LEU I 108 -20.19 -35.55 23.59
CA LEU I 108 -19.04 -35.30 22.73
C LEU I 108 -18.67 -36.60 22.03
N PHE I 109 -17.90 -36.48 20.95
CA PHE I 109 -17.64 -37.61 20.08
C PHE I 109 -16.16 -37.67 19.71
N ARG I 110 -15.61 -38.89 19.73
CA ARG I 110 -14.19 -39.11 19.55
C ARG I 110 -13.96 -40.27 18.60
N ASP I 111 -12.72 -40.40 18.15
CA ASP I 111 -12.30 -41.61 17.44
C ASP I 111 -12.21 -42.75 18.44
N ALA I 112 -12.92 -43.84 18.17
CA ALA I 112 -13.03 -44.92 19.14
C ALA I 112 -11.70 -45.59 19.43
N GLY I 113 -10.74 -45.50 18.51
CA GLY I 113 -9.46 -46.16 18.69
C GLY I 113 -8.35 -45.24 19.18
N THR I 114 -8.39 -43.98 18.75
CA THR I 114 -7.32 -43.03 19.05
C THR I 114 -7.76 -41.83 19.87
N HIS I 115 -9.05 -41.64 20.09
CA HIS I 115 -9.61 -40.55 20.89
C HIS I 115 -9.36 -39.18 20.27
N ASP I 116 -9.07 -39.12 18.97
CA ASP I 116 -8.98 -37.84 18.29
C ASP I 116 -10.31 -37.10 18.39
N GLY I 117 -10.24 -35.79 18.61
CA GLY I 117 -11.44 -35.02 18.76
C GLY I 117 -12.19 -34.89 17.44
N LEU I 118 -13.50 -35.02 17.51
CA LEU I 118 -14.38 -34.85 16.37
C LEU I 118 -15.38 -33.73 16.65
N LEU I 119 -16.03 -33.27 15.58
CA LEU I 119 -17.04 -32.24 15.68
C LEU I 119 -18.43 -32.84 15.52
N VAL I 120 -19.40 -32.25 16.20
CA VAL I 120 -20.81 -32.62 16.06
C VAL I 120 -21.59 -31.34 15.79
N ASN I 121 -22.21 -31.26 14.61
CA ASN I 121 -22.87 -30.04 14.15
C ASN I 121 -21.92 -28.85 14.22
N GLN I 122 -20.65 -29.09 13.84
CA GLN I 122 -19.61 -28.07 13.79
C GLN I 122 -19.35 -27.46 15.16
N THR I 123 -19.41 -28.28 16.20
CA THR I 123 -19.14 -27.82 17.56
C THR I 123 -18.57 -28.99 18.35
N GLU I 124 -17.89 -28.67 19.46
CA GLU I 124 -17.32 -29.69 20.32
C GLU I 124 -18.37 -30.44 21.11
N LEU I 125 -19.47 -29.78 21.49
CA LEU I 125 -20.46 -30.36 22.39
C LEU I 125 -21.84 -30.33 21.76
N PHE I 126 -22.60 -31.40 21.99
CA PHE I 126 -23.98 -31.50 21.51
C PHE I 126 -24.91 -31.61 22.70
N VAL I 127 -25.96 -30.78 22.70
CA VAL I 127 -26.97 -30.81 23.76
C VAL I 127 -28.33 -31.07 23.14
N PRO I 128 -28.98 -32.20 23.42
CA PRO I 128 -30.32 -32.45 22.85
C PRO I 128 -31.31 -31.40 23.31
N SER I 129 -32.03 -30.83 22.35
CA SER I 129 -33.02 -29.79 22.60
C SER I 129 -34.42 -30.40 22.64
N LEU I 130 -35.43 -29.55 22.71
CA LEU I 130 -36.81 -30.01 22.72
C LEU I 130 -37.20 -30.56 21.35
N ASN I 131 -37.93 -31.68 21.36
CA ASN I 131 -38.37 -32.30 20.12
C ASN I 131 -39.65 -31.61 19.64
N VAL I 132 -39.57 -30.95 18.48
CA VAL I 132 -40.72 -30.31 17.87
C VAL I 132 -41.38 -31.30 16.92
N ASP I 133 -42.70 -31.46 17.05
CA ASP I 133 -43.46 -32.47 16.30
C ASP I 133 -42.84 -33.84 16.63
N GLY I 134 -42.69 -34.72 15.65
CA GLY I 134 -42.01 -35.99 15.88
C GLY I 134 -40.64 -35.99 15.23
N GLN I 135 -40.00 -34.83 15.19
CA GLN I 135 -38.72 -34.68 14.52
C GLN I 135 -37.59 -34.92 15.49
N PRO I 136 -36.75 -35.93 15.29
CA PRO I 136 -35.58 -36.11 16.16
C PRO I 136 -34.49 -35.10 15.84
N ILE I 137 -33.73 -34.73 16.87
CA ILE I 137 -32.61 -33.83 16.67
C ILE I 137 -31.48 -34.59 15.98
N PHE I 138 -30.83 -33.93 15.01
CA PHE I 138 -29.77 -34.54 14.23
C PHE I 138 -28.41 -34.14 14.79
N ALA I 139 -27.56 -35.13 15.01
CA ALA I 139 -26.18 -34.92 15.49
C ALA I 139 -25.24 -35.41 14.38
N ASN I 140 -24.78 -34.48 13.55
CA ASN I 140 -23.90 -34.81 12.43
C ASN I 140 -22.46 -34.79 12.91
N ILE I 141 -21.86 -35.98 13.03
CA ILE I 141 -20.47 -36.11 13.46
C ILE I 141 -19.58 -36.09 12.23
N THR I 142 -18.74 -35.07 12.12
CA THR I 142 -17.86 -34.91 10.98
C THR I 142 -16.41 -34.77 11.44
N LEU I 143 -15.49 -35.09 10.53
CA LEU I 143 -14.09 -34.84 10.79
C LEU I 143 -13.86 -33.33 10.88
N PRO I 144 -12.99 -32.87 11.79
CA PRO I 144 -12.57 -31.47 11.78
C PRO I 144 -11.33 -31.27 10.91
N VAL I 145 -11.11 -30.02 10.53
CA VAL I 145 -9.92 -29.67 9.77
C VAL I 145 -8.74 -29.64 10.74
N TYR I 146 -8.14 -30.80 10.99
CA TYR I 146 -6.98 -30.88 11.87
C TYR I 146 -5.84 -30.03 11.32
N THR I 147 -5.03 -29.51 12.24
CA THR I 147 -3.77 -28.91 11.82
C THR I 147 -2.89 -29.99 11.19
N LEU I 148 -2.04 -29.57 10.27
CA LEU I 148 -1.11 -30.52 9.64
C LEU I 148 -0.23 -31.18 10.69
N LYS I 149 0.16 -30.44 11.72
CA LYS I 149 0.96 -31.00 12.80
C LYS I 149 0.20 -32.08 13.54
N GLU I 150 -1.06 -31.81 13.89
CA GLU I 150 -1.86 -32.81 14.59
C GLU I 150 -2.11 -34.03 13.72
N ARG I 151 -2.39 -33.82 12.43
CA ARG I 151 -2.60 -34.95 11.53
C ARG I 151 -1.35 -35.81 11.41
N CYS I 152 -0.18 -35.18 11.37
CA CYS I 152 1.07 -35.94 11.32
C CYS I 152 1.29 -36.72 12.61
N LEU I 153 0.92 -36.12 13.75
CA LEU I 153 1.01 -36.85 15.02
C LEU I 153 0.12 -38.08 15.02
N GLN I 154 -1.11 -37.94 14.51
CA GLN I 154 -2.04 -39.07 14.45
C GLN I 154 -1.46 -40.20 13.61
N VAL I 155 -0.90 -39.86 12.44
CA VAL I 155 -0.40 -40.88 11.53
C VAL I 155 0.80 -41.60 12.15
N VAL I 156 1.73 -40.85 12.74
CA VAL I 156 2.90 -41.47 13.34
C VAL I 156 2.49 -42.34 14.53
N ARG I 157 1.59 -41.83 15.37
CA ARG I 157 1.09 -42.63 16.49
C ARG I 157 0.49 -43.95 16.00
N SER I 158 -0.21 -43.90 14.86
CA SER I 158 -0.83 -45.11 14.31
C SER I 158 0.21 -46.08 13.76
N LEU I 159 1.43 -45.63 13.51
CA LEU I 159 2.45 -46.46 12.89
C LEU I 159 3.48 -46.99 13.88
N VAL I 160 3.92 -46.17 14.84
CA VAL I 160 4.99 -46.55 15.76
C VAL I 160 4.38 -46.95 17.09
N LYS I 161 4.99 -47.94 17.74
CA LYS I 161 4.53 -48.40 19.04
C LYS I 161 4.88 -47.37 20.11
N PRO I 162 4.06 -47.24 21.15
CA PRO I 162 4.34 -46.24 22.19
C PRO I 162 5.68 -46.44 22.88
N GLU I 163 6.15 -47.68 22.98
CA GLU I 163 7.46 -47.92 23.60
C GLU I 163 8.58 -47.39 22.72
N ASN I 164 8.45 -47.54 21.40
CA ASN I 164 9.49 -47.13 20.46
C ASN I 164 9.33 -45.69 20.00
N TYR I 165 8.64 -44.85 20.78
CA TYR I 165 8.55 -43.43 20.44
C TYR I 165 9.93 -42.78 20.43
N ARG I 166 10.72 -43.03 21.47
CA ARG I 166 12.04 -42.42 21.60
C ARG I 166 13.03 -42.91 20.55
N ARG I 167 12.80 -44.10 19.99
CA ARG I 167 13.72 -44.66 18.99
C ARG I 167 13.60 -43.98 17.63
N LEU I 168 12.73 -42.98 17.48
CA LEU I 168 12.58 -42.29 16.22
C LEU I 168 13.60 -41.18 16.08
N ASP I 169 14.02 -40.93 14.84
CA ASP I 169 14.99 -39.87 14.54
C ASP I 169 14.22 -38.57 14.28
N ILE I 170 13.84 -37.91 15.38
CA ILE I 170 13.09 -36.66 15.32
C ILE I 170 13.59 -35.74 16.43
N VAL I 171 13.04 -34.52 16.43
CA VAL I 171 13.39 -33.53 17.45
C VAL I 171 12.86 -33.99 18.80
N ARG I 172 13.63 -33.73 19.86
CA ARG I 172 13.25 -34.18 21.20
C ARG I 172 11.91 -33.61 21.63
N SER I 173 11.58 -32.39 21.20
CA SER I 173 10.29 -31.80 21.55
C SER I 173 9.14 -32.60 20.94
N LEU I 174 9.34 -33.21 19.78
CA LEU I 174 8.31 -34.04 19.17
C LEU I 174 8.00 -35.29 19.97
N TYR I 175 8.94 -35.73 20.83
CA TYR I 175 8.67 -36.86 21.70
C TYR I 175 7.55 -36.55 22.67
N GLU I 176 7.59 -35.36 23.28
CA GLU I 176 6.53 -34.96 24.20
C GLU I 176 5.20 -34.82 23.50
N ASP I 177 5.20 -34.40 22.23
CA ASP I 177 3.96 -34.26 21.48
C ASP I 177 3.40 -35.62 21.08
N LEU I 178 4.28 -36.57 20.75
CA LEU I 178 3.82 -37.89 20.35
C LEU I 178 3.20 -38.66 21.50
N GLU I 179 3.75 -38.49 22.72
CA GLU I 179 3.21 -39.19 23.87
C GLU I 179 1.94 -38.54 24.41
N ASP I 180 1.79 -37.23 24.24
CA ASP I 180 0.60 -36.52 24.69
C ASP I 180 -0.61 -36.94 23.85
N HIS I 181 -1.12 -38.13 24.10
CA HIS I 181 -2.23 -38.66 23.33
C HIS I 181 -3.50 -37.83 23.59
N PRO I 182 -4.43 -37.83 22.63
CA PRO I 182 -5.70 -37.13 22.85
C PRO I 182 -6.45 -37.73 24.03
N ASN I 183 -6.82 -36.87 24.97
CA ASN I 183 -7.45 -37.28 26.22
C ASN I 183 -8.79 -36.59 26.36
N VAL I 184 -9.84 -37.37 26.66
CA VAL I 184 -11.16 -36.80 26.85
C VAL I 184 -11.19 -35.92 28.09
N GLN I 185 -10.58 -36.38 29.19
CA GLN I 185 -10.57 -35.61 30.43
C GLN I 185 -9.82 -34.30 30.24
N LYS I 186 -8.66 -34.33 29.58
CA LYS I 186 -7.87 -33.12 29.38
C LYS I 186 -8.61 -32.11 28.53
N ASP I 187 -9.40 -32.57 27.54
CA ASP I 187 -10.17 -31.66 26.73
C ASP I 187 -11.26 -30.97 27.54
N LEU I 188 -11.85 -31.67 28.51
CA LEU I 188 -12.91 -31.08 29.31
C LEU I 188 -12.38 -29.98 30.22
N GLU I 189 -11.13 -30.10 30.69
CA GLU I 189 -10.55 -29.04 31.50
C GLU I 189 -10.28 -27.78 30.67
N ARG I 190 -9.88 -27.97 29.41
CA ARG I 190 -9.66 -26.81 28.53
C ARG I 190 -10.96 -26.08 28.25
N LEU I 191 -12.03 -26.81 27.96
CA LEU I 191 -13.31 -26.19 27.67
C LEU I 191 -13.91 -25.52 28.91
N THR I 192 -13.61 -26.05 30.10
CA THR I 192 -14.11 -25.44 31.33
C THR I 192 -13.43 -24.11 31.60
N GLN I 193 -12.14 -24.00 31.28
CA GLN I 193 -11.43 -22.74 31.47
C GLN I 193 -11.98 -21.66 30.54
N GLU I 194 -12.05 -21.95 29.24
CA GLU I 194 -12.58 -21.00 28.27
C GLU I 194 -14.10 -21.00 28.29
N MET J 26 -44.48 8.88 -16.79
CA MET J 26 -44.48 10.05 -17.66
C MET J 26 -43.12 10.74 -17.60
N ASP J 27 -42.57 10.87 -16.40
CA ASP J 27 -41.23 11.39 -16.22
C ASP J 27 -40.21 10.27 -16.38
N VAL J 28 -39.25 10.47 -17.28
CA VAL J 28 -38.15 9.53 -17.47
C VAL J 28 -36.86 10.23 -17.07
N PHE J 29 -35.96 9.47 -16.45
CA PHE J 29 -34.72 10.00 -15.89
C PHE J 29 -33.54 9.35 -16.60
N LEU J 30 -32.60 10.17 -17.05
CA LEU J 30 -31.61 9.75 -18.03
C LEU J 30 -30.20 10.12 -17.58
N MET J 31 -29.24 9.41 -18.15
CA MET J 31 -27.81 9.74 -18.08
C MET J 31 -27.32 9.95 -19.50
N ILE J 32 -27.17 11.20 -19.91
CA ILE J 32 -26.58 11.52 -21.20
C ILE J 32 -25.06 11.50 -21.04
N ARG J 33 -24.40 10.58 -21.74
CA ARG J 33 -23.00 10.29 -21.50
C ARG J 33 -22.19 10.39 -22.79
N ARG J 34 -21.03 11.02 -22.69
CA ARG J 34 -20.08 11.10 -23.79
C ARG J 34 -18.69 11.17 -23.21
N HIS J 35 -17.83 10.22 -23.60
CA HIS J 35 -16.46 10.13 -23.10
C HIS J 35 -16.44 10.06 -21.58
N LYS J 36 -15.90 11.10 -20.93
CA LYS J 36 -15.85 11.17 -19.48
C LYS J 36 -16.89 12.13 -18.91
N THR J 37 -17.95 12.41 -19.66
CA THR J 37 -19.00 13.34 -19.24
C THR J 37 -20.31 12.58 -19.04
N THR J 38 -21.07 12.98 -18.03
CA THR J 38 -22.38 12.39 -17.75
C THR J 38 -23.31 13.49 -17.29
N ILE J 39 -24.41 13.67 -18.01
CA ILE J 39 -25.43 14.68 -17.68
C ILE J 39 -26.63 13.95 -17.09
N PHE J 40 -26.97 14.29 -15.85
CA PHE J 40 -28.17 13.79 -15.22
C PHE J 40 -29.32 14.76 -15.51
N THR J 41 -30.38 14.25 -16.11
CA THR J 41 -31.53 15.08 -16.45
C THR J 41 -32.77 14.21 -16.53
N ASP J 42 -33.92 14.87 -16.55
CA ASP J 42 -35.21 14.21 -16.71
C ASP J 42 -35.97 14.88 -17.85
N ALA J 43 -36.96 14.16 -18.37
CA ALA J 43 -37.77 14.67 -19.46
C ALA J 43 -39.07 13.89 -19.50
N LYS J 44 -40.04 14.43 -20.23
CA LYS J 44 -41.32 13.75 -20.39
C LYS J 44 -41.18 12.58 -21.35
N GLU J 45 -41.98 11.53 -21.11
CA GLU J 45 -42.02 10.40 -22.03
C GLU J 45 -42.49 10.83 -23.41
N SER J 46 -43.30 11.88 -23.49
CA SER J 46 -43.78 12.41 -24.75
C SER J 46 -42.83 13.42 -25.37
N SER J 47 -41.82 13.87 -24.64
CA SER J 47 -40.83 14.80 -25.20
C SER J 47 -40.01 14.09 -26.28
N THR J 48 -39.46 14.90 -27.18
CA THR J 48 -38.78 14.39 -28.37
C THR J 48 -37.28 14.37 -28.18
N VAL J 49 -36.61 13.62 -29.07
CA VAL J 49 -35.15 13.53 -29.05
C VAL J 49 -34.52 14.89 -29.33
N PHE J 50 -35.16 15.70 -30.18
CA PHE J 50 -34.65 17.03 -30.45
C PHE J 50 -34.70 17.91 -29.20
N GLU J 51 -35.81 17.84 -28.45
CA GLU J 51 -35.91 18.62 -27.23
C GLU J 51 -34.88 18.19 -26.20
N LEU J 52 -34.45 16.92 -26.25
CA LEU J 52 -33.34 16.48 -25.41
C LEU J 52 -32.02 17.05 -25.92
N LYS J 53 -31.86 17.15 -27.24
CA LYS J 53 -30.68 17.77 -27.80
C LYS J 53 -30.58 19.24 -27.40
N ARG J 54 -31.73 19.91 -27.24
CA ARG J 54 -31.70 21.29 -26.77
C ARG J 54 -31.20 21.38 -25.33
N ILE J 55 -31.53 20.38 -24.51
CA ILE J 55 -31.02 20.35 -23.13
C ILE J 55 -29.51 20.18 -23.12
N VAL J 56 -28.98 19.34 -24.01
CA VAL J 56 -27.53 19.18 -24.13
C VAL J 56 -26.90 20.47 -24.62
N GLU J 57 -27.55 21.16 -25.55
CA GLU J 57 -27.00 22.41 -26.09
C GLU J 57 -26.86 23.46 -24.99
N GLY J 58 -27.83 23.55 -24.09
CA GLY J 58 -27.76 24.53 -23.02
C GLY J 58 -26.66 24.27 -22.03
N ILE J 59 -26.12 23.06 -21.99
CA ILE J 59 -25.11 22.66 -21.02
C ILE J 59 -23.73 22.58 -21.65
N LEU J 60 -23.60 21.84 -22.76
CA LEU J 60 -22.31 21.64 -23.40
C LEU J 60 -22.06 22.61 -24.55
N LYS J 61 -23.02 23.46 -24.87
CA LYS J 61 -22.85 24.55 -25.84
C LYS J 61 -22.48 24.02 -27.23
N ARG J 62 -23.28 23.08 -27.72
CA ARG J 62 -23.18 22.58 -29.09
C ARG J 62 -24.57 22.48 -29.68
N PRO J 63 -24.83 23.13 -30.82
CA PRO J 63 -26.17 23.11 -31.43
C PRO J 63 -26.65 21.69 -31.68
N PRO J 64 -27.97 21.50 -31.78
CA PRO J 64 -28.48 20.13 -32.01
C PRO J 64 -28.02 19.49 -33.30
N ASP J 65 -27.79 20.28 -34.36
CA ASP J 65 -27.35 19.71 -35.63
C ASP J 65 -25.94 19.13 -35.55
N GLU J 66 -25.17 19.46 -34.50
CA GLU J 66 -23.86 18.88 -34.28
C GLU J 66 -23.89 17.77 -33.23
N GLN J 67 -25.06 17.23 -32.93
CA GLN J 67 -25.23 16.22 -31.90
C GLN J 67 -25.82 14.95 -32.50
N ARG J 68 -25.39 13.80 -31.96
CA ARG J 68 -25.98 12.51 -32.27
C ARG J 68 -26.28 11.80 -30.95
N LEU J 69 -27.53 11.41 -30.75
CA LEU J 69 -27.95 10.70 -29.56
C LEU J 69 -28.21 9.25 -29.89
N TYR J 70 -27.80 8.35 -29.00
CA TYR J 70 -27.90 6.92 -29.22
C TYR J 70 -28.59 6.25 -28.04
N LYS J 71 -29.34 5.19 -28.36
CA LYS J 71 -29.76 4.19 -27.36
C LYS J 71 -29.04 2.91 -27.73
N ASP J 72 -28.07 2.51 -26.90
CA ASP J 72 -27.10 1.45 -27.23
C ASP J 72 -26.38 1.91 -28.49
N ASP J 73 -26.39 1.14 -29.58
CA ASP J 73 -25.73 1.54 -30.81
C ASP J 73 -26.71 2.07 -31.85
N GLN J 74 -27.96 2.32 -31.47
CA GLN J 74 -28.99 2.77 -32.40
C GLN J 74 -29.06 4.30 -32.40
N LEU J 75 -28.82 4.90 -33.56
CA LEU J 75 -28.97 6.34 -33.70
C LEU J 75 -30.43 6.75 -33.54
N LEU J 76 -30.66 7.81 -32.77
CA LEU J 76 -32.01 8.26 -32.46
C LEU J 76 -32.43 9.37 -33.41
N ASP J 77 -33.67 9.30 -33.87
CA ASP J 77 -34.23 10.30 -34.78
C ASP J 77 -34.81 11.46 -33.99
N ASP J 78 -34.65 12.67 -34.54
CA ASP J 78 -35.07 13.87 -33.82
C ASP J 78 -36.55 13.87 -33.52
N GLY J 79 -37.37 13.41 -34.47
CA GLY J 79 -38.82 13.55 -34.34
C GLY J 79 -39.48 12.55 -33.42
N LYS J 80 -38.78 11.48 -33.06
CA LYS J 80 -39.36 10.44 -32.22
C LYS J 80 -39.40 10.88 -30.77
N THR J 81 -40.42 10.39 -30.05
CA THR J 81 -40.52 10.65 -28.63
C THR J 81 -39.62 9.69 -27.86
N LEU J 82 -39.33 10.08 -26.61
CA LEU J 82 -38.49 9.24 -25.76
C LEU J 82 -39.15 7.89 -25.48
N GLY J 83 -40.47 7.90 -25.26
CA GLY J 83 -41.18 6.65 -25.03
C GLY J 83 -41.14 5.72 -26.23
N GLU J 84 -41.08 6.29 -27.43
CA GLU J 84 -40.98 5.49 -28.65
C GLU J 84 -39.59 4.85 -28.76
N GLY J 86 -38.02 3.66 -26.41
CA GLY J 86 -37.88 2.68 -25.36
C GLY J 86 -37.53 3.23 -23.99
N PHE J 87 -37.71 4.53 -23.80
CA PHE J 87 -37.45 5.20 -22.52
C PHE J 87 -38.79 5.40 -21.83
N THR J 88 -39.13 4.49 -20.92
CA THR J 88 -40.37 4.54 -20.18
C THR J 88 -40.08 4.80 -18.69
N SER J 89 -41.15 5.08 -17.95
CA SER J 89 -41.01 5.32 -16.52
C SER J 89 -40.48 4.08 -15.79
N GLN J 90 -40.69 2.89 -16.37
CA GLN J 90 -40.29 1.66 -15.72
C GLN J 90 -38.82 1.32 -15.92
N THR J 91 -38.19 1.81 -16.99
CA THR J 91 -36.79 1.55 -17.27
C THR J 91 -35.91 2.79 -17.14
N ALA J 92 -36.49 3.95 -16.76
CA ALA J 92 -35.74 5.19 -16.61
C ALA J 92 -36.22 5.89 -15.34
N ARG J 93 -35.86 5.33 -14.19
CA ARG J 93 -36.31 5.78 -12.89
C ARG J 93 -35.22 6.61 -12.21
N PRO J 94 -35.58 7.42 -11.20
CA PRO J 94 -34.57 8.29 -10.57
C PRO J 94 -33.42 7.52 -9.94
N GLN J 95 -33.70 6.38 -9.31
CA GLN J 95 -32.64 5.61 -8.67
C GLN J 95 -31.87 4.74 -9.66
N ALA J 96 -32.35 4.59 -10.88
CA ALA J 96 -31.67 3.80 -11.92
C ALA J 96 -31.97 4.42 -13.27
N PRO J 97 -31.32 5.53 -13.59
CA PRO J 97 -31.66 6.24 -14.83
C PRO J 97 -31.14 5.52 -16.06
N ALA J 98 -31.85 5.72 -17.17
CA ALA J 98 -31.45 5.14 -18.45
C ALA J 98 -30.29 5.91 -19.04
N THR J 99 -29.49 5.22 -19.86
CA THR J 99 -28.29 5.79 -20.45
C THR J 99 -28.55 6.17 -21.89
N VAL J 100 -28.23 7.41 -22.25
CA VAL J 100 -28.36 7.91 -23.61
C VAL J 100 -26.97 8.32 -24.09
N GLY J 101 -26.51 7.70 -25.18
CA GLY J 101 -25.21 8.03 -25.72
C GLY J 101 -25.22 9.34 -26.49
N LEU J 102 -24.05 9.97 -26.55
CA LEU J 102 -23.91 11.27 -27.19
C LEU J 102 -22.59 11.31 -27.97
N ALA J 103 -22.66 11.75 -29.22
CA ALA J 103 -21.49 11.95 -30.06
C ALA J 103 -21.57 13.32 -30.71
N PHE J 104 -20.44 14.03 -30.72
CA PHE J 104 -20.39 15.39 -31.25
C PHE J 104 -19.80 15.41 -32.64
N ARG J 105 -20.16 16.45 -33.40
CA ARG J 105 -19.56 16.68 -34.71
C ARG J 105 -18.16 17.28 -34.52
N ALA J 106 -17.15 16.59 -35.04
CA ALA J 106 -15.76 17.01 -34.92
C ALA J 106 -15.26 17.38 -36.31
N ASP J 107 -15.29 18.68 -36.62
CA ASP J 107 -14.85 19.21 -37.90
C ASP J 107 -15.65 18.62 -39.06
N ASP J 108 -15.02 17.77 -39.86
CA ASP J 108 -15.65 17.28 -41.09
C ASP J 108 -16.71 16.23 -40.79
N THR J 109 -16.37 15.23 -39.98
CA THR J 109 -17.25 14.09 -39.73
C THR J 109 -17.58 13.98 -38.24
N PHE J 110 -18.68 13.29 -37.96
CA PHE J 110 -19.06 13.02 -36.59
C PHE J 110 -18.08 12.04 -35.95
N GLU J 111 -17.71 12.31 -34.71
CA GLU J 111 -16.89 11.37 -33.97
C GLU J 111 -17.68 10.10 -33.67
N ALA J 112 -16.94 9.01 -33.43
CA ALA J 112 -17.59 7.77 -33.06
C ALA J 112 -18.11 7.85 -31.63
N LEU J 113 -19.12 7.03 -31.33
CA LEU J 113 -19.70 7.00 -30.00
C LEU J 113 -18.77 6.31 -29.02
N ILE J 115 -18.08 5.94 -24.76
CA ILE J 115 -18.45 6.21 -23.39
C ILE J 115 -17.47 5.52 -22.45
N GLU J 116 -16.70 6.31 -21.71
CA GLU J 116 -15.75 5.75 -20.77
C GLU J 116 -16.50 5.15 -19.59
N PRO J 117 -16.26 3.88 -19.25
CA PRO J 117 -16.93 3.29 -18.09
C PRO J 117 -16.45 3.93 -16.79
N PHE J 118 -17.29 3.82 -15.77
CA PHE J 118 -16.92 4.31 -14.45
C PHE J 118 -15.82 3.44 -13.85
N SER J 119 -15.28 3.90 -12.73
CA SER J 119 -14.22 3.16 -12.05
C SER J 119 -14.75 1.82 -11.56
N SER J 120 -13.81 0.88 -11.35
CA SER J 120 -14.26 -0.42 -10.89
C SER J 120 -14.21 -0.50 -9.37
N PRO J 121 -15.22 -1.11 -8.75
CA PRO J 121 -15.21 -1.23 -7.30
C PRO J 121 -14.19 -2.27 -6.85
N PRO J 122 -13.63 -2.11 -5.66
CA PRO J 122 -12.67 -3.12 -5.15
C PRO J 122 -13.38 -4.42 -4.86
N GLU J 123 -12.56 -5.46 -4.67
CA GLU J 123 -13.09 -6.78 -4.38
C GLU J 123 -13.90 -6.76 -3.08
N LEU J 124 -14.88 -7.65 -3.00
CA LEU J 124 -15.72 -7.72 -1.82
C LEU J 124 -14.89 -8.12 -0.60
N PRO J 125 -14.95 -7.38 0.50
CA PRO J 125 -14.26 -7.81 1.72
C PRO J 125 -14.77 -9.16 2.19
N ASP J 126 -13.90 -9.89 2.88
CA ASP J 126 -14.25 -11.22 3.34
C ASP J 126 -15.40 -11.22 4.35
N VAL J 127 -15.62 -10.10 5.02
CA VAL J 127 -16.65 -10.00 6.05
C VAL J 127 -18.00 -9.69 5.42
N MET J 128 -18.09 -9.78 4.11
CA MET J 128 -19.33 -9.50 3.40
C MET J 128 -19.77 -10.68 2.55
N MET K 1 -32.66 26.55 -16.45
CA MET K 1 -32.23 25.49 -15.54
C MET K 1 -30.73 25.52 -15.35
N MET K 2 -30.30 25.78 -14.13
CA MET K 2 -28.88 25.86 -13.80
C MET K 2 -28.33 24.48 -13.48
N TYR K 3 -27.09 24.25 -13.87
CA TYR K 3 -26.42 22.98 -13.64
C TYR K 3 -25.06 23.22 -12.99
N VAL K 4 -24.59 22.21 -12.24
CA VAL K 4 -23.28 22.24 -11.61
C VAL K 4 -22.54 20.96 -11.99
N LYS K 5 -21.22 21.03 -11.91
CA LYS K 5 -20.36 19.93 -12.34
C LYS K 5 -19.66 19.34 -11.11
N LEU K 6 -19.85 18.04 -10.89
CA LEU K 6 -19.14 17.29 -9.86
C LEU K 6 -18.14 16.38 -10.54
N ILE K 7 -16.86 16.53 -10.17
CA ILE K 7 -15.77 15.79 -10.79
C ILE K 7 -15.28 14.73 -9.83
N SER K 8 -15.22 13.48 -10.30
CA SER K 8 -14.78 12.37 -9.48
C SER K 8 -13.25 12.32 -9.43
N SER K 9 -12.74 11.39 -8.62
CA SER K 9 -11.30 11.27 -8.43
C SER K 9 -10.60 10.78 -9.70
N ASP K 10 -11.31 10.04 -10.55
CA ASP K 10 -10.74 9.51 -11.78
C ASP K 10 -11.07 10.38 -12.99
N GLY K 11 -11.52 11.61 -12.78
CA GLY K 11 -11.72 12.56 -13.85
C GLY K 11 -13.11 12.60 -14.45
N HIS K 12 -14.00 11.70 -14.07
CA HIS K 12 -15.35 11.71 -14.61
C HIS K 12 -16.09 12.97 -14.18
N GLU K 13 -16.77 13.60 -15.13
CA GLU K 13 -17.49 14.84 -14.90
C GLU K 13 -18.99 14.56 -14.89
N PHE K 14 -19.63 14.79 -13.76
CA PHE K 14 -21.06 14.60 -13.60
C PHE K 14 -21.73 15.97 -13.53
N ILE K 15 -22.68 16.20 -14.43
CA ILE K 15 -23.41 17.46 -14.51
C ILE K 15 -24.83 17.21 -14.05
N VAL K 16 -25.21 17.86 -12.96
CA VAL K 16 -26.52 17.68 -12.35
C VAL K 16 -27.17 19.05 -12.15
N LYS K 17 -28.48 19.01 -11.95
CA LYS K 17 -29.23 20.22 -11.63
C LYS K 17 -28.69 20.87 -10.37
N ARG K 18 -28.69 22.19 -10.34
CA ARG K 18 -28.23 22.90 -9.14
C ARG K 18 -29.12 22.58 -7.95
N GLU K 19 -30.45 22.57 -8.15
CA GLU K 19 -31.37 22.26 -7.06
C GLU K 19 -31.14 20.86 -6.51
N HIS K 20 -30.80 19.91 -7.38
CA HIS K 20 -30.54 18.55 -6.93
C HIS K 20 -29.28 18.47 -6.07
N ALA K 21 -28.23 19.19 -6.47
CA ALA K 21 -26.99 19.16 -5.71
C ALA K 21 -27.08 19.93 -4.39
N LEU K 22 -28.04 20.86 -4.28
CA LEU K 22 -28.19 21.62 -3.05
C LEU K 22 -28.78 20.80 -1.91
N THR K 23 -29.28 19.59 -2.19
CA THR K 23 -29.74 18.71 -1.13
C THR K 23 -28.59 18.19 -0.27
N SER K 24 -27.35 18.32 -0.73
CA SER K 24 -26.18 18.01 0.08
C SER K 24 -25.68 19.32 0.69
N GLY K 25 -25.76 19.42 2.02
CA GLY K 25 -25.34 20.64 2.70
C GLY K 25 -23.89 20.99 2.45
N THR K 26 -23.02 19.98 2.32
CA THR K 26 -21.62 20.24 2.05
C THR K 26 -21.42 20.88 0.69
N ILE K 27 -22.17 20.42 -0.31
CA ILE K 27 -22.05 20.99 -1.66
C ILE K 27 -22.57 22.41 -1.69
N LYS K 28 -23.66 22.69 -0.97
CA LYS K 28 -24.19 24.05 -0.92
C LYS K 28 -23.18 25.02 -0.32
N ALA K 29 -22.39 24.56 0.65
CA ALA K 29 -21.35 25.40 1.22
C ALA K 29 -20.13 25.53 0.30
N MET K 30 -19.82 24.47 -0.46
CA MET K 30 -18.67 24.51 -1.34
C MET K 30 -18.90 25.40 -2.55
N LEU K 31 -20.15 25.71 -2.89
CA LEU K 31 -20.45 26.57 -4.02
C LEU K 31 -20.47 28.05 -3.64
N SER K 32 -20.84 28.37 -2.41
CA SER K 32 -20.90 29.75 -1.96
C SER K 32 -19.60 30.17 -1.28
N THR K 42 -19.08 29.47 -7.09
CA THR K 42 -18.46 28.44 -7.91
C THR K 42 -19.51 27.57 -8.57
N ASN K 43 -19.13 26.91 -9.67
CA ASN K 43 -20.01 26.01 -10.39
C ASN K 43 -19.44 24.61 -10.57
N GLU K 44 -18.19 24.38 -10.19
CA GLU K 44 -17.57 23.07 -10.29
C GLU K 44 -16.96 22.69 -8.94
N VAL K 45 -17.05 21.41 -8.59
CA VAL K 45 -16.55 20.91 -7.31
C VAL K 45 -15.74 19.64 -7.59
N ASN K 46 -14.49 19.63 -7.14
CA ASN K 46 -13.60 18.49 -7.32
C ASN K 46 -13.62 17.59 -6.09
N PHE K 47 -13.70 16.29 -6.33
CA PHE K 47 -13.68 15.27 -5.30
C PHE K 47 -12.54 14.30 -5.61
N ARG K 48 -11.34 14.60 -5.13
CA ARG K 48 -10.17 13.76 -5.36
C ARG K 48 -10.19 12.47 -4.55
N GLU K 49 -11.28 12.21 -3.82
CA GLU K 49 -11.39 11.06 -2.93
C GLU K 49 -12.58 10.17 -3.23
N ILE K 50 -13.52 10.62 -4.05
CA ILE K 50 -14.72 9.87 -4.39
C ILE K 50 -14.57 9.38 -5.83
N PRO K 51 -14.47 8.07 -6.05
CA PRO K 51 -14.37 7.55 -7.42
C PRO K 51 -15.69 7.71 -8.17
N SER K 52 -15.63 7.43 -9.47
CA SER K 52 -16.78 7.65 -10.34
C SER K 52 -17.92 6.70 -10.03
N HIS K 53 -17.60 5.43 -9.76
CA HIS K 53 -18.65 4.45 -9.45
C HIS K 53 -19.36 4.75 -8.14
N VAL K 54 -18.87 5.71 -7.36
CA VAL K 54 -19.55 6.14 -6.15
C VAL K 54 -20.27 7.47 -6.36
N LEU K 55 -19.62 8.41 -7.04
CA LEU K 55 -20.23 9.72 -7.29
C LEU K 55 -21.45 9.60 -8.20
N SER K 56 -21.45 8.62 -9.11
CA SER K 56 -22.60 8.42 -9.98
C SER K 56 -23.83 8.01 -9.18
N LYS K 57 -23.64 7.16 -8.16
CA LYS K 57 -24.75 6.78 -7.30
C LYS K 57 -25.18 7.94 -6.41
N VAL K 58 -24.24 8.80 -6.01
CA VAL K 58 -24.60 9.99 -5.23
C VAL K 58 -25.51 10.89 -6.05
N CYS K 59 -25.19 11.09 -7.33
CA CYS K 59 -26.08 11.85 -8.21
C CYS K 59 -27.42 11.16 -8.37
N MET K 60 -27.42 9.82 -8.44
CA MET K 60 -28.68 9.08 -8.51
C MET K 60 -29.51 9.29 -7.26
N TYR K 61 -28.86 9.39 -6.10
CA TYR K 61 -29.62 9.67 -4.88
C TYR K 61 -30.21 11.07 -4.90
N PHE K 62 -29.49 12.03 -5.48
CA PHE K 62 -30.00 13.39 -5.58
C PHE K 62 -31.33 13.41 -6.34
N THR K 63 -31.38 12.73 -7.48
CA THR K 63 -32.63 12.64 -8.23
C THR K 63 -33.69 11.88 -7.44
N TYR K 64 -33.30 10.77 -6.82
CA TYR K 64 -34.24 9.98 -6.03
C TYR K 64 -34.82 10.78 -4.87
N LYS K 65 -33.98 11.58 -4.21
CA LYS K 65 -34.46 12.37 -3.07
C LYS K 65 -35.41 13.47 -3.54
N VAL K 66 -35.04 14.20 -4.59
CA VAL K 66 -35.86 15.31 -5.05
C VAL K 66 -37.20 14.81 -5.58
N ARG K 67 -37.20 13.65 -6.23
CA ARG K 67 -38.43 13.13 -6.84
C ARG K 67 -39.42 12.69 -5.77
N TYR K 68 -38.96 12.05 -4.70
CA TYR K 68 -39.83 11.36 -3.77
C TYR K 68 -40.03 12.05 -2.44
N THR K 69 -39.29 13.13 -2.15
CA THR K 69 -39.52 13.88 -0.92
C THR K 69 -40.80 14.68 -1.04
N ASN K 70 -41.63 14.62 0.01
CA ASN K 70 -42.92 15.31 0.04
C ASN K 70 -43.79 14.90 -1.14
N SER K 71 -43.91 13.59 -1.35
CA SER K 71 -44.66 13.03 -2.46
C SER K 71 -45.64 11.98 -1.94
N SER K 72 -46.74 11.81 -2.68
CA SER K 72 -47.79 10.89 -2.27
C SER K 72 -47.65 9.51 -2.91
N THR K 73 -47.00 9.41 -4.06
CA THR K 73 -46.83 8.12 -4.70
C THR K 73 -45.94 7.22 -3.85
N GLU K 74 -46.10 5.91 -4.04
CA GLU K 74 -45.36 4.93 -3.26
C GLU K 74 -43.86 5.08 -3.50
N ILE K 75 -43.11 5.24 -2.42
CA ILE K 75 -41.66 5.44 -2.52
C ILE K 75 -40.99 4.07 -2.68
N PRO K 76 -40.17 3.88 -3.70
CA PRO K 76 -39.43 2.63 -3.85
C PRO K 76 -38.10 2.68 -3.07
N GLU K 77 -37.51 1.51 -2.92
CA GLU K 77 -36.24 1.40 -2.21
C GLU K 77 -35.10 1.93 -3.06
N PHE K 78 -34.12 2.56 -2.40
CA PHE K 78 -32.92 3.01 -3.08
C PHE K 78 -31.92 1.87 -3.10
N PRO K 79 -31.59 1.30 -4.26
CA PRO K 79 -30.69 0.15 -4.28
C PRO K 79 -29.24 0.57 -4.12
N ILE K 80 -28.49 -0.25 -3.37
CA ILE K 80 -27.06 -0.06 -3.17
C ILE K 80 -26.40 -1.42 -3.33
N ALA K 81 -25.56 -1.57 -4.36
CA ALA K 81 -24.83 -2.81 -4.53
C ALA K 81 -23.84 -3.00 -3.38
N PRO K 82 -23.64 -4.24 -2.92
CA PRO K 82 -22.72 -4.45 -1.79
C PRO K 82 -21.29 -4.04 -2.09
N GLU K 83 -20.87 -4.10 -3.35
CA GLU K 83 -19.48 -3.78 -3.69
C GLU K 83 -19.16 -2.29 -3.57
N ILE K 84 -20.17 -1.43 -3.46
CA ILE K 84 -19.96 0.01 -3.33
C ILE K 84 -20.54 0.56 -2.04
N ALA K 85 -21.08 -0.29 -1.16
CA ALA K 85 -21.73 0.20 0.05
C ALA K 85 -20.75 0.89 0.98
N LEU K 86 -19.52 0.39 1.05
CA LEU K 86 -18.53 0.98 1.96
C LEU K 86 -18.13 2.38 1.51
N GLU K 87 -17.74 2.51 0.24
CA GLU K 87 -17.31 3.82 -0.25
C GLU K 87 -18.46 4.81 -0.32
N LEU K 88 -19.67 4.34 -0.58
CA LEU K 88 -20.83 5.23 -0.57
C LEU K 88 -21.12 5.74 0.84
N LEU K 89 -20.89 4.92 1.86
CA LEU K 89 -21.06 5.36 3.24
C LEU K 89 -20.10 6.49 3.57
N MET K 90 -18.83 6.34 3.16
CA MET K 90 -17.85 7.40 3.41
C MET K 90 -18.20 8.67 2.65
N ALA K 91 -18.64 8.54 1.40
CA ALA K 91 -19.03 9.71 0.62
C ALA K 91 -20.27 10.36 1.20
N ALA K 92 -21.24 9.56 1.64
CA ALA K 92 -22.42 10.12 2.27
C ALA K 92 -22.10 10.79 3.61
N ASN K 93 -21.14 10.25 4.34
CA ASN K 93 -20.71 10.87 5.59
C ASN K 93 -20.12 12.25 5.33
N PHE K 94 -19.32 12.39 4.27
CA PHE K 94 -18.69 13.67 3.98
C PHE K 94 -19.68 14.66 3.39
N LEU K 95 -20.52 14.21 2.45
CA LEU K 95 -21.45 15.10 1.77
C LEU K 95 -22.65 15.49 2.64
N ASP K 96 -22.96 14.71 3.67
CA ASP K 96 -24.08 14.96 4.56
C ASP K 96 -25.39 15.08 3.76
N CYS K 97 -25.85 13.92 3.30
CA CYS K 97 -27.08 13.84 2.54
C CYS K 97 -27.75 12.48 2.71
N VAL L 52 -45.54 10.23 30.13
CA VAL L 52 -44.93 9.46 29.06
C VAL L 52 -45.83 9.44 27.83
N LEU L 53 -45.32 8.86 26.75
CA LEU L 53 -46.08 8.71 25.51
C LEU L 53 -46.79 7.37 25.54
N ARG L 54 -48.11 7.40 25.70
CA ARG L 54 -48.89 6.18 25.90
C ARG L 54 -50.25 6.32 25.24
N SER L 55 -50.93 5.19 25.11
CA SER L 55 -52.31 5.17 24.64
C SER L 55 -53.25 5.43 25.80
N VAL L 56 -54.39 6.04 25.49
CA VAL L 56 -55.42 6.28 26.49
C VAL L 56 -56.40 5.11 26.46
N ASN L 57 -56.94 4.79 27.63
CA ASN L 57 -57.89 3.67 27.76
C ASN L 57 -59.30 4.20 27.56
N SER L 58 -59.63 4.47 26.30
CA SER L 58 -60.93 5.06 25.96
C SER L 58 -62.02 4.01 25.84
N ARG L 59 -61.68 2.78 25.47
CA ARG L 59 -62.64 1.70 25.25
C ARG L 59 -63.68 2.08 24.19
N GLU L 60 -63.31 2.98 23.29
CA GLU L 60 -64.15 3.36 22.16
C GLU L 60 -63.56 2.75 20.90
N PRO L 61 -64.17 1.71 20.34
CA PRO L 61 -63.55 0.99 19.22
C PRO L 61 -63.39 1.85 17.99
N SER L 62 -62.39 1.52 17.19
CA SER L 62 -62.12 2.20 15.93
C SER L 62 -61.53 1.20 14.95
N GLN L 63 -62.16 1.07 13.78
CA GLN L 63 -61.73 0.11 12.78
C GLN L 63 -60.66 0.75 11.90
N VAL L 64 -59.54 0.02 11.72
CA VAL L 64 -58.38 0.54 11.01
C VAL L 64 -57.93 -0.49 9.98
N ILE L 65 -57.44 0.01 8.84
CA ILE L 65 -56.82 -0.81 7.81
C ILE L 65 -55.32 -0.56 7.86
N PHE L 66 -54.56 -1.61 8.14
CA PHE L 66 -53.09 -1.53 8.11
C PHE L 66 -52.58 -1.84 6.72
N ASN L 68 -49.73 -1.82 3.98
CA ASN L 68 -48.28 -1.76 3.80
C ASN L 68 -47.88 -1.39 2.38
N ARG L 69 -47.76 -0.09 2.12
CA ARG L 69 -47.27 0.41 0.83
C ARG L 69 -45.76 0.60 0.85
N SER L 70 -45.04 -0.45 1.23
CA SER L 70 -43.59 -0.41 1.34
C SER L 70 -43.04 -1.77 0.96
N PRO L 71 -41.76 -1.86 0.60
CA PRO L 71 -41.16 -3.15 0.26
C PRO L 71 -40.60 -3.94 1.43
N ARG L 72 -40.86 -3.52 2.67
CA ARG L 72 -40.33 -4.20 3.85
C ARG L 72 -41.43 -4.97 4.56
N VAL L 73 -41.03 -5.99 5.30
CA VAL L 73 -41.93 -6.63 6.25
C VAL L 73 -42.12 -5.68 7.43
N VAL L 74 -43.38 -5.30 7.68
CA VAL L 74 -43.70 -4.26 8.65
C VAL L 74 -44.08 -4.89 9.98
N LEU L 75 -43.52 -4.38 11.05
CA LEU L 75 -43.89 -4.79 12.40
C LEU L 75 -44.72 -3.68 13.04
N PRO L 76 -46.03 -3.87 13.24
CA PRO L 76 -46.81 -2.87 13.98
C PRO L 76 -46.45 -2.91 15.46
N VAL L 77 -46.37 -1.72 16.05
CA VAL L 77 -46.01 -1.58 17.46
C VAL L 77 -47.05 -0.70 18.13
N TRP L 78 -47.78 -1.28 19.09
CA TRP L 78 -48.75 -0.53 19.88
C TRP L 78 -48.11 -0.11 21.20
N LEU L 79 -48.25 1.16 21.54
CA LEU L 79 -47.81 1.65 22.84
C LEU L 79 -48.92 1.39 23.85
N ASN L 80 -48.66 0.53 24.84
CA ASN L 80 -49.69 0.19 25.81
C ASN L 80 -49.94 1.38 26.74
N PHE L 81 -50.77 1.15 27.76
CA PHE L 81 -51.16 2.24 28.66
C PHE L 81 -50.04 2.67 29.59
N ASP L 82 -48.96 1.89 29.69
CA ASP L 82 -47.77 2.29 30.43
C ASP L 82 -46.71 2.92 29.55
N GLY L 83 -46.93 2.96 28.24
CA GLY L 83 -45.95 3.46 27.31
C GLY L 83 -44.98 2.43 26.77
N GLU L 84 -45.13 1.17 27.17
CA GLU L 84 -44.23 0.12 26.72
C GLU L 84 -44.65 -0.37 25.33
N PRO L 85 -43.71 -0.51 24.39
CA PRO L 85 -44.08 -0.96 23.04
C PRO L 85 -44.48 -2.42 23.03
N GLN L 86 -45.60 -2.71 22.37
CA GLN L 86 -46.12 -4.08 22.24
C GLN L 86 -46.10 -4.49 20.78
N PRO L 87 -45.33 -5.49 20.38
CA PRO L 87 -45.32 -5.91 18.97
C PRO L 87 -46.57 -6.70 18.62
N TYR L 88 -46.96 -6.60 17.36
CA TYR L 88 -48.14 -7.26 16.80
C TYR L 88 -47.73 -8.02 15.56
N PRO L 89 -48.60 -8.92 15.07
CA PRO L 89 -48.24 -9.73 13.90
C PRO L 89 -47.77 -8.88 12.72
N THR L 90 -46.79 -9.40 11.98
CA THR L 90 -46.15 -8.66 10.91
C THR L 90 -47.02 -8.64 9.66
N LEU L 91 -46.69 -7.69 8.78
CA LEU L 91 -47.40 -7.51 7.51
C LEU L 91 -46.43 -7.73 6.36
N PRO L 92 -46.63 -8.74 5.52
CA PRO L 92 -45.78 -8.90 4.33
C PRO L 92 -45.89 -7.69 3.42
N PRO L 93 -44.90 -7.48 2.55
CA PRO L 93 -44.94 -6.30 1.67
C PRO L 93 -46.15 -6.30 0.76
N GLY L 94 -46.72 -5.11 0.59
CA GLY L 94 -47.85 -4.93 -0.31
C GLY L 94 -49.15 -5.53 0.15
N THR L 95 -49.28 -5.88 1.43
CA THR L 95 -50.49 -6.48 1.98
C THR L 95 -51.19 -5.52 2.94
N GLY L 96 -52.46 -5.78 3.16
CA GLY L 96 -53.26 -4.96 4.05
C GLY L 96 -54.11 -5.82 4.96
N ARG L 97 -54.43 -5.27 6.13
CA ARG L 97 -55.21 -5.98 7.13
C ARG L 97 -56.19 -5.04 7.81
N ARG L 98 -57.39 -5.55 8.09
CA ARG L 98 -58.40 -4.85 8.87
C ARG L 98 -58.21 -5.24 10.34
N ILE L 99 -57.91 -4.25 11.18
CA ILE L 99 -57.62 -4.50 12.59
C ILE L 99 -58.59 -3.72 13.45
N HIS L 100 -58.85 -4.23 14.65
CA HIS L 100 -59.74 -3.60 15.61
C HIS L 100 -58.89 -2.88 16.65
N SER L 101 -58.95 -1.55 16.65
CA SER L 101 -58.23 -0.74 17.63
C SER L 101 -59.20 0.12 18.41
N TYR L 102 -58.71 1.19 19.02
CA TYR L 102 -59.53 2.06 19.85
C TYR L 102 -59.10 3.51 19.65
N ARG L 103 -60.04 4.41 19.94
CA ARG L 103 -59.75 5.84 19.83
C ARG L 103 -58.72 6.25 20.87
N GLY L 104 -57.77 7.09 20.44
CA GLY L 104 -56.72 7.56 21.32
C GLY L 104 -55.59 6.60 21.57
N HIS L 105 -55.52 5.50 20.83
CA HIS L 105 -54.40 4.58 20.93
C HIS L 105 -53.27 5.02 20.02
N LEU L 106 -52.06 4.57 20.34
CA LEU L 106 -50.85 5.03 19.66
C LEU L 106 -50.17 3.85 18.97
N TRP L 107 -49.80 4.05 17.70
CA TRP L 107 -49.13 3.04 16.90
C TRP L 107 -47.93 3.63 16.20
N LEU L 108 -46.87 2.85 16.10
CA LEU L 108 -45.75 3.12 15.20
C LEU L 108 -45.41 1.85 14.45
N PHE L 109 -44.66 2.00 13.36
CA PHE L 109 -44.39 0.88 12.47
C PHE L 109 -42.92 0.86 12.09
N ARG L 110 -42.34 -0.34 12.09
CA ARG L 110 -40.92 -0.53 11.87
C ARG L 110 -40.69 -1.71 10.94
N ASP L 111 -39.48 -1.78 10.40
CA ASP L 111 -39.05 -2.98 9.70
C ASP L 111 -38.97 -4.14 10.69
N ALA L 112 -39.60 -5.26 10.35
CA ALA L 112 -39.68 -6.38 11.28
C ALA L 112 -38.34 -7.07 11.48
N GLY L 113 -37.39 -6.88 10.57
CA GLY L 113 -36.11 -7.56 10.69
C GLY L 113 -35.01 -6.68 11.25
N THR L 114 -35.01 -5.39 10.88
CA THR L 114 -33.95 -4.47 11.26
C THR L 114 -34.41 -3.31 12.11
N HIS L 115 -35.70 -3.19 12.38
CA HIS L 115 -36.28 -2.10 13.17
C HIS L 115 -36.02 -0.73 12.56
N ASP L 116 -35.82 -0.66 11.25
CA ASP L 116 -35.76 0.63 10.58
C ASP L 116 -37.08 1.37 10.75
N GLY L 117 -36.98 2.68 10.96
CA GLY L 117 -38.19 3.47 11.12
C GLY L 117 -38.94 3.61 9.81
N LEU L 118 -40.27 3.53 9.90
CA LEU L 118 -41.14 3.67 8.75
C LEU L 118 -42.20 4.72 9.05
N LEU L 119 -42.79 5.25 7.98
CA LEU L 119 -43.83 6.27 8.08
C LEU L 119 -45.20 5.63 8.01
N VAL L 120 -46.16 6.25 8.69
CA VAL L 120 -47.56 5.87 8.62
C VAL L 120 -48.37 7.13 8.36
N ASN L 121 -49.05 7.19 7.21
CA ASN L 121 -49.76 8.39 6.77
C ASN L 121 -48.82 9.60 6.77
N GLN L 122 -47.57 9.36 6.35
CA GLN L 122 -46.53 10.37 6.21
C GLN L 122 -46.11 11.00 7.54
N THR L 123 -46.31 10.29 8.66
CA THR L 123 -45.84 10.76 9.95
C THR L 123 -45.33 9.56 10.74
N GLU L 124 -44.89 9.82 11.98
CA GLU L 124 -44.26 8.80 12.80
C GLU L 124 -45.26 7.99 13.63
N LEU L 125 -46.32 8.64 14.12
CA LEU L 125 -47.30 8.00 14.98
C LEU L 125 -48.67 8.02 14.32
N PHE L 126 -49.44 6.95 14.55
CA PHE L 126 -50.80 6.83 14.05
C PHE L 126 -51.75 6.70 15.23
N VAL L 127 -52.82 7.49 15.22
CA VAL L 127 -53.83 7.46 16.27
C VAL L 127 -55.19 7.21 15.64
N PRO L 128 -55.83 6.06 15.91
CA PRO L 128 -57.16 5.80 15.35
C PRO L 128 -58.16 6.84 15.85
N SER L 129 -58.95 7.38 14.92
CA SER L 129 -59.93 8.40 15.21
C SER L 129 -61.34 7.79 15.18
N LEU L 130 -62.35 8.65 15.05
CA LEU L 130 -63.74 8.21 15.03
C LEU L 130 -64.13 7.82 13.61
N ASN L 131 -64.63 6.60 13.45
CA ASN L 131 -65.09 6.15 12.14
C ASN L 131 -66.35 6.90 11.73
N VAL L 132 -66.40 7.31 10.47
CA VAL L 132 -67.50 8.11 9.94
C VAL L 132 -68.14 7.36 8.79
N ASP L 133 -69.45 7.12 8.87
CA ASP L 133 -70.23 6.48 7.81
C ASP L 133 -69.71 5.09 7.48
N GLY L 134 -69.38 4.32 8.52
CA GLY L 134 -68.90 2.97 8.32
C GLY L 134 -67.58 2.87 7.58
N GLN L 135 -66.81 3.95 7.54
CA GLN L 135 -65.54 3.95 6.84
C GLN L 135 -64.41 3.65 7.81
N PRO L 136 -63.62 2.59 7.59
CA PRO L 136 -62.47 2.35 8.44
C PRO L 136 -61.35 3.35 8.16
N ILE L 137 -60.57 3.64 9.19
CA ILE L 137 -59.44 4.56 9.05
C ILE L 137 -58.30 3.83 8.37
N PHE L 138 -57.67 4.48 7.40
CA PHE L 138 -56.57 3.87 6.65
C PHE L 138 -55.24 4.28 7.27
N ALA L 139 -54.37 3.30 7.50
CA ALA L 139 -53.03 3.51 8.02
C ALA L 139 -52.05 3.13 6.91
N ASN L 140 -51.67 4.12 6.10
CA ASN L 140 -50.78 3.91 4.98
C ASN L 140 -49.34 3.86 5.50
N ILE L 141 -48.78 2.66 5.60
CA ILE L 141 -47.39 2.48 5.99
C ILE L 141 -46.53 2.53 4.72
N THR L 142 -45.63 3.51 4.65
CA THR L 142 -44.79 3.71 3.49
C THR L 142 -43.32 3.79 3.90
N LEU L 143 -42.45 3.43 2.96
CA LEU L 143 -41.02 3.65 3.14
C LEU L 143 -40.72 5.14 3.13
N PRO L 144 -39.87 5.63 4.03
CA PRO L 144 -39.48 7.04 4.00
C PRO L 144 -38.28 7.28 3.10
N VAL L 145 -38.07 8.56 2.77
CA VAL L 145 -36.88 8.96 2.04
C VAL L 145 -35.73 9.06 3.02
N TYR L 146 -35.00 7.95 3.19
CA TYR L 146 -33.87 7.95 4.10
C TYR L 146 -32.76 8.86 3.58
N THR L 147 -31.92 9.32 4.51
CA THR L 147 -30.68 9.96 4.12
C THR L 147 -29.77 8.93 3.45
N LEU L 148 -28.90 9.42 2.56
CA LEU L 148 -27.97 8.51 1.89
C LEU L 148 -27.07 7.82 2.91
N LYS L 149 -26.68 8.53 3.97
CA LYS L 149 -25.87 7.92 5.02
C LYS L 149 -26.63 6.79 5.71
N GLU L 150 -27.88 7.04 6.10
CA GLU L 150 -28.66 6.01 6.79
C GLU L 150 -28.88 4.79 5.90
N ARG L 151 -29.17 5.02 4.62
CA ARG L 151 -29.40 3.89 3.71
C ARG L 151 -28.14 3.05 3.53
N CYS L 152 -26.98 3.70 3.47
CA CYS L 152 -25.72 2.96 3.42
C CYS L 152 -25.49 2.18 4.71
N LEU L 153 -25.84 2.78 5.85
CA LEU L 153 -25.71 2.08 7.12
C LEU L 153 -26.61 0.86 7.16
N GLN L 154 -27.82 0.96 6.61
CA GLN L 154 -28.73 -0.19 6.56
C GLN L 154 -28.12 -1.33 5.74
N VAL L 155 -27.53 -1.01 4.59
CA VAL L 155 -27.00 -2.05 3.72
C VAL L 155 -25.77 -2.71 4.34
N VAL L 156 -24.88 -1.92 4.93
CA VAL L 156 -23.69 -2.48 5.56
C VAL L 156 -24.08 -3.37 6.73
N ARG L 157 -25.06 -2.94 7.54
CA ARG L 157 -25.54 -3.78 8.63
C ARG L 157 -26.11 -5.09 8.11
N SER L 158 -26.73 -5.06 6.93
CA SER L 158 -27.33 -6.26 6.36
C SER L 158 -26.32 -7.23 5.79
N LEU L 159 -25.07 -6.82 5.61
CA LEU L 159 -24.06 -7.64 4.95
C LEU L 159 -23.02 -8.21 5.90
N VAL L 160 -22.59 -7.46 6.91
CA VAL L 160 -21.55 -7.91 7.82
C VAL L 160 -22.18 -8.21 9.18
N LYS L 161 -21.58 -9.17 9.88
CA LYS L 161 -22.06 -9.53 11.20
C LYS L 161 -21.68 -8.45 12.22
N PRO L 162 -22.48 -8.26 13.26
CA PRO L 162 -22.16 -7.23 14.26
C PRO L 162 -20.82 -7.42 14.94
N GLU L 163 -20.29 -8.65 14.99
CA GLU L 163 -18.96 -8.86 15.52
C GLU L 163 -17.89 -8.35 14.56
N ASN L 164 -18.16 -8.40 13.26
CA ASN L 164 -17.20 -8.02 12.24
C ASN L 164 -17.26 -6.53 11.88
N TYR L 165 -17.91 -5.72 12.72
CA TYR L 165 -17.95 -4.28 12.45
C TYR L 165 -16.56 -3.67 12.53
N ARG L 166 -15.74 -4.13 13.48
CA ARG L 166 -14.40 -3.58 13.65
C ARG L 166 -13.43 -4.04 12.58
N ARG L 167 -13.79 -5.01 11.75
CA ARG L 167 -12.93 -5.52 10.70
C ARG L 167 -13.10 -4.77 9.38
N LEU L 168 -13.88 -3.68 9.38
CA LEU L 168 -14.12 -2.90 8.18
C LEU L 168 -13.13 -1.74 8.11
N ASP L 169 -12.54 -1.54 6.93
CA ASP L 169 -11.57 -0.47 6.68
C ASP L 169 -12.33 0.83 6.41
N ILE L 170 -12.69 1.50 7.50
CA ILE L 170 -13.46 2.74 7.47
C ILE L 170 -13.04 3.61 8.65
N VAL L 171 -13.65 4.80 8.72
CA VAL L 171 -13.37 5.74 9.80
C VAL L 171 -14.01 5.24 11.09
N ARG L 172 -13.33 5.48 12.22
CA ARG L 172 -13.81 4.99 13.51
C ARG L 172 -15.18 5.57 13.86
N SER L 173 -15.49 6.78 13.38
CA SER L 173 -16.80 7.36 13.64
C SER L 173 -17.91 6.54 12.99
N LEU L 174 -17.61 5.91 11.85
CA LEU L 174 -18.59 5.05 11.20
C LEU L 174 -18.84 3.76 11.98
N TYR L 175 -17.92 3.38 12.87
CA TYR L 175 -18.15 2.20 13.71
C TYR L 175 -19.30 2.45 14.68
N GLU L 176 -19.29 3.61 15.36
CA GLU L 176 -20.37 3.93 16.28
C GLU L 176 -21.69 4.11 15.55
N ASP L 177 -21.66 4.62 14.32
CA ASP L 177 -22.89 4.76 13.55
C ASP L 177 -23.44 3.39 13.14
N LEU L 178 -22.55 2.44 12.85
CA LEU L 178 -22.99 1.10 12.50
C LEU L 178 -23.56 0.37 13.71
N GLU L 179 -22.93 0.52 14.87
CA GLU L 179 -23.41 -0.17 16.06
C GLU L 179 -24.70 0.43 16.60
N ASP L 180 -24.91 1.73 16.39
CA ASP L 180 -26.13 2.39 16.85
C ASP L 180 -27.33 1.91 16.04
N HIS L 181 -27.77 0.69 16.27
CA HIS L 181 -28.89 0.13 15.53
C HIS L 181 -30.16 0.92 15.83
N PRO L 182 -31.09 0.96 14.87
CA PRO L 182 -32.37 1.63 15.13
C PRO L 182 -33.12 0.95 16.27
N ASN L 183 -33.50 1.75 17.26
CA ASN L 183 -34.07 1.23 18.51
C ASN L 183 -35.39 1.93 18.78
N VAL L 184 -36.46 1.15 18.97
CA VAL L 184 -37.77 1.72 19.21
C VAL L 184 -37.79 2.51 20.52
N GLN L 185 -37.18 1.95 21.57
CA GLN L 185 -37.15 2.64 22.85
C GLN L 185 -36.40 3.97 22.75
N LYS L 186 -35.29 3.98 22.03
CA LYS L 186 -34.55 5.23 21.84
C LYS L 186 -35.36 6.25 21.05
N ASP L 187 -36.09 5.78 20.04
CA ASP L 187 -36.94 6.69 19.27
C ASP L 187 -38.08 7.23 20.12
N LEU L 188 -38.61 6.41 21.04
CA LEU L 188 -39.66 6.86 21.93
C LEU L 188 -39.16 7.94 22.89
N GLU L 189 -37.90 7.85 23.32
CA GLU L 189 -37.32 8.92 24.12
C GLU L 189 -37.21 10.21 23.32
N ARG L 190 -36.83 10.11 22.03
CA ARG L 190 -36.71 11.29 21.20
C ARG L 190 -38.06 11.95 20.96
N LEU L 191 -39.08 11.16 20.66
CA LEU L 191 -40.41 11.71 20.41
C LEU L 191 -40.99 12.38 21.65
N THR L 192 -40.56 11.94 22.84
CA THR L 192 -41.08 12.51 24.08
C THR L 192 -40.52 13.91 24.31
N GLN L 193 -41.18 14.91 23.74
CA GLN L 193 -40.82 16.31 23.99
C GLN L 193 -42.01 17.17 23.57
N GLU L 194 -42.72 17.72 24.54
CA GLU L 194 -43.88 18.59 24.30
C GLU L 194 -44.91 17.94 23.37
#